data_2J49
# 
_entry.id   2J49 
# 
_audit_conform.dict_name       mmcif_pdbx.dic 
_audit_conform.dict_version    5.391 
_audit_conform.dict_location   http://mmcif.pdb.org/dictionaries/ascii/mmcif_pdbx.dic 
# 
loop_
_database_2.database_id 
_database_2.database_code 
_database_2.pdbx_database_accession 
_database_2.pdbx_DOI 
PDB   2J49         pdb_00002j49 10.2210/pdb2j49/pdb 
PDBE  EBI-29847    ?            ?                   
WWPDB D_1290029847 ?            ?                   
# 
loop_
_pdbx_audit_revision_history.ordinal 
_pdbx_audit_revision_history.data_content_type 
_pdbx_audit_revision_history.major_revision 
_pdbx_audit_revision_history.minor_revision 
_pdbx_audit_revision_history.revision_date 
1 'Structure model' 1 0 2007-04-10 
2 'Structure model' 1 1 2011-07-13 
3 'Structure model' 1 2 2024-05-08 
# 
_pdbx_audit_revision_details.ordinal             1 
_pdbx_audit_revision_details.revision_ordinal    1 
_pdbx_audit_revision_details.data_content_type   'Structure model' 
_pdbx_audit_revision_details.provider            repository 
_pdbx_audit_revision_details.type                'Initial release' 
_pdbx_audit_revision_details.description         ? 
_pdbx_audit_revision_details.details             ? 
# 
loop_
_pdbx_audit_revision_group.ordinal 
_pdbx_audit_revision_group.revision_ordinal 
_pdbx_audit_revision_group.data_content_type 
_pdbx_audit_revision_group.group 
1 2 'Structure model' Advisory                    
2 2 'Structure model' 'Version format compliance' 
3 3 'Structure model' 'Data collection'           
4 3 'Structure model' 'Database references'       
5 3 'Structure model' Other                       
# 
loop_
_pdbx_audit_revision_category.ordinal 
_pdbx_audit_revision_category.revision_ordinal 
_pdbx_audit_revision_category.data_content_type 
_pdbx_audit_revision_category.category 
1 3 'Structure model' chem_comp_atom       
2 3 'Structure model' chem_comp_bond       
3 3 'Structure model' database_2           
4 3 'Structure model' pdbx_database_status 
# 
loop_
_pdbx_audit_revision_item.ordinal 
_pdbx_audit_revision_item.revision_ordinal 
_pdbx_audit_revision_item.data_content_type 
_pdbx_audit_revision_item.item 
1 3 'Structure model' '_database_2.pdbx_DOI'                 
2 3 'Structure model' '_database_2.pdbx_database_accession'  
3 3 'Structure model' '_pdbx_database_status.status_code_sf' 
# 
_pdbx_database_status.status_code                     REL 
_pdbx_database_status.entry_id                        2J49 
_pdbx_database_status.deposit_site                    PDBE 
_pdbx_database_status.process_site                    PDBE 
_pdbx_database_status.SG_entry                        . 
_pdbx_database_status.recvd_initial_deposition_date   2006-08-28 
_pdbx_database_status.pdb_format_compatible           Y 
_pdbx_database_status.status_code_sf                  REL 
_pdbx_database_status.status_code_mr                  ? 
_pdbx_database_status.status_code_cs                  ? 
_pdbx_database_status.methods_development_category    ? 
_pdbx_database_status.status_code_nmr_data            ? 
# 
_pdbx_database_related.db_name        PDB 
_pdbx_database_related.db_id          2J4B 
_pdbx_database_related.content_type   unspecified 
_pdbx_database_related.details        'CRYSTAL STRUCTURE OF ENCEPHALITOZOON CUNICULI TAF5 N-TERMINAL DOMAIN' 
# 
loop_
_audit_author.name 
_audit_author.pdbx_ordinal 
'Romier, C.'    1 
'James, N.'     2 
'Birck, C.'     3 
'Cavarelli, J.' 4 
'Vivares, C.'   5 
'Collart, M.A.' 6 
'Moras, D.'     7 
# 
_citation.id                        primary 
_citation.title                     
;Crystal Structure, Biochemical and Genetic Characterization of Yeast and E. Cuniculi Taf(II)5 N-Terminal Domain: Implications for TFIID Assembly.
;
_citation.journal_abbrev            J.Mol.Biol. 
_citation.journal_volume            368 
_citation.page_first                1292 
_citation.page_last                 ? 
_citation.year                      2007 
_citation.journal_id_ASTM           JMOBAK 
_citation.country                   UK 
_citation.journal_id_ISSN           0022-2836 
_citation.journal_id_CSD            0070 
_citation.book_publisher            ? 
_citation.pdbx_database_id_PubMed   17397863 
_citation.pdbx_database_id_DOI      10.1016/J.JMB.2007.02.039 
# 
loop_
_citation_author.citation_id 
_citation_author.name 
_citation_author.ordinal 
_citation_author.identifier_ORCID 
primary 'Romier, C.'    1 ? 
primary 'James, N.'     2 ? 
primary 'Birck, C.'     3 ? 
primary 'Cavarelli, J.' 4 ? 
primary 'Vivares, C.'   5 ? 
primary 'Collart, M.A.' 6 ? 
primary 'Moras, D.'     7 ? 
# 
loop_
_entity.id 
_entity.type 
_entity.src_method 
_entity.pdbx_description 
_entity.formula_weight 
_entity.pdbx_number_of_molecules 
_entity.pdbx_ec 
_entity.pdbx_mutation 
_entity.pdbx_fragment 
_entity.details 
1 polymer man 'TRANSCRIPTION INITIATION FACTOR TFIID SUBUNIT 5' 17282.674 1  ? ? 'N-TERMINAL DOMAIN, RESIDUES 147-290' ? 
2 water   nat water                                             18.015    37 ? ? ?                                     ? 
# 
_entity_name_com.entity_id   1 
_entity_name_com.name        'TBP-ASSOCIATED FACTOR 5, TBP-ASSOCIATED FACTOR 90 KDA, TAFII-90' 
# 
_entity_poly.entity_id                      1 
_entity_poly.type                           'polypeptide(L)' 
_entity_poly.nstd_linkage                   no 
_entity_poly.nstd_monomer                   no 
_entity_poly.pdbx_seq_one_letter_code       
;GSHMNAPENYIRAYSMLKNWVDSSLEIYKPELSYIMYPIFIYLFLNLVAKNPVYARRFFDRFSPDFKDFHGSEINRLFSV
NSIDHIKENEVASAFQSHKYRITMSKTTLNLLLYFLNENESIGGSLIISVINQHLDPNIVESVTAREK
;
_entity_poly.pdbx_seq_one_letter_code_can   
;GSHMNAPENYIRAYSMLKNWVDSSLEIYKPELSYIMYPIFIYLFLNLVAKNPVYARRFFDRFSPDFKDFHGSEINRLFSV
NSIDHIKENEVASAFQSHKYRITMSKTTLNLLLYFLNENESIGGSLIISVINQHLDPNIVESVTAREK
;
_entity_poly.pdbx_strand_id                 A 
_entity_poly.pdbx_target_identifier         ? 
# 
_pdbx_entity_nonpoly.entity_id   2 
_pdbx_entity_nonpoly.name        water 
_pdbx_entity_nonpoly.comp_id     HOH 
# 
loop_
_entity_poly_seq.entity_id 
_entity_poly_seq.num 
_entity_poly_seq.mon_id 
_entity_poly_seq.hetero 
1 1   GLY n 
1 2   SER n 
1 3   HIS n 
1 4   MET n 
1 5   ASN n 
1 6   ALA n 
1 7   PRO n 
1 8   GLU n 
1 9   ASN n 
1 10  TYR n 
1 11  ILE n 
1 12  ARG n 
1 13  ALA n 
1 14  TYR n 
1 15  SER n 
1 16  MET n 
1 17  LEU n 
1 18  LYS n 
1 19  ASN n 
1 20  TRP n 
1 21  VAL n 
1 22  ASP n 
1 23  SER n 
1 24  SER n 
1 25  LEU n 
1 26  GLU n 
1 27  ILE n 
1 28  TYR n 
1 29  LYS n 
1 30  PRO n 
1 31  GLU n 
1 32  LEU n 
1 33  SER n 
1 34  TYR n 
1 35  ILE n 
1 36  MET n 
1 37  TYR n 
1 38  PRO n 
1 39  ILE n 
1 40  PHE n 
1 41  ILE n 
1 42  TYR n 
1 43  LEU n 
1 44  PHE n 
1 45  LEU n 
1 46  ASN n 
1 47  LEU n 
1 48  VAL n 
1 49  ALA n 
1 50  LYS n 
1 51  ASN n 
1 52  PRO n 
1 53  VAL n 
1 54  TYR n 
1 55  ALA n 
1 56  ARG n 
1 57  ARG n 
1 58  PHE n 
1 59  PHE n 
1 60  ASP n 
1 61  ARG n 
1 62  PHE n 
1 63  SER n 
1 64  PRO n 
1 65  ASP n 
1 66  PHE n 
1 67  LYS n 
1 68  ASP n 
1 69  PHE n 
1 70  HIS n 
1 71  GLY n 
1 72  SER n 
1 73  GLU n 
1 74  ILE n 
1 75  ASN n 
1 76  ARG n 
1 77  LEU n 
1 78  PHE n 
1 79  SER n 
1 80  VAL n 
1 81  ASN n 
1 82  SER n 
1 83  ILE n 
1 84  ASP n 
1 85  HIS n 
1 86  ILE n 
1 87  LYS n 
1 88  GLU n 
1 89  ASN n 
1 90  GLU n 
1 91  VAL n 
1 92  ALA n 
1 93  SER n 
1 94  ALA n 
1 95  PHE n 
1 96  GLN n 
1 97  SER n 
1 98  HIS n 
1 99  LYS n 
1 100 TYR n 
1 101 ARG n 
1 102 ILE n 
1 103 THR n 
1 104 MET n 
1 105 SER n 
1 106 LYS n 
1 107 THR n 
1 108 THR n 
1 109 LEU n 
1 110 ASN n 
1 111 LEU n 
1 112 LEU n 
1 113 LEU n 
1 114 TYR n 
1 115 PHE n 
1 116 LEU n 
1 117 ASN n 
1 118 GLU n 
1 119 ASN n 
1 120 GLU n 
1 121 SER n 
1 122 ILE n 
1 123 GLY n 
1 124 GLY n 
1 125 SER n 
1 126 LEU n 
1 127 ILE n 
1 128 ILE n 
1 129 SER n 
1 130 VAL n 
1 131 ILE n 
1 132 ASN n 
1 133 GLN n 
1 134 HIS n 
1 135 LEU n 
1 136 ASP n 
1 137 PRO n 
1 138 ASN n 
1 139 ILE n 
1 140 VAL n 
1 141 GLU n 
1 142 SER n 
1 143 VAL n 
1 144 THR n 
1 145 ALA n 
1 146 ARG n 
1 147 GLU n 
1 148 LYS n 
# 
_entity_src_gen.entity_id                          1 
_entity_src_gen.pdbx_src_id                        1 
_entity_src_gen.pdbx_alt_source_flag               sample 
_entity_src_gen.pdbx_seq_type                      ? 
_entity_src_gen.pdbx_beg_seq_num                   ? 
_entity_src_gen.pdbx_end_seq_num                   ? 
_entity_src_gen.gene_src_common_name               
;BAKER'S YEAST
;
_entity_src_gen.gene_src_genus                     ? 
_entity_src_gen.pdbx_gene_src_gene                 ? 
_entity_src_gen.gene_src_species                   ? 
_entity_src_gen.gene_src_strain                    ? 
_entity_src_gen.gene_src_tissue                    ? 
_entity_src_gen.gene_src_tissue_fraction           ? 
_entity_src_gen.gene_src_details                   ? 
_entity_src_gen.pdbx_gene_src_fragment             ? 
_entity_src_gen.pdbx_gene_src_scientific_name      'SACCHAROMYCES CEREVISIAE' 
_entity_src_gen.pdbx_gene_src_ncbi_taxonomy_id     4932 
_entity_src_gen.pdbx_gene_src_variant              ? 
_entity_src_gen.pdbx_gene_src_cell_line            ? 
_entity_src_gen.pdbx_gene_src_atcc                 ? 
_entity_src_gen.pdbx_gene_src_organ                ? 
_entity_src_gen.pdbx_gene_src_organelle            ? 
_entity_src_gen.pdbx_gene_src_cell                 ? 
_entity_src_gen.pdbx_gene_src_cellular_location    ? 
_entity_src_gen.host_org_common_name               ? 
_entity_src_gen.pdbx_host_org_scientific_name      'ESCHERICHIA COLI' 
_entity_src_gen.pdbx_host_org_ncbi_taxonomy_id     469008 
_entity_src_gen.host_org_genus                     ? 
_entity_src_gen.pdbx_host_org_gene                 ? 
_entity_src_gen.pdbx_host_org_organ                ? 
_entity_src_gen.host_org_species                   ? 
_entity_src_gen.pdbx_host_org_tissue               ? 
_entity_src_gen.pdbx_host_org_tissue_fraction      ? 
_entity_src_gen.pdbx_host_org_strain               'BL21(DE3)' 
_entity_src_gen.pdbx_host_org_variant              ? 
_entity_src_gen.pdbx_host_org_cell_line            ? 
_entity_src_gen.pdbx_host_org_atcc                 ? 
_entity_src_gen.pdbx_host_org_culture_collection   ? 
_entity_src_gen.pdbx_host_org_cell                 ? 
_entity_src_gen.pdbx_host_org_organelle            ? 
_entity_src_gen.pdbx_host_org_cellular_location    ? 
_entity_src_gen.pdbx_host_org_vector_type          ? 
_entity_src_gen.pdbx_host_org_vector               ? 
_entity_src_gen.host_org_details                   ? 
_entity_src_gen.expression_system_id               ? 
_entity_src_gen.plasmid_name                       ? 
_entity_src_gen.plasmid_details                    ? 
_entity_src_gen.pdbx_description                   ? 
# 
loop_
_chem_comp.id 
_chem_comp.type 
_chem_comp.mon_nstd_flag 
_chem_comp.name 
_chem_comp.pdbx_synonyms 
_chem_comp.formula 
_chem_comp.formula_weight 
ALA 'L-peptide linking' y ALANINE         ? 'C3 H7 N O2'     89.093  
ARG 'L-peptide linking' y ARGININE        ? 'C6 H15 N4 O2 1' 175.209 
ASN 'L-peptide linking' y ASPARAGINE      ? 'C4 H8 N2 O3'    132.118 
ASP 'L-peptide linking' y 'ASPARTIC ACID' ? 'C4 H7 N O4'     133.103 
GLN 'L-peptide linking' y GLUTAMINE       ? 'C5 H10 N2 O3'   146.144 
GLU 'L-peptide linking' y 'GLUTAMIC ACID' ? 'C5 H9 N O4'     147.129 
GLY 'peptide linking'   y GLYCINE         ? 'C2 H5 N O2'     75.067  
HIS 'L-peptide linking' y HISTIDINE       ? 'C6 H10 N3 O2 1' 156.162 
HOH non-polymer         . WATER           ? 'H2 O'           18.015  
ILE 'L-peptide linking' y ISOLEUCINE      ? 'C6 H13 N O2'    131.173 
LEU 'L-peptide linking' y LEUCINE         ? 'C6 H13 N O2'    131.173 
LYS 'L-peptide linking' y LYSINE          ? 'C6 H15 N2 O2 1' 147.195 
MET 'L-peptide linking' y METHIONINE      ? 'C5 H11 N O2 S'  149.211 
PHE 'L-peptide linking' y PHENYLALANINE   ? 'C9 H11 N O2'    165.189 
PRO 'L-peptide linking' y PROLINE         ? 'C5 H9 N O2'     115.130 
SER 'L-peptide linking' y SERINE          ? 'C3 H7 N O3'     105.093 
THR 'L-peptide linking' y THREONINE       ? 'C4 H9 N O3'     119.119 
TRP 'L-peptide linking' y TRYPTOPHAN      ? 'C11 H12 N2 O2'  204.225 
TYR 'L-peptide linking' y TYROSINE        ? 'C9 H11 N O3'    181.189 
VAL 'L-peptide linking' y VALINE          ? 'C5 H11 N O2'    117.146 
# 
loop_
_pdbx_poly_seq_scheme.asym_id 
_pdbx_poly_seq_scheme.entity_id 
_pdbx_poly_seq_scheme.seq_id 
_pdbx_poly_seq_scheme.mon_id 
_pdbx_poly_seq_scheme.ndb_seq_num 
_pdbx_poly_seq_scheme.pdb_seq_num 
_pdbx_poly_seq_scheme.auth_seq_num 
_pdbx_poly_seq_scheme.pdb_mon_id 
_pdbx_poly_seq_scheme.auth_mon_id 
_pdbx_poly_seq_scheme.pdb_strand_id 
_pdbx_poly_seq_scheme.pdb_ins_code 
_pdbx_poly_seq_scheme.hetero 
A 1 1   GLY 1   143 ?   ?   ?   A . n 
A 1 2   SER 2   144 ?   ?   ?   A . n 
A 1 3   HIS 3   145 ?   ?   ?   A . n 
A 1 4   MET 4   146 ?   ?   ?   A . n 
A 1 5   ASN 5   147 ?   ?   ?   A . n 
A 1 6   ALA 6   148 ?   ?   ?   A . n 
A 1 7   PRO 7   149 149 PRO PRO A . n 
A 1 8   GLU 8   150 150 GLU GLU A . n 
A 1 9   ASN 9   151 151 ASN ASN A . n 
A 1 10  TYR 10  152 152 TYR TYR A . n 
A 1 11  ILE 11  153 153 ILE ILE A . n 
A 1 12  ARG 12  154 154 ARG ARG A . n 
A 1 13  ALA 13  155 155 ALA ALA A . n 
A 1 14  TYR 14  156 156 TYR TYR A . n 
A 1 15  SER 15  157 157 SER SER A . n 
A 1 16  MET 16  158 158 MET MET A . n 
A 1 17  LEU 17  159 159 LEU LEU A . n 
A 1 18  LYS 18  160 160 LYS LYS A . n 
A 1 19  ASN 19  161 161 ASN ASN A . n 
A 1 20  TRP 20  162 162 TRP TRP A . n 
A 1 21  VAL 21  163 163 VAL VAL A . n 
A 1 22  ASP 22  164 164 ASP ASP A . n 
A 1 23  SER 23  165 165 SER SER A . n 
A 1 24  SER 24  166 166 SER SER A . n 
A 1 25  LEU 25  167 167 LEU LEU A . n 
A 1 26  GLU 26  168 168 GLU GLU A . n 
A 1 27  ILE 27  169 169 ILE ILE A . n 
A 1 28  TYR 28  170 170 TYR TYR A . n 
A 1 29  LYS 29  171 171 LYS LYS A . n 
A 1 30  PRO 30  172 172 PRO PRO A . n 
A 1 31  GLU 31  173 173 GLU GLU A . n 
A 1 32  LEU 32  174 174 LEU LEU A . n 
A 1 33  SER 33  175 175 SER SER A . n 
A 1 34  TYR 34  176 176 TYR TYR A . n 
A 1 35  ILE 35  177 177 ILE ILE A . n 
A 1 36  MET 36  178 178 MET MET A . n 
A 1 37  TYR 37  179 179 TYR TYR A . n 
A 1 38  PRO 38  180 180 PRO PRO A . n 
A 1 39  ILE 39  181 181 ILE ILE A . n 
A 1 40  PHE 40  182 182 PHE PHE A . n 
A 1 41  ILE 41  183 183 ILE ILE A . n 
A 1 42  TYR 42  184 184 TYR TYR A . n 
A 1 43  LEU 43  185 185 LEU LEU A . n 
A 1 44  PHE 44  186 186 PHE PHE A . n 
A 1 45  LEU 45  187 187 LEU LEU A . n 
A 1 46  ASN 46  188 188 ASN ASN A . n 
A 1 47  LEU 47  189 189 LEU LEU A . n 
A 1 48  VAL 48  190 190 VAL VAL A . n 
A 1 49  ALA 49  191 191 ALA ALA A . n 
A 1 50  LYS 50  192 192 LYS LYS A . n 
A 1 51  ASN 51  193 193 ASN ASN A . n 
A 1 52  PRO 52  194 194 PRO PRO A . n 
A 1 53  VAL 53  195 195 VAL VAL A . n 
A 1 54  TYR 54  196 196 TYR TYR A . n 
A 1 55  ALA 55  197 197 ALA ALA A . n 
A 1 56  ARG 56  198 198 ARG ARG A . n 
A 1 57  ARG 57  199 199 ARG ARG A . n 
A 1 58  PHE 58  200 200 PHE PHE A . n 
A 1 59  PHE 59  201 201 PHE PHE A . n 
A 1 60  ASP 60  202 202 ASP ASP A . n 
A 1 61  ARG 61  203 203 ARG ARG A . n 
A 1 62  PHE 62  204 204 PHE PHE A . n 
A 1 63  SER 63  205 205 SER SER A . n 
A 1 64  PRO 64  206 206 PRO PRO A . n 
A 1 65  ASP 65  207 207 ASP ASP A . n 
A 1 66  PHE 66  208 208 PHE PHE A . n 
A 1 67  LYS 67  209 209 LYS LYS A . n 
A 1 68  ASP 68  210 210 ASP ASP A . n 
A 1 69  PHE 69  211 211 PHE PHE A . n 
A 1 70  HIS 70  212 212 HIS HIS A . n 
A 1 71  GLY 71  213 213 GLY GLY A . n 
A 1 72  SER 72  214 214 SER SER A . n 
A 1 73  GLU 73  215 215 GLU GLU A . n 
A 1 74  ILE 74  216 216 ILE ILE A . n 
A 1 75  ASN 75  217 217 ASN ASN A . n 
A 1 76  ARG 76  218 218 ARG ARG A . n 
A 1 77  LEU 77  219 219 LEU LEU A . n 
A 1 78  PHE 78  220 220 PHE PHE A . n 
A 1 79  SER 79  221 221 SER SER A . n 
A 1 80  VAL 80  222 222 VAL VAL A . n 
A 1 81  ASN 81  223 223 ASN ASN A . n 
A 1 82  SER 82  224 224 SER SER A . n 
A 1 83  ILE 83  225 225 ILE ILE A . n 
A 1 84  ASP 84  226 226 ASP ASP A . n 
A 1 85  HIS 85  227 227 HIS HIS A . n 
A 1 86  ILE 86  228 228 ILE ILE A . n 
A 1 87  LYS 87  229 229 LYS LYS A . n 
A 1 88  GLU 88  230 230 GLU GLU A . n 
A 1 89  ASN 89  231 231 ASN ASN A . n 
A 1 90  GLU 90  232 232 GLU GLU A . n 
A 1 91  VAL 91  233 233 VAL VAL A . n 
A 1 92  ALA 92  234 234 ALA ALA A . n 
A 1 93  SER 93  235 235 SER SER A . n 
A 1 94  ALA 94  236 236 ALA ALA A . n 
A 1 95  PHE 95  237 237 PHE PHE A . n 
A 1 96  GLN 96  238 238 GLN GLN A . n 
A 1 97  SER 97  239 239 SER SER A . n 
A 1 98  HIS 98  240 240 HIS HIS A . n 
A 1 99  LYS 99  241 241 LYS LYS A . n 
A 1 100 TYR 100 242 242 TYR TYR A . n 
A 1 101 ARG 101 243 243 ARG ARG A . n 
A 1 102 ILE 102 244 244 ILE ILE A . n 
A 1 103 THR 103 245 245 THR THR A . n 
A 1 104 MET 104 246 246 MET MET A . n 
A 1 105 SER 105 247 247 SER SER A . n 
A 1 106 LYS 106 248 248 LYS LYS A . n 
A 1 107 THR 107 249 249 THR THR A . n 
A 1 108 THR 108 250 250 THR THR A . n 
A 1 109 LEU 109 251 251 LEU LEU A . n 
A 1 110 ASN 110 252 252 ASN ASN A . n 
A 1 111 LEU 111 253 253 LEU LEU A . n 
A 1 112 LEU 112 254 254 LEU LEU A . n 
A 1 113 LEU 113 255 255 LEU LEU A . n 
A 1 114 TYR 114 256 256 TYR TYR A . n 
A 1 115 PHE 115 257 257 PHE PHE A . n 
A 1 116 LEU 116 258 258 LEU LEU A . n 
A 1 117 ASN 117 259 259 ASN ASN A . n 
A 1 118 GLU 118 260 260 GLU GLU A . n 
A 1 119 ASN 119 261 261 ASN ASN A . n 
A 1 120 GLU 120 262 262 GLU GLU A . n 
A 1 121 SER 121 263 263 SER SER A . n 
A 1 122 ILE 122 264 264 ILE ILE A . n 
A 1 123 GLY 123 265 265 GLY GLY A . n 
A 1 124 GLY 124 266 266 GLY GLY A . n 
A 1 125 SER 125 267 267 SER SER A . n 
A 1 126 LEU 126 268 268 LEU LEU A . n 
A 1 127 ILE 127 269 269 ILE ILE A . n 
A 1 128 ILE 128 270 270 ILE ILE A . n 
A 1 129 SER 129 271 271 SER SER A . n 
A 1 130 VAL 130 272 272 VAL VAL A . n 
A 1 131 ILE 131 273 273 ILE ILE A . n 
A 1 132 ASN 132 274 274 ASN ASN A . n 
A 1 133 GLN 133 275 275 GLN GLN A . n 
A 1 134 HIS 134 276 276 HIS HIS A . n 
A 1 135 LEU 135 277 277 LEU LEU A . n 
A 1 136 ASP 136 278 278 ASP ASP A . n 
A 1 137 PRO 137 279 279 PRO PRO A . n 
A 1 138 ASN 138 280 280 ASN ASN A . n 
A 1 139 ILE 139 281 281 ILE ILE A . n 
A 1 140 VAL 140 282 282 VAL VAL A . n 
A 1 141 GLU 141 283 ?   ?   ?   A . n 
A 1 142 SER 142 284 ?   ?   ?   A . n 
A 1 143 VAL 143 285 ?   ?   ?   A . n 
A 1 144 THR 144 286 ?   ?   ?   A . n 
A 1 145 ALA 145 287 ?   ?   ?   A . n 
A 1 146 ARG 146 288 ?   ?   ?   A . n 
A 1 147 GLU 147 289 ?   ?   ?   A . n 
A 1 148 LYS 148 290 ?   ?   ?   A . n 
# 
loop_
_pdbx_nonpoly_scheme.asym_id 
_pdbx_nonpoly_scheme.entity_id 
_pdbx_nonpoly_scheme.mon_id 
_pdbx_nonpoly_scheme.ndb_seq_num 
_pdbx_nonpoly_scheme.pdb_seq_num 
_pdbx_nonpoly_scheme.auth_seq_num 
_pdbx_nonpoly_scheme.pdb_mon_id 
_pdbx_nonpoly_scheme.auth_mon_id 
_pdbx_nonpoly_scheme.pdb_strand_id 
_pdbx_nonpoly_scheme.pdb_ins_code 
B 2 HOH 1  2001 2001 HOH HOH A . 
B 2 HOH 2  2002 2002 HOH HOH A . 
B 2 HOH 3  2003 2003 HOH HOH A . 
B 2 HOH 4  2004 2004 HOH HOH A . 
B 2 HOH 5  2005 2005 HOH HOH A . 
B 2 HOH 6  2006 2006 HOH HOH A . 
B 2 HOH 7  2007 2007 HOH HOH A . 
B 2 HOH 8  2008 2008 HOH HOH A . 
B 2 HOH 9  2009 2009 HOH HOH A . 
B 2 HOH 10 2010 2010 HOH HOH A . 
B 2 HOH 11 2011 2011 HOH HOH A . 
B 2 HOH 12 2012 2012 HOH HOH A . 
B 2 HOH 13 2013 2013 HOH HOH A . 
B 2 HOH 14 2014 2014 HOH HOH A . 
B 2 HOH 15 2015 2015 HOH HOH A . 
B 2 HOH 16 2016 2016 HOH HOH A . 
B 2 HOH 17 2017 2017 HOH HOH A . 
B 2 HOH 18 2018 2018 HOH HOH A . 
B 2 HOH 19 2019 2019 HOH HOH A . 
B 2 HOH 20 2020 2020 HOH HOH A . 
B 2 HOH 21 2021 2021 HOH HOH A . 
B 2 HOH 22 2022 2022 HOH HOH A . 
B 2 HOH 23 2023 2023 HOH HOH A . 
B 2 HOH 24 2024 2024 HOH HOH A . 
B 2 HOH 25 2025 2025 HOH HOH A . 
B 2 HOH 26 2026 2026 HOH HOH A . 
B 2 HOH 27 2027 2027 HOH HOH A . 
B 2 HOH 28 2028 2028 HOH HOH A . 
B 2 HOH 29 2029 2029 HOH HOH A . 
B 2 HOH 30 2030 2030 HOH HOH A . 
B 2 HOH 31 2031 2031 HOH HOH A . 
B 2 HOH 32 2032 2032 HOH HOH A . 
B 2 HOH 33 2033 2033 HOH HOH A . 
B 2 HOH 34 2034 2034 HOH HOH A . 
B 2 HOH 35 2035 2035 HOH HOH A . 
B 2 HOH 36 2036 2036 HOH HOH A . 
B 2 HOH 37 2037 2037 HOH HOH A . 
# 
loop_
_software.name 
_software.classification 
_software.version 
_software.citation_id 
_software.pdbx_ordinal 
HKL-2000 'data reduction' .        ? 1 
HKL-2000 'data scaling'   .        ? 2 
SHARP    phasing          .        ? 3 
SOLOMON  phasing          .        ? 4 
REFMAC   refinement       5.2.0019 ? 5 
# 
_cell.entry_id           2J49 
_cell.length_a           91.340 
_cell.length_b           91.340 
_cell.length_c           55.240 
_cell.angle_alpha        90.00 
_cell.angle_beta         90.00 
_cell.angle_gamma        120.00 
_cell.Z_PDB              9 
_cell.pdbx_unique_axis   ? 
# 
_symmetry.entry_id                         2J49 
_symmetry.space_group_name_H-M             'H 3' 
_symmetry.pdbx_full_space_group_name_H-M   ? 
_symmetry.cell_setting                     ? 
_symmetry.Int_Tables_number                146 
# 
_exptl.entry_id          2J49 
_exptl.method            'X-RAY DIFFRACTION' 
_exptl.crystals_number   1 
# 
_exptl_crystal.id                    1 
_exptl_crystal.density_meas          ? 
_exptl_crystal.density_Matthews      2.75 
_exptl_crystal.density_percent_sol   54.88 
_exptl_crystal.description           ? 
# 
_exptl_crystal_grow.crystal_id      1 
_exptl_crystal_grow.method          ? 
_exptl_crystal_grow.temp            ? 
_exptl_crystal_grow.temp_details    ? 
_exptl_crystal_grow.pH              6.50 
_exptl_crystal_grow.pdbx_pH_range   ? 
_exptl_crystal_grow.pdbx_details    '0.05 M CACODYLATE PH 6.5,2.4 M NA FORMATE' 
# 
_diffrn.id                     1 
_diffrn.ambient_temp           100.0 
_diffrn.ambient_temp_details   ? 
_diffrn.crystal_id             1 
# 
_diffrn_detector.diffrn_id              1 
_diffrn_detector.detector               CCD 
_diffrn_detector.type                   MARRESEARCH 
_diffrn_detector.pdbx_collection_date   2004-03-07 
_diffrn_detector.details                ? 
# 
_diffrn_radiation.diffrn_id                        1 
_diffrn_radiation.wavelength_id                    1 
_diffrn_radiation.pdbx_monochromatic_or_laue_m_l   M 
_diffrn_radiation.monochromator                    ? 
_diffrn_radiation.pdbx_diffrn_protocol             'SINGLE WAVELENGTH' 
_diffrn_radiation.pdbx_scattering_type             x-ray 
# 
_diffrn_radiation_wavelength.id           1 
_diffrn_radiation_wavelength.wavelength   0.973178 
_diffrn_radiation_wavelength.wt           1.0 
# 
_diffrn_source.diffrn_id                   1 
_diffrn_source.source                      SYNCHROTRON 
_diffrn_source.type                        'ESRF BEAMLINE BM30A' 
_diffrn_source.pdbx_synchrotron_site       ESRF 
_diffrn_source.pdbx_synchrotron_beamline   BM30A 
_diffrn_source.pdbx_wavelength             0.973178 
_diffrn_source.pdbx_wavelength_list        ? 
# 
_reflns.pdbx_diffrn_id               1 
_reflns.pdbx_ordinal                 1 
_reflns.entry_id                     2J49 
_reflns.observed_criterion_sigma_I   2.000 
_reflns.observed_criterion_sigma_F   ? 
_reflns.d_resolution_low             50.000 
_reflns.d_resolution_high            2.300 
_reflns.number_obs                   7594 
_reflns.number_all                   ? 
_reflns.percent_possible_obs         99.0 
_reflns.pdbx_Rmerge_I_obs            0.04000 
_reflns.pdbx_Rsym_value              ? 
_reflns.pdbx_netI_over_sigmaI        42.0000 
_reflns.B_iso_Wilson_estimate        ? 
_reflns.pdbx_redundancy              5.500 
# 
_reflns_shell.pdbx_diffrn_id         1 
_reflns_shell.pdbx_ordinal           1 
_reflns_shell.d_res_high             2.30 
_reflns_shell.d_res_low              2.35 
_reflns_shell.percent_possible_all   99.0 
_reflns_shell.Rmerge_I_obs           0.20000 
_reflns_shell.pdbx_Rsym_value        ? 
_reflns_shell.meanI_over_sigI_obs    4.700 
_reflns_shell.pdbx_redundancy        3.20 
# 
_refine.pdbx_refine_id                           'X-RAY DIFFRACTION' 
_refine.entry_id                                 2J49 
_refine.pdbx_diffrn_id                           1 
_refine.pdbx_TLS_residual_ADP_flag               'LIKELY RESIDUAL' 
_refine.ls_number_reflns_obs                     6781 
_refine.ls_number_reflns_all                     ? 
_refine.pdbx_ls_sigma_I                          ? 
_refine.pdbx_ls_sigma_F                          ? 
_refine.pdbx_data_cutoff_high_absF               ? 
_refine.pdbx_data_cutoff_low_absF                ? 
_refine.pdbx_data_cutoff_high_rms_absF           ? 
_refine.ls_d_res_low                             45.64 
_refine.ls_d_res_high                            2.30 
_refine.ls_percent_reflns_obs                    99.4 
_refine.ls_R_factor_obs                          0.221 
_refine.ls_R_factor_all                          ? 
_refine.ls_R_factor_R_work                       0.215 
_refine.ls_R_factor_R_free                       0.270 
_refine.ls_R_factor_R_free_error                 ? 
_refine.ls_R_factor_R_free_error_details         ? 
_refine.ls_percent_reflns_R_free                 10.600 
_refine.ls_number_reflns_R_free                  807 
_refine.ls_number_parameters                     ? 
_refine.ls_number_restraints                     ? 
_refine.occupancy_min                            ? 
_refine.occupancy_max                            ? 
_refine.correlation_coeff_Fo_to_Fc               0.941 
_refine.correlation_coeff_Fo_to_Fc_free          0.906 
_refine.B_iso_mean                               57.97 
_refine.aniso_B[1][1]                            1.48000 
_refine.aniso_B[2][2]                            1.48000 
_refine.aniso_B[3][3]                            -2.22000 
_refine.aniso_B[1][2]                            0.74000 
_refine.aniso_B[1][3]                            0.00000 
_refine.aniso_B[2][3]                            0.00000 
_refine.solvent_model_details                    MASK 
_refine.solvent_model_param_ksol                 ? 
_refine.solvent_model_param_bsol                 ? 
_refine.pdbx_solvent_vdw_probe_radii             1.40 
_refine.pdbx_solvent_ion_probe_radii             0.80 
_refine.pdbx_solvent_shrinkage_radii             0.80 
_refine.pdbx_ls_cross_valid_method               THROUGHOUT 
_refine.details                                  'HYDROGENS HAVE BEEN ADDED IN THE RIDING POSITIONS.' 
_refine.pdbx_starting_model                      ? 
_refine.pdbx_method_to_determine_struct          MAD 
_refine.pdbx_isotropic_thermal_model             ? 
_refine.pdbx_stereochemistry_target_values       'MAXIMUM LIKELIHOOD' 
_refine.pdbx_stereochem_target_val_spec_case     ? 
_refine.pdbx_R_Free_selection_details            RANDOM 
_refine.pdbx_overall_ESU_R                       0.376 
_refine.pdbx_overall_ESU_R_Free                  0.266 
_refine.overall_SU_ML                            0.209 
_refine.pdbx_overall_phase_error                 ? 
_refine.overall_SU_B                             17.315 
_refine.overall_SU_R_Cruickshank_DPI             ? 
_refine.pdbx_overall_SU_R_free_Cruickshank_DPI   ? 
_refine.pdbx_overall_SU_R_Blow_DPI               ? 
_refine.pdbx_overall_SU_R_free_Blow_DPI          ? 
# 
_refine_hist.pdbx_refine_id                   'X-RAY DIFFRACTION' 
_refine_hist.cycle_id                         LAST 
_refine_hist.pdbx_number_atoms_protein        1116 
_refine_hist.pdbx_number_atoms_nucleic_acid   0 
_refine_hist.pdbx_number_atoms_ligand         0 
_refine_hist.number_atoms_solvent             37 
_refine_hist.number_atoms_total               1153 
_refine_hist.d_res_high                       2.30 
_refine_hist.d_res_low                        45.64 
# 
loop_
_refine_ls_restr.type 
_refine_ls_restr.dev_ideal 
_refine_ls_restr.dev_ideal_target 
_refine_ls_restr.weight 
_refine_ls_restr.number 
_refine_ls_restr.pdbx_refine_id 
_refine_ls_restr.pdbx_restraint_function 
r_bond_refined_d             0.010  0.022  ? 1146 'X-RAY DIFFRACTION' ? 
r_bond_other_d               ?      ?      ? ?    'X-RAY DIFFRACTION' ? 
r_angle_refined_deg          1.157  1.947  ? 1552 'X-RAY DIFFRACTION' ? 
r_angle_other_deg            ?      ?      ? ?    'X-RAY DIFFRACTION' ? 
r_dihedral_angle_1_deg       4.261  5.000  ? 133  'X-RAY DIFFRACTION' ? 
r_dihedral_angle_2_deg       32.305 23.793 ? 58   'X-RAY DIFFRACTION' ? 
r_dihedral_angle_3_deg       15.966 15.000 ? 197  'X-RAY DIFFRACTION' ? 
r_dihedral_angle_4_deg       20.441 15.000 ? 6    'X-RAY DIFFRACTION' ? 
r_chiral_restr               0.086  0.200  ? 169  'X-RAY DIFFRACTION' ? 
r_gen_planes_refined         0.004  0.020  ? 870  'X-RAY DIFFRACTION' ? 
r_gen_planes_other           ?      ?      ? ?    'X-RAY DIFFRACTION' ? 
r_nbd_refined                0.195  0.200  ? 529  'X-RAY DIFFRACTION' ? 
r_nbd_other                  ?      ?      ? ?    'X-RAY DIFFRACTION' ? 
r_nbtor_refined              0.308  0.200  ? 804  'X-RAY DIFFRACTION' ? 
r_nbtor_other                ?      ?      ? ?    'X-RAY DIFFRACTION' ? 
r_xyhbond_nbd_refined        0.149  0.200  ? 43   'X-RAY DIFFRACTION' ? 
r_xyhbond_nbd_other          ?      ?      ? ?    'X-RAY DIFFRACTION' ? 
r_metal_ion_refined          ?      ?      ? ?    'X-RAY DIFFRACTION' ? 
r_metal_ion_other            ?      ?      ? ?    'X-RAY DIFFRACTION' ? 
r_symmetry_vdw_refined       0.197  0.200  ? 27   'X-RAY DIFFRACTION' ? 
r_symmetry_vdw_other         ?      ?      ? ?    'X-RAY DIFFRACTION' ? 
r_symmetry_hbond_refined     0.113  0.200  ? 7    'X-RAY DIFFRACTION' ? 
r_symmetry_hbond_other       ?      ?      ? ?    'X-RAY DIFFRACTION' ? 
r_symmetry_metal_ion_refined ?      ?      ? ?    'X-RAY DIFFRACTION' ? 
r_symmetry_metal_ion_other   ?      ?      ? ?    'X-RAY DIFFRACTION' ? 
r_mcbond_it                  0.572  1.500  ? 695  'X-RAY DIFFRACTION' ? 
r_mcbond_other               ?      ?      ? ?    'X-RAY DIFFRACTION' ? 
r_mcangle_it                 0.926  2.000  ? 1096 'X-RAY DIFFRACTION' ? 
r_mcangle_other              ?      ?      ? ?    'X-RAY DIFFRACTION' ? 
r_scbond_it                  1.253  3.000  ? 519  'X-RAY DIFFRACTION' ? 
r_scbond_other               ?      ?      ? ?    'X-RAY DIFFRACTION' ? 
r_scangle_it                 1.860  4.500  ? 456  'X-RAY DIFFRACTION' ? 
r_scangle_other              ?      ?      ? ?    'X-RAY DIFFRACTION' ? 
r_long_range_B_refined       ?      ?      ? ?    'X-RAY DIFFRACTION' ? 
r_long_range_B_other         ?      ?      ? ?    'X-RAY DIFFRACTION' ? 
r_rigid_bond_restr           ?      ?      ? ?    'X-RAY DIFFRACTION' ? 
r_sphericity_free            ?      ?      ? ?    'X-RAY DIFFRACTION' ? 
r_sphericity_bonded          ?      ?      ? ?    'X-RAY DIFFRACTION' ? 
# 
_refine_ls_shell.pdbx_refine_id                   'X-RAY DIFFRACTION' 
_refine_ls_shell.pdbx_total_number_of_bins_used   20 
_refine_ls_shell.d_res_high                       2.30 
_refine_ls_shell.d_res_low                        2.36 
_refine_ls_shell.number_reflns_R_work             509 
_refine_ls_shell.R_factor_R_work                  0.2450 
_refine_ls_shell.percent_reflns_obs               ? 
_refine_ls_shell.R_factor_R_free                  0.3340 
_refine_ls_shell.R_factor_R_free_error            ? 
_refine_ls_shell.percent_reflns_R_free            ? 
_refine_ls_shell.number_reflns_R_free             55 
_refine_ls_shell.number_reflns_all                ? 
_refine_ls_shell.R_factor_all                     ? 
# 
_struct.entry_id                  2J49 
_struct.title                     'Crystal structure of yeast TAF5 N-terminal domain' 
_struct.pdbx_model_details        ? 
_struct.pdbx_CASP_flag            ? 
_struct.pdbx_model_type_details   ? 
# 
_struct_keywords.entry_id        2J49 
_struct_keywords.pdbx_keywords   TRANSCRIPTION 
_struct_keywords.text            'TRANSCRIPTION, NUCLEAR PROTEIN, TRANSCRIPTION REGULATION, TAF5, TFIID, WD REPEAT, INITIATION' 
# 
loop_
_struct_asym.id 
_struct_asym.pdbx_blank_PDB_chainid_flag 
_struct_asym.pdbx_modified 
_struct_asym.entity_id 
_struct_asym.details 
A N N 1 ? 
B N N 2 ? 
# 
loop_
_struct_ref.id 
_struct_ref.db_name 
_struct_ref.db_code 
_struct_ref.entity_id 
_struct_ref.pdbx_seq_one_letter_code 
_struct_ref.pdbx_align_begin 
_struct_ref.pdbx_db_accession 
_struct_ref.pdbx_db_isoform 
1 PDB 2J49       1 ? ? 2J49   ? 
2 UNP TAF5_YEAST 1 ? ? P38129 ? 
# 
loop_
_struct_ref_seq.align_id 
_struct_ref_seq.ref_id 
_struct_ref_seq.pdbx_PDB_id_code 
_struct_ref_seq.pdbx_strand_id 
_struct_ref_seq.seq_align_beg 
_struct_ref_seq.pdbx_seq_align_beg_ins_code 
_struct_ref_seq.seq_align_end 
_struct_ref_seq.pdbx_seq_align_end_ins_code 
_struct_ref_seq.pdbx_db_accession 
_struct_ref_seq.db_align_beg 
_struct_ref_seq.pdbx_db_align_beg_ins_code 
_struct_ref_seq.db_align_end 
_struct_ref_seq.pdbx_db_align_end_ins_code 
_struct_ref_seq.pdbx_auth_seq_align_beg 
_struct_ref_seq.pdbx_auth_seq_align_end 
1 1 2J49 A 1 ? 4   ? 2J49   143 ? 146 ? 143 146 
2 2 2J49 A 5 ? 148 ? P38129 147 ? 290 ? 147 290 
# 
_pdbx_struct_assembly.id                   1 
_pdbx_struct_assembly.details              author_and_software_defined_assembly 
_pdbx_struct_assembly.method_details       PQS 
_pdbx_struct_assembly.oligomeric_details   monomeric 
_pdbx_struct_assembly.oligomeric_count     1 
# 
_pdbx_struct_assembly_gen.assembly_id       1 
_pdbx_struct_assembly_gen.oper_expression   1 
_pdbx_struct_assembly_gen.asym_id_list      A,B 
# 
_pdbx_struct_oper_list.id                   1 
_pdbx_struct_oper_list.type                 'identity operation' 
_pdbx_struct_oper_list.name                 1_555 
_pdbx_struct_oper_list.symmetry_operation   x,y,z 
_pdbx_struct_oper_list.matrix[1][1]         1.0000000000 
_pdbx_struct_oper_list.matrix[1][2]         0.0000000000 
_pdbx_struct_oper_list.matrix[1][3]         0.0000000000 
_pdbx_struct_oper_list.vector[1]            0.0000000000 
_pdbx_struct_oper_list.matrix[2][1]         0.0000000000 
_pdbx_struct_oper_list.matrix[2][2]         1.0000000000 
_pdbx_struct_oper_list.matrix[2][3]         0.0000000000 
_pdbx_struct_oper_list.vector[2]            0.0000000000 
_pdbx_struct_oper_list.matrix[3][1]         0.0000000000 
_pdbx_struct_oper_list.matrix[3][2]         0.0000000000 
_pdbx_struct_oper_list.matrix[3][3]         1.0000000000 
_pdbx_struct_oper_list.vector[3]            0.0000000000 
# 
_struct_biol.id   1 
# 
loop_
_struct_conf.conf_type_id 
_struct_conf.id 
_struct_conf.pdbx_PDB_helix_id 
_struct_conf.beg_label_comp_id 
_struct_conf.beg_label_asym_id 
_struct_conf.beg_label_seq_id 
_struct_conf.pdbx_beg_PDB_ins_code 
_struct_conf.end_label_comp_id 
_struct_conf.end_label_asym_id 
_struct_conf.end_label_seq_id 
_struct_conf.pdbx_end_PDB_ins_code 
_struct_conf.beg_auth_comp_id 
_struct_conf.beg_auth_asym_id 
_struct_conf.beg_auth_seq_id 
_struct_conf.end_auth_comp_id 
_struct_conf.end_auth_asym_id 
_struct_conf.end_auth_seq_id 
_struct_conf.pdbx_PDB_helix_class 
_struct_conf.details 
_struct_conf.pdbx_PDB_helix_length 
HELX_P HELX_P1 1 ASN A 9   ? SER A 23  ? ASN A 151 SER A 165 1 ? 15 
HELX_P HELX_P2 2 TYR A 28  ? ASN A 51  ? TYR A 170 ASN A 193 1 ? 24 
HELX_P HELX_P3 3 ASN A 51  ? SER A 63  ? ASN A 193 SER A 205 1 ? 13 
HELX_P HELX_P4 4 PHE A 66  ? ARG A 76  ? PHE A 208 ARG A 218 1 ? 11 
HELX_P HELX_P5 5 SER A 82  ? ASN A 89  ? SER A 224 ASN A 231 1 ? 8  
HELX_P HELX_P6 6 ASN A 89  ? SER A 97  ? ASN A 231 SER A 239 1 ? 9  
HELX_P HELX_P7 7 SER A 105 ? ASN A 119 ? SER A 247 ASN A 261 1 ? 15 
HELX_P HELX_P8 8 GLU A 120 ? ILE A 122 ? GLU A 262 ILE A 264 5 ? 3  
HELX_P HELX_P9 9 GLY A 123 ? HIS A 134 ? GLY A 265 HIS A 276 1 ? 12 
# 
_struct_conf_type.id          HELX_P 
_struct_conf_type.criteria    ? 
_struct_conf_type.reference   ? 
# 
_struct_sheet.id               AA 
_struct_sheet.type             ? 
_struct_sheet.number_strands   2 
_struct_sheet.details          ? 
# 
_struct_sheet_order.sheet_id     AA 
_struct_sheet_order.range_id_1   1 
_struct_sheet_order.range_id_2   2 
_struct_sheet_order.offset       ? 
_struct_sheet_order.sense        parallel 
# 
loop_
_struct_sheet_range.sheet_id 
_struct_sheet_range.id 
_struct_sheet_range.beg_label_comp_id 
_struct_sheet_range.beg_label_asym_id 
_struct_sheet_range.beg_label_seq_id 
_struct_sheet_range.pdbx_beg_PDB_ins_code 
_struct_sheet_range.end_label_comp_id 
_struct_sheet_range.end_label_asym_id 
_struct_sheet_range.end_label_seq_id 
_struct_sheet_range.pdbx_end_PDB_ins_code 
_struct_sheet_range.beg_auth_comp_id 
_struct_sheet_range.beg_auth_asym_id 
_struct_sheet_range.beg_auth_seq_id 
_struct_sheet_range.end_auth_comp_id 
_struct_sheet_range.end_auth_asym_id 
_struct_sheet_range.end_auth_seq_id 
AA 1 TYR A 100 ? MET A 104 ? TYR A 242 MET A 246 
AA 2 LEU A 135 ? ILE A 139 ? LEU A 277 ILE A 281 
# 
_pdbx_struct_sheet_hbond.sheet_id                AA 
_pdbx_struct_sheet_hbond.range_id_1              1 
_pdbx_struct_sheet_hbond.range_id_2              2 
_pdbx_struct_sheet_hbond.range_1_label_atom_id   N 
_pdbx_struct_sheet_hbond.range_1_label_comp_id   ILE 
_pdbx_struct_sheet_hbond.range_1_label_asym_id   A 
_pdbx_struct_sheet_hbond.range_1_label_seq_id    102 
_pdbx_struct_sheet_hbond.range_1_PDB_ins_code    ? 
_pdbx_struct_sheet_hbond.range_1_auth_atom_id    N 
_pdbx_struct_sheet_hbond.range_1_auth_comp_id    ILE 
_pdbx_struct_sheet_hbond.range_1_auth_asym_id    A 
_pdbx_struct_sheet_hbond.range_1_auth_seq_id     244 
_pdbx_struct_sheet_hbond.range_2_label_atom_id   O 
_pdbx_struct_sheet_hbond.range_2_label_comp_id   ASP 
_pdbx_struct_sheet_hbond.range_2_label_asym_id   A 
_pdbx_struct_sheet_hbond.range_2_label_seq_id    136 
_pdbx_struct_sheet_hbond.range_2_PDB_ins_code    ? 
_pdbx_struct_sheet_hbond.range_2_auth_atom_id    O 
_pdbx_struct_sheet_hbond.range_2_auth_comp_id    ASP 
_pdbx_struct_sheet_hbond.range_2_auth_asym_id    A 
_pdbx_struct_sheet_hbond.range_2_auth_seq_id     278 
# 
_pdbx_refine_tls.pdbx_refine_id   'X-RAY DIFFRACTION' 
_pdbx_refine_tls.id               1 
_pdbx_refine_tls.details          ? 
_pdbx_refine_tls.method           refined 
_pdbx_refine_tls.origin_x         -0.0093 
_pdbx_refine_tls.origin_y         0.3659 
_pdbx_refine_tls.origin_z         0.0194 
_pdbx_refine_tls.T[1][1]          -0.4204 
_pdbx_refine_tls.T[2][2]          -0.1244 
_pdbx_refine_tls.T[3][3]          -0.4527 
_pdbx_refine_tls.T[1][2]          -0.0608 
_pdbx_refine_tls.T[1][3]          -0.0353 
_pdbx_refine_tls.T[2][3]          0.0649 
_pdbx_refine_tls.L[1][1]          5.2462 
_pdbx_refine_tls.L[2][2]          4.8975 
_pdbx_refine_tls.L[3][3]          6.1907 
_pdbx_refine_tls.L[1][2]          -0.1718 
_pdbx_refine_tls.L[1][3]          -2.2223 
_pdbx_refine_tls.L[2][3]          0.5386 
_pdbx_refine_tls.S[1][1]          0.1563 
_pdbx_refine_tls.S[1][2]          0.1457 
_pdbx_refine_tls.S[1][3]          0.3174 
_pdbx_refine_tls.S[2][1]          0.3534 
_pdbx_refine_tls.S[2][2]          0.0685 
_pdbx_refine_tls.S[2][3]          -0.1169 
_pdbx_refine_tls.S[3][1]          0.0877 
_pdbx_refine_tls.S[3][2]          0.4864 
_pdbx_refine_tls.S[3][3]          -0.2248 
# 
_pdbx_refine_tls_group.pdbx_refine_id      'X-RAY DIFFRACTION' 
_pdbx_refine_tls_group.id                  1 
_pdbx_refine_tls_group.refine_tls_id       1 
_pdbx_refine_tls_group.beg_auth_asym_id    A 
_pdbx_refine_tls_group.beg_auth_seq_id     151 
_pdbx_refine_tls_group.beg_label_asym_id   ? 
_pdbx_refine_tls_group.beg_label_seq_id    ? 
_pdbx_refine_tls_group.end_auth_asym_id    A 
_pdbx_refine_tls_group.end_auth_seq_id     282 
_pdbx_refine_tls_group.end_label_asym_id   ? 
_pdbx_refine_tls_group.end_label_seq_id    ? 
_pdbx_refine_tls_group.selection           ? 
_pdbx_refine_tls_group.selection_details   ? 
# 
_pdbx_entry_details.entry_id                 2J49 
_pdbx_entry_details.compound_details         ? 
_pdbx_entry_details.source_details           ? 
_pdbx_entry_details.nonpolymer_details       ? 
_pdbx_entry_details.sequence_details         
;THE FIRST 4 RESIDUES REPRESENT THE THROMBIN
CUTTING SITE (GS) AND THE NDEL CLONING SITE (HM) AND ARE
NOT PART OF THE FULL PROTEIN. THESE RESIDUES ARE MAPPED
TO THE PDB ENTRY.
;
_pdbx_entry_details.has_ligand_of_interest   ? 
# 
loop_
_pdbx_unobs_or_zero_occ_residues.id 
_pdbx_unobs_or_zero_occ_residues.PDB_model_num 
_pdbx_unobs_or_zero_occ_residues.polymer_flag 
_pdbx_unobs_or_zero_occ_residues.occupancy_flag 
_pdbx_unobs_or_zero_occ_residues.auth_asym_id 
_pdbx_unobs_or_zero_occ_residues.auth_comp_id 
_pdbx_unobs_or_zero_occ_residues.auth_seq_id 
_pdbx_unobs_or_zero_occ_residues.PDB_ins_code 
_pdbx_unobs_or_zero_occ_residues.label_asym_id 
_pdbx_unobs_or_zero_occ_residues.label_comp_id 
_pdbx_unobs_or_zero_occ_residues.label_seq_id 
1  1 Y 1 A GLY 143 ? A GLY 1   
2  1 Y 1 A SER 144 ? A SER 2   
3  1 Y 1 A HIS 145 ? A HIS 3   
4  1 Y 1 A MET 146 ? A MET 4   
5  1 Y 1 A ASN 147 ? A ASN 5   
6  1 Y 1 A ALA 148 ? A ALA 6   
7  1 Y 1 A GLU 283 ? A GLU 141 
8  1 Y 1 A SER 284 ? A SER 142 
9  1 Y 1 A VAL 285 ? A VAL 143 
10 1 Y 1 A THR 286 ? A THR 144 
11 1 Y 1 A ALA 287 ? A ALA 145 
12 1 Y 1 A ARG 288 ? A ARG 146 
13 1 Y 1 A GLU 289 ? A GLU 147 
14 1 Y 1 A LYS 290 ? A LYS 148 
# 
loop_
_chem_comp_atom.comp_id 
_chem_comp_atom.atom_id 
_chem_comp_atom.type_symbol 
_chem_comp_atom.pdbx_aromatic_flag 
_chem_comp_atom.pdbx_stereo_config 
_chem_comp_atom.pdbx_ordinal 
ALA N    N N N 1   
ALA CA   C N S 2   
ALA C    C N N 3   
ALA O    O N N 4   
ALA CB   C N N 5   
ALA OXT  O N N 6   
ALA H    H N N 7   
ALA H2   H N N 8   
ALA HA   H N N 9   
ALA HB1  H N N 10  
ALA HB2  H N N 11  
ALA HB3  H N N 12  
ALA HXT  H N N 13  
ARG N    N N N 14  
ARG CA   C N S 15  
ARG C    C N N 16  
ARG O    O N N 17  
ARG CB   C N N 18  
ARG CG   C N N 19  
ARG CD   C N N 20  
ARG NE   N N N 21  
ARG CZ   C N N 22  
ARG NH1  N N N 23  
ARG NH2  N N N 24  
ARG OXT  O N N 25  
ARG H    H N N 26  
ARG H2   H N N 27  
ARG HA   H N N 28  
ARG HB2  H N N 29  
ARG HB3  H N N 30  
ARG HG2  H N N 31  
ARG HG3  H N N 32  
ARG HD2  H N N 33  
ARG HD3  H N N 34  
ARG HE   H N N 35  
ARG HH11 H N N 36  
ARG HH12 H N N 37  
ARG HH21 H N N 38  
ARG HH22 H N N 39  
ARG HXT  H N N 40  
ASN N    N N N 41  
ASN CA   C N S 42  
ASN C    C N N 43  
ASN O    O N N 44  
ASN CB   C N N 45  
ASN CG   C N N 46  
ASN OD1  O N N 47  
ASN ND2  N N N 48  
ASN OXT  O N N 49  
ASN H    H N N 50  
ASN H2   H N N 51  
ASN HA   H N N 52  
ASN HB2  H N N 53  
ASN HB3  H N N 54  
ASN HD21 H N N 55  
ASN HD22 H N N 56  
ASN HXT  H N N 57  
ASP N    N N N 58  
ASP CA   C N S 59  
ASP C    C N N 60  
ASP O    O N N 61  
ASP CB   C N N 62  
ASP CG   C N N 63  
ASP OD1  O N N 64  
ASP OD2  O N N 65  
ASP OXT  O N N 66  
ASP H    H N N 67  
ASP H2   H N N 68  
ASP HA   H N N 69  
ASP HB2  H N N 70  
ASP HB3  H N N 71  
ASP HD2  H N N 72  
ASP HXT  H N N 73  
GLN N    N N N 74  
GLN CA   C N S 75  
GLN C    C N N 76  
GLN O    O N N 77  
GLN CB   C N N 78  
GLN CG   C N N 79  
GLN CD   C N N 80  
GLN OE1  O N N 81  
GLN NE2  N N N 82  
GLN OXT  O N N 83  
GLN H    H N N 84  
GLN H2   H N N 85  
GLN HA   H N N 86  
GLN HB2  H N N 87  
GLN HB3  H N N 88  
GLN HG2  H N N 89  
GLN HG3  H N N 90  
GLN HE21 H N N 91  
GLN HE22 H N N 92  
GLN HXT  H N N 93  
GLU N    N N N 94  
GLU CA   C N S 95  
GLU C    C N N 96  
GLU O    O N N 97  
GLU CB   C N N 98  
GLU CG   C N N 99  
GLU CD   C N N 100 
GLU OE1  O N N 101 
GLU OE2  O N N 102 
GLU OXT  O N N 103 
GLU H    H N N 104 
GLU H2   H N N 105 
GLU HA   H N N 106 
GLU HB2  H N N 107 
GLU HB3  H N N 108 
GLU HG2  H N N 109 
GLU HG3  H N N 110 
GLU HE2  H N N 111 
GLU HXT  H N N 112 
GLY N    N N N 113 
GLY CA   C N N 114 
GLY C    C N N 115 
GLY O    O N N 116 
GLY OXT  O N N 117 
GLY H    H N N 118 
GLY H2   H N N 119 
GLY HA2  H N N 120 
GLY HA3  H N N 121 
GLY HXT  H N N 122 
HIS N    N N N 123 
HIS CA   C N S 124 
HIS C    C N N 125 
HIS O    O N N 126 
HIS CB   C N N 127 
HIS CG   C Y N 128 
HIS ND1  N Y N 129 
HIS CD2  C Y N 130 
HIS CE1  C Y N 131 
HIS NE2  N Y N 132 
HIS OXT  O N N 133 
HIS H    H N N 134 
HIS H2   H N N 135 
HIS HA   H N N 136 
HIS HB2  H N N 137 
HIS HB3  H N N 138 
HIS HD1  H N N 139 
HIS HD2  H N N 140 
HIS HE1  H N N 141 
HIS HE2  H N N 142 
HIS HXT  H N N 143 
HOH O    O N N 144 
HOH H1   H N N 145 
HOH H2   H N N 146 
ILE N    N N N 147 
ILE CA   C N S 148 
ILE C    C N N 149 
ILE O    O N N 150 
ILE CB   C N S 151 
ILE CG1  C N N 152 
ILE CG2  C N N 153 
ILE CD1  C N N 154 
ILE OXT  O N N 155 
ILE H    H N N 156 
ILE H2   H N N 157 
ILE HA   H N N 158 
ILE HB   H N N 159 
ILE HG12 H N N 160 
ILE HG13 H N N 161 
ILE HG21 H N N 162 
ILE HG22 H N N 163 
ILE HG23 H N N 164 
ILE HD11 H N N 165 
ILE HD12 H N N 166 
ILE HD13 H N N 167 
ILE HXT  H N N 168 
LEU N    N N N 169 
LEU CA   C N S 170 
LEU C    C N N 171 
LEU O    O N N 172 
LEU CB   C N N 173 
LEU CG   C N N 174 
LEU CD1  C N N 175 
LEU CD2  C N N 176 
LEU OXT  O N N 177 
LEU H    H N N 178 
LEU H2   H N N 179 
LEU HA   H N N 180 
LEU HB2  H N N 181 
LEU HB3  H N N 182 
LEU HG   H N N 183 
LEU HD11 H N N 184 
LEU HD12 H N N 185 
LEU HD13 H N N 186 
LEU HD21 H N N 187 
LEU HD22 H N N 188 
LEU HD23 H N N 189 
LEU HXT  H N N 190 
LYS N    N N N 191 
LYS CA   C N S 192 
LYS C    C N N 193 
LYS O    O N N 194 
LYS CB   C N N 195 
LYS CG   C N N 196 
LYS CD   C N N 197 
LYS CE   C N N 198 
LYS NZ   N N N 199 
LYS OXT  O N N 200 
LYS H    H N N 201 
LYS H2   H N N 202 
LYS HA   H N N 203 
LYS HB2  H N N 204 
LYS HB3  H N N 205 
LYS HG2  H N N 206 
LYS HG3  H N N 207 
LYS HD2  H N N 208 
LYS HD3  H N N 209 
LYS HE2  H N N 210 
LYS HE3  H N N 211 
LYS HZ1  H N N 212 
LYS HZ2  H N N 213 
LYS HZ3  H N N 214 
LYS HXT  H N N 215 
MET N    N N N 216 
MET CA   C N S 217 
MET C    C N N 218 
MET O    O N N 219 
MET CB   C N N 220 
MET CG   C N N 221 
MET SD   S N N 222 
MET CE   C N N 223 
MET OXT  O N N 224 
MET H    H N N 225 
MET H2   H N N 226 
MET HA   H N N 227 
MET HB2  H N N 228 
MET HB3  H N N 229 
MET HG2  H N N 230 
MET HG3  H N N 231 
MET HE1  H N N 232 
MET HE2  H N N 233 
MET HE3  H N N 234 
MET HXT  H N N 235 
PHE N    N N N 236 
PHE CA   C N S 237 
PHE C    C N N 238 
PHE O    O N N 239 
PHE CB   C N N 240 
PHE CG   C Y N 241 
PHE CD1  C Y N 242 
PHE CD2  C Y N 243 
PHE CE1  C Y N 244 
PHE CE2  C Y N 245 
PHE CZ   C Y N 246 
PHE OXT  O N N 247 
PHE H    H N N 248 
PHE H2   H N N 249 
PHE HA   H N N 250 
PHE HB2  H N N 251 
PHE HB3  H N N 252 
PHE HD1  H N N 253 
PHE HD2  H N N 254 
PHE HE1  H N N 255 
PHE HE2  H N N 256 
PHE HZ   H N N 257 
PHE HXT  H N N 258 
PRO N    N N N 259 
PRO CA   C N S 260 
PRO C    C N N 261 
PRO O    O N N 262 
PRO CB   C N N 263 
PRO CG   C N N 264 
PRO CD   C N N 265 
PRO OXT  O N N 266 
PRO H    H N N 267 
PRO HA   H N N 268 
PRO HB2  H N N 269 
PRO HB3  H N N 270 
PRO HG2  H N N 271 
PRO HG3  H N N 272 
PRO HD2  H N N 273 
PRO HD3  H N N 274 
PRO HXT  H N N 275 
SER N    N N N 276 
SER CA   C N S 277 
SER C    C N N 278 
SER O    O N N 279 
SER CB   C N N 280 
SER OG   O N N 281 
SER OXT  O N N 282 
SER H    H N N 283 
SER H2   H N N 284 
SER HA   H N N 285 
SER HB2  H N N 286 
SER HB3  H N N 287 
SER HG   H N N 288 
SER HXT  H N N 289 
THR N    N N N 290 
THR CA   C N S 291 
THR C    C N N 292 
THR O    O N N 293 
THR CB   C N R 294 
THR OG1  O N N 295 
THR CG2  C N N 296 
THR OXT  O N N 297 
THR H    H N N 298 
THR H2   H N N 299 
THR HA   H N N 300 
THR HB   H N N 301 
THR HG1  H N N 302 
THR HG21 H N N 303 
THR HG22 H N N 304 
THR HG23 H N N 305 
THR HXT  H N N 306 
TRP N    N N N 307 
TRP CA   C N S 308 
TRP C    C N N 309 
TRP O    O N N 310 
TRP CB   C N N 311 
TRP CG   C Y N 312 
TRP CD1  C Y N 313 
TRP CD2  C Y N 314 
TRP NE1  N Y N 315 
TRP CE2  C Y N 316 
TRP CE3  C Y N 317 
TRP CZ2  C Y N 318 
TRP CZ3  C Y N 319 
TRP CH2  C Y N 320 
TRP OXT  O N N 321 
TRP H    H N N 322 
TRP H2   H N N 323 
TRP HA   H N N 324 
TRP HB2  H N N 325 
TRP HB3  H N N 326 
TRP HD1  H N N 327 
TRP HE1  H N N 328 
TRP HE3  H N N 329 
TRP HZ2  H N N 330 
TRP HZ3  H N N 331 
TRP HH2  H N N 332 
TRP HXT  H N N 333 
TYR N    N N N 334 
TYR CA   C N S 335 
TYR C    C N N 336 
TYR O    O N N 337 
TYR CB   C N N 338 
TYR CG   C Y N 339 
TYR CD1  C Y N 340 
TYR CD2  C Y N 341 
TYR CE1  C Y N 342 
TYR CE2  C Y N 343 
TYR CZ   C Y N 344 
TYR OH   O N N 345 
TYR OXT  O N N 346 
TYR H    H N N 347 
TYR H2   H N N 348 
TYR HA   H N N 349 
TYR HB2  H N N 350 
TYR HB3  H N N 351 
TYR HD1  H N N 352 
TYR HD2  H N N 353 
TYR HE1  H N N 354 
TYR HE2  H N N 355 
TYR HH   H N N 356 
TYR HXT  H N N 357 
VAL N    N N N 358 
VAL CA   C N S 359 
VAL C    C N N 360 
VAL O    O N N 361 
VAL CB   C N N 362 
VAL CG1  C N N 363 
VAL CG2  C N N 364 
VAL OXT  O N N 365 
VAL H    H N N 366 
VAL H2   H N N 367 
VAL HA   H N N 368 
VAL HB   H N N 369 
VAL HG11 H N N 370 
VAL HG12 H N N 371 
VAL HG13 H N N 372 
VAL HG21 H N N 373 
VAL HG22 H N N 374 
VAL HG23 H N N 375 
VAL HXT  H N N 376 
# 
loop_
_chem_comp_bond.comp_id 
_chem_comp_bond.atom_id_1 
_chem_comp_bond.atom_id_2 
_chem_comp_bond.value_order 
_chem_comp_bond.pdbx_aromatic_flag 
_chem_comp_bond.pdbx_stereo_config 
_chem_comp_bond.pdbx_ordinal 
ALA N   CA   sing N N 1   
ALA N   H    sing N N 2   
ALA N   H2   sing N N 3   
ALA CA  C    sing N N 4   
ALA CA  CB   sing N N 5   
ALA CA  HA   sing N N 6   
ALA C   O    doub N N 7   
ALA C   OXT  sing N N 8   
ALA CB  HB1  sing N N 9   
ALA CB  HB2  sing N N 10  
ALA CB  HB3  sing N N 11  
ALA OXT HXT  sing N N 12  
ARG N   CA   sing N N 13  
ARG N   H    sing N N 14  
ARG N   H2   sing N N 15  
ARG CA  C    sing N N 16  
ARG CA  CB   sing N N 17  
ARG CA  HA   sing N N 18  
ARG C   O    doub N N 19  
ARG C   OXT  sing N N 20  
ARG CB  CG   sing N N 21  
ARG CB  HB2  sing N N 22  
ARG CB  HB3  sing N N 23  
ARG CG  CD   sing N N 24  
ARG CG  HG2  sing N N 25  
ARG CG  HG3  sing N N 26  
ARG CD  NE   sing N N 27  
ARG CD  HD2  sing N N 28  
ARG CD  HD3  sing N N 29  
ARG NE  CZ   sing N N 30  
ARG NE  HE   sing N N 31  
ARG CZ  NH1  sing N N 32  
ARG CZ  NH2  doub N N 33  
ARG NH1 HH11 sing N N 34  
ARG NH1 HH12 sing N N 35  
ARG NH2 HH21 sing N N 36  
ARG NH2 HH22 sing N N 37  
ARG OXT HXT  sing N N 38  
ASN N   CA   sing N N 39  
ASN N   H    sing N N 40  
ASN N   H2   sing N N 41  
ASN CA  C    sing N N 42  
ASN CA  CB   sing N N 43  
ASN CA  HA   sing N N 44  
ASN C   O    doub N N 45  
ASN C   OXT  sing N N 46  
ASN CB  CG   sing N N 47  
ASN CB  HB2  sing N N 48  
ASN CB  HB3  sing N N 49  
ASN CG  OD1  doub N N 50  
ASN CG  ND2  sing N N 51  
ASN ND2 HD21 sing N N 52  
ASN ND2 HD22 sing N N 53  
ASN OXT HXT  sing N N 54  
ASP N   CA   sing N N 55  
ASP N   H    sing N N 56  
ASP N   H2   sing N N 57  
ASP CA  C    sing N N 58  
ASP CA  CB   sing N N 59  
ASP CA  HA   sing N N 60  
ASP C   O    doub N N 61  
ASP C   OXT  sing N N 62  
ASP CB  CG   sing N N 63  
ASP CB  HB2  sing N N 64  
ASP CB  HB3  sing N N 65  
ASP CG  OD1  doub N N 66  
ASP CG  OD2  sing N N 67  
ASP OD2 HD2  sing N N 68  
ASP OXT HXT  sing N N 69  
GLN N   CA   sing N N 70  
GLN N   H    sing N N 71  
GLN N   H2   sing N N 72  
GLN CA  C    sing N N 73  
GLN CA  CB   sing N N 74  
GLN CA  HA   sing N N 75  
GLN C   O    doub N N 76  
GLN C   OXT  sing N N 77  
GLN CB  CG   sing N N 78  
GLN CB  HB2  sing N N 79  
GLN CB  HB3  sing N N 80  
GLN CG  CD   sing N N 81  
GLN CG  HG2  sing N N 82  
GLN CG  HG3  sing N N 83  
GLN CD  OE1  doub N N 84  
GLN CD  NE2  sing N N 85  
GLN NE2 HE21 sing N N 86  
GLN NE2 HE22 sing N N 87  
GLN OXT HXT  sing N N 88  
GLU N   CA   sing N N 89  
GLU N   H    sing N N 90  
GLU N   H2   sing N N 91  
GLU CA  C    sing N N 92  
GLU CA  CB   sing N N 93  
GLU CA  HA   sing N N 94  
GLU C   O    doub N N 95  
GLU C   OXT  sing N N 96  
GLU CB  CG   sing N N 97  
GLU CB  HB2  sing N N 98  
GLU CB  HB3  sing N N 99  
GLU CG  CD   sing N N 100 
GLU CG  HG2  sing N N 101 
GLU CG  HG3  sing N N 102 
GLU CD  OE1  doub N N 103 
GLU CD  OE2  sing N N 104 
GLU OE2 HE2  sing N N 105 
GLU OXT HXT  sing N N 106 
GLY N   CA   sing N N 107 
GLY N   H    sing N N 108 
GLY N   H2   sing N N 109 
GLY CA  C    sing N N 110 
GLY CA  HA2  sing N N 111 
GLY CA  HA3  sing N N 112 
GLY C   O    doub N N 113 
GLY C   OXT  sing N N 114 
GLY OXT HXT  sing N N 115 
HIS N   CA   sing N N 116 
HIS N   H    sing N N 117 
HIS N   H2   sing N N 118 
HIS CA  C    sing N N 119 
HIS CA  CB   sing N N 120 
HIS CA  HA   sing N N 121 
HIS C   O    doub N N 122 
HIS C   OXT  sing N N 123 
HIS CB  CG   sing N N 124 
HIS CB  HB2  sing N N 125 
HIS CB  HB3  sing N N 126 
HIS CG  ND1  sing Y N 127 
HIS CG  CD2  doub Y N 128 
HIS ND1 CE1  doub Y N 129 
HIS ND1 HD1  sing N N 130 
HIS CD2 NE2  sing Y N 131 
HIS CD2 HD2  sing N N 132 
HIS CE1 NE2  sing Y N 133 
HIS CE1 HE1  sing N N 134 
HIS NE2 HE2  sing N N 135 
HIS OXT HXT  sing N N 136 
HOH O   H1   sing N N 137 
HOH O   H2   sing N N 138 
ILE N   CA   sing N N 139 
ILE N   H    sing N N 140 
ILE N   H2   sing N N 141 
ILE CA  C    sing N N 142 
ILE CA  CB   sing N N 143 
ILE CA  HA   sing N N 144 
ILE C   O    doub N N 145 
ILE C   OXT  sing N N 146 
ILE CB  CG1  sing N N 147 
ILE CB  CG2  sing N N 148 
ILE CB  HB   sing N N 149 
ILE CG1 CD1  sing N N 150 
ILE CG1 HG12 sing N N 151 
ILE CG1 HG13 sing N N 152 
ILE CG2 HG21 sing N N 153 
ILE CG2 HG22 sing N N 154 
ILE CG2 HG23 sing N N 155 
ILE CD1 HD11 sing N N 156 
ILE CD1 HD12 sing N N 157 
ILE CD1 HD13 sing N N 158 
ILE OXT HXT  sing N N 159 
LEU N   CA   sing N N 160 
LEU N   H    sing N N 161 
LEU N   H2   sing N N 162 
LEU CA  C    sing N N 163 
LEU CA  CB   sing N N 164 
LEU CA  HA   sing N N 165 
LEU C   O    doub N N 166 
LEU C   OXT  sing N N 167 
LEU CB  CG   sing N N 168 
LEU CB  HB2  sing N N 169 
LEU CB  HB3  sing N N 170 
LEU CG  CD1  sing N N 171 
LEU CG  CD2  sing N N 172 
LEU CG  HG   sing N N 173 
LEU CD1 HD11 sing N N 174 
LEU CD1 HD12 sing N N 175 
LEU CD1 HD13 sing N N 176 
LEU CD2 HD21 sing N N 177 
LEU CD2 HD22 sing N N 178 
LEU CD2 HD23 sing N N 179 
LEU OXT HXT  sing N N 180 
LYS N   CA   sing N N 181 
LYS N   H    sing N N 182 
LYS N   H2   sing N N 183 
LYS CA  C    sing N N 184 
LYS CA  CB   sing N N 185 
LYS CA  HA   sing N N 186 
LYS C   O    doub N N 187 
LYS C   OXT  sing N N 188 
LYS CB  CG   sing N N 189 
LYS CB  HB2  sing N N 190 
LYS CB  HB3  sing N N 191 
LYS CG  CD   sing N N 192 
LYS CG  HG2  sing N N 193 
LYS CG  HG3  sing N N 194 
LYS CD  CE   sing N N 195 
LYS CD  HD2  sing N N 196 
LYS CD  HD3  sing N N 197 
LYS CE  NZ   sing N N 198 
LYS CE  HE2  sing N N 199 
LYS CE  HE3  sing N N 200 
LYS NZ  HZ1  sing N N 201 
LYS NZ  HZ2  sing N N 202 
LYS NZ  HZ3  sing N N 203 
LYS OXT HXT  sing N N 204 
MET N   CA   sing N N 205 
MET N   H    sing N N 206 
MET N   H2   sing N N 207 
MET CA  C    sing N N 208 
MET CA  CB   sing N N 209 
MET CA  HA   sing N N 210 
MET C   O    doub N N 211 
MET C   OXT  sing N N 212 
MET CB  CG   sing N N 213 
MET CB  HB2  sing N N 214 
MET CB  HB3  sing N N 215 
MET CG  SD   sing N N 216 
MET CG  HG2  sing N N 217 
MET CG  HG3  sing N N 218 
MET SD  CE   sing N N 219 
MET CE  HE1  sing N N 220 
MET CE  HE2  sing N N 221 
MET CE  HE3  sing N N 222 
MET OXT HXT  sing N N 223 
PHE N   CA   sing N N 224 
PHE N   H    sing N N 225 
PHE N   H2   sing N N 226 
PHE CA  C    sing N N 227 
PHE CA  CB   sing N N 228 
PHE CA  HA   sing N N 229 
PHE C   O    doub N N 230 
PHE C   OXT  sing N N 231 
PHE CB  CG   sing N N 232 
PHE CB  HB2  sing N N 233 
PHE CB  HB3  sing N N 234 
PHE CG  CD1  doub Y N 235 
PHE CG  CD2  sing Y N 236 
PHE CD1 CE1  sing Y N 237 
PHE CD1 HD1  sing N N 238 
PHE CD2 CE2  doub Y N 239 
PHE CD2 HD2  sing N N 240 
PHE CE1 CZ   doub Y N 241 
PHE CE1 HE1  sing N N 242 
PHE CE2 CZ   sing Y N 243 
PHE CE2 HE2  sing N N 244 
PHE CZ  HZ   sing N N 245 
PHE OXT HXT  sing N N 246 
PRO N   CA   sing N N 247 
PRO N   CD   sing N N 248 
PRO N   H    sing N N 249 
PRO CA  C    sing N N 250 
PRO CA  CB   sing N N 251 
PRO CA  HA   sing N N 252 
PRO C   O    doub N N 253 
PRO C   OXT  sing N N 254 
PRO CB  CG   sing N N 255 
PRO CB  HB2  sing N N 256 
PRO CB  HB3  sing N N 257 
PRO CG  CD   sing N N 258 
PRO CG  HG2  sing N N 259 
PRO CG  HG3  sing N N 260 
PRO CD  HD2  sing N N 261 
PRO CD  HD3  sing N N 262 
PRO OXT HXT  sing N N 263 
SER N   CA   sing N N 264 
SER N   H    sing N N 265 
SER N   H2   sing N N 266 
SER CA  C    sing N N 267 
SER CA  CB   sing N N 268 
SER CA  HA   sing N N 269 
SER C   O    doub N N 270 
SER C   OXT  sing N N 271 
SER CB  OG   sing N N 272 
SER CB  HB2  sing N N 273 
SER CB  HB3  sing N N 274 
SER OG  HG   sing N N 275 
SER OXT HXT  sing N N 276 
THR N   CA   sing N N 277 
THR N   H    sing N N 278 
THR N   H2   sing N N 279 
THR CA  C    sing N N 280 
THR CA  CB   sing N N 281 
THR CA  HA   sing N N 282 
THR C   O    doub N N 283 
THR C   OXT  sing N N 284 
THR CB  OG1  sing N N 285 
THR CB  CG2  sing N N 286 
THR CB  HB   sing N N 287 
THR OG1 HG1  sing N N 288 
THR CG2 HG21 sing N N 289 
THR CG2 HG22 sing N N 290 
THR CG2 HG23 sing N N 291 
THR OXT HXT  sing N N 292 
TRP N   CA   sing N N 293 
TRP N   H    sing N N 294 
TRP N   H2   sing N N 295 
TRP CA  C    sing N N 296 
TRP CA  CB   sing N N 297 
TRP CA  HA   sing N N 298 
TRP C   O    doub N N 299 
TRP C   OXT  sing N N 300 
TRP CB  CG   sing N N 301 
TRP CB  HB2  sing N N 302 
TRP CB  HB3  sing N N 303 
TRP CG  CD1  doub Y N 304 
TRP CG  CD2  sing Y N 305 
TRP CD1 NE1  sing Y N 306 
TRP CD1 HD1  sing N N 307 
TRP CD2 CE2  doub Y N 308 
TRP CD2 CE3  sing Y N 309 
TRP NE1 CE2  sing Y N 310 
TRP NE1 HE1  sing N N 311 
TRP CE2 CZ2  sing Y N 312 
TRP CE3 CZ3  doub Y N 313 
TRP CE3 HE3  sing N N 314 
TRP CZ2 CH2  doub Y N 315 
TRP CZ2 HZ2  sing N N 316 
TRP CZ3 CH2  sing Y N 317 
TRP CZ3 HZ3  sing N N 318 
TRP CH2 HH2  sing N N 319 
TRP OXT HXT  sing N N 320 
TYR N   CA   sing N N 321 
TYR N   H    sing N N 322 
TYR N   H2   sing N N 323 
TYR CA  C    sing N N 324 
TYR CA  CB   sing N N 325 
TYR CA  HA   sing N N 326 
TYR C   O    doub N N 327 
TYR C   OXT  sing N N 328 
TYR CB  CG   sing N N 329 
TYR CB  HB2  sing N N 330 
TYR CB  HB3  sing N N 331 
TYR CG  CD1  doub Y N 332 
TYR CG  CD2  sing Y N 333 
TYR CD1 CE1  sing Y N 334 
TYR CD1 HD1  sing N N 335 
TYR CD2 CE2  doub Y N 336 
TYR CD2 HD2  sing N N 337 
TYR CE1 CZ   doub Y N 338 
TYR CE1 HE1  sing N N 339 
TYR CE2 CZ   sing Y N 340 
TYR CE2 HE2  sing N N 341 
TYR CZ  OH   sing N N 342 
TYR OH  HH   sing N N 343 
TYR OXT HXT  sing N N 344 
VAL N   CA   sing N N 345 
VAL N   H    sing N N 346 
VAL N   H2   sing N N 347 
VAL CA  C    sing N N 348 
VAL CA  CB   sing N N 349 
VAL CA  HA   sing N N 350 
VAL C   O    doub N N 351 
VAL C   OXT  sing N N 352 
VAL CB  CG1  sing N N 353 
VAL CB  CG2  sing N N 354 
VAL CB  HB   sing N N 355 
VAL CG1 HG11 sing N N 356 
VAL CG1 HG12 sing N N 357 
VAL CG1 HG13 sing N N 358 
VAL CG2 HG21 sing N N 359 
VAL CG2 HG22 sing N N 360 
VAL CG2 HG23 sing N N 361 
VAL OXT HXT  sing N N 362 
# 
_atom_sites.entry_id                    2J49 
_atom_sites.fract_transf_matrix[1][1]   0.00804567 
_atom_sites.fract_transf_matrix[1][2]   0.00290562 
_atom_sites.fract_transf_matrix[1][3]   -0.00930797 
_atom_sites.fract_transf_matrix[2][1]   0.01206023 
_atom_sites.fract_transf_matrix[2][2]   0.00268383 
_atom_sites.fract_transf_matrix[2][3]   0.00267735 
_atom_sites.fract_transf_matrix[3][1]   0.00428498 
_atom_sites.fract_transf_matrix[3][2]   -0.01750037 
_atom_sites.fract_transf_matrix[3][3]   -0.00175913 
_atom_sites.fract_transf_vector[1]      0.517591 
_atom_sites.fract_transf_vector[2]      0.410196 
_atom_sites.fract_transf_vector[3]      0.987135 
# 
loop_
_atom_type.symbol 
C 
N 
O 
S 
# 
loop_
_atom_site.group_PDB 
_atom_site.id 
_atom_site.type_symbol 
_atom_site.label_atom_id 
_atom_site.label_alt_id 
_atom_site.label_comp_id 
_atom_site.label_asym_id 
_atom_site.label_entity_id 
_atom_site.label_seq_id 
_atom_site.pdbx_PDB_ins_code 
_atom_site.Cartn_x 
_atom_site.Cartn_y 
_atom_site.Cartn_z 
_atom_site.occupancy 
_atom_site.B_iso_or_equiv 
_atom_site.pdbx_formal_charge 
_atom_site.auth_seq_id 
_atom_site.auth_comp_id 
_atom_site.auth_asym_id 
_atom_site.auth_atom_id 
_atom_site.pdbx_PDB_model_num 
ATOM   1    N N   . PRO A 1 7   ? -6.361  -12.437 -3.388  1.00 65.71 ? 149  PRO A N   1 
ATOM   2    C CA  . PRO A 1 7   ? -5.425  -12.686 -4.484  1.00 65.78 ? 149  PRO A CA  1 
ATOM   3    C C   . PRO A 1 7   ? -5.837  -11.884 -5.716  1.00 65.98 ? 149  PRO A C   1 
ATOM   4    O O   . PRO A 1 7   ? -5.257  -10.830 -6.001  1.00 65.69 ? 149  PRO A O   1 
ATOM   5    C CB  . PRO A 1 7   ? -5.558  -14.197 -4.738  1.00 65.74 ? 149  PRO A CB  1 
ATOM   6    C CG  . PRO A 1 7   ? -6.696  -14.676 -3.848  1.00 65.92 ? 149  PRO A CG  1 
ATOM   7    C CD  . PRO A 1 7   ? -6.816  -13.681 -2.747  1.00 65.94 ? 149  PRO A CD  1 
ATOM   8    N N   . GLU A 1 8   ? -6.853  -12.380 -6.416  1.00 66.22 ? 150  GLU A N   1 
ATOM   9    C CA  . GLU A 1 8   ? -7.509  -11.651 -7.495  1.00 66.55 ? 150  GLU A CA  1 
ATOM   10   C C   . GLU A 1 8   ? -8.335  -10.473 -6.970  1.00 66.43 ? 150  GLU A C   1 
ATOM   11   O O   . GLU A 1 8   ? -8.995  -9.780  -7.753  1.00 66.18 ? 150  GLU A O   1 
ATOM   12   C CB  . GLU A 1 8   ? -8.408  -12.597 -8.311  1.00 66.83 ? 150  GLU A CB  1 
ATOM   13   C CG  . GLU A 1 8   ? -9.539  -13.266 -7.514  1.00 67.51 ? 150  GLU A CG  1 
ATOM   14   C CD  . GLU A 1 8   ? -9.196  -14.666 -7.021  1.00 68.80 ? 150  GLU A CD  1 
ATOM   15   O OE1 . GLU A 1 8   ? -7.997  -15.025 -6.978  1.00 69.07 ? 150  GLU A OE1 1 
ATOM   16   O OE2 . GLU A 1 8   ? -10.138 -15.413 -6.675  1.00 69.23 ? 150  GLU A OE2 1 
ATOM   17   N N   . ASN A 1 9   ? -8.295  -10.259 -5.651  1.00 66.48 ? 151  ASN A N   1 
ATOM   18   C CA  . ASN A 1 9   ? -9.083  -9.214  -4.994  1.00 66.48 ? 151  ASN A CA  1 
ATOM   19   C C   . ASN A 1 9   ? -8.275  -7.983  -4.548  1.00 66.48 ? 151  ASN A C   1 
ATOM   20   O O   . ASN A 1 9   ? -8.858  -6.949  -4.190  1.00 66.83 ? 151  ASN A O   1 
ATOM   21   C CB  . ASN A 1 9   ? -9.897  -9.798  -3.826  1.00 66.43 ? 151  ASN A CB  1 
ATOM   22   C CG  . ASN A 1 9   ? -9.157  -9.751  -2.474  1.00 68.34 ? 151  ASN A CG  1 
ATOM   23   O OD1 . ASN A 1 9   ? -8.141  -9.048  -2.303  1.00 69.86 ? 151  ASN A OD1 1 
ATOM   24   N ND2 . ASN A 1 9   ? -9.686  -10.496 -1.494  1.00 68.73 ? 151  ASN A ND2 1 
ATOM   25   N N   . TYR A 1 10  ? -6.942  -8.099  -4.552  1.00 65.97 ? 152  TYR A N   1 
ATOM   26   C CA  . TYR A 1 10  ? -6.075  -7.021  -4.068  1.00 65.62 ? 152  TYR A CA  1 
ATOM   27   C C   . TYR A 1 10  ? -6.460  -5.707  -4.734  1.00 65.79 ? 152  TYR A C   1 
ATOM   28   O O   . TYR A 1 10  ? -6.437  -4.651  -4.105  1.00 66.15 ? 152  TYR A O   1 
ATOM   29   C CB  . TYR A 1 10  ? -4.597  -7.330  -4.353  1.00 64.96 ? 152  TYR A CB  1 
ATOM   30   C CG  . TYR A 1 10  ? -3.870  -8.216  -3.340  1.00 64.18 ? 152  TYR A CG  1 
ATOM   31   C CD1 . TYR A 1 10  ? -4.378  -9.462  -2.959  1.00 62.49 ? 152  TYR A CD1 1 
ATOM   32   C CD2 . TYR A 1 10  ? -2.641  -7.819  -2.802  1.00 63.30 ? 152  TYR A CD2 1 
ATOM   33   C CE1 . TYR A 1 10  ? -3.700  -10.276 -2.053  1.00 61.95 ? 152  TYR A CE1 1 
ATOM   34   C CE2 . TYR A 1 10  ? -1.955  -8.629  -1.888  1.00 62.22 ? 152  TYR A CE2 1 
ATOM   35   C CZ  . TYR A 1 10  ? -2.486  -9.852  -1.529  1.00 62.69 ? 152  TYR A CZ  1 
ATOM   36   O OH  . TYR A 1 10  ? -1.806  -10.645 -0.633  1.00 64.05 ? 152  TYR A OH  1 
ATOM   37   N N   . ILE A 1 11  ? -6.824  -5.781  -6.010  1.00 65.91 ? 153  ILE A N   1 
ATOM   38   C CA  . ILE A 1 11  ? -7.161  -4.579  -6.781  1.00 66.29 ? 153  ILE A CA  1 
ATOM   39   C C   . ILE A 1 11  ? -8.395  -3.866  -6.214  1.00 66.17 ? 153  ILE A C   1 
ATOM   40   O O   . ILE A 1 11  ? -8.433  -2.634  -6.177  1.00 67.02 ? 153  ILE A O   1 
ATOM   41   C CB  . ILE A 1 11  ? -7.250  -4.844  -8.309  1.00 65.94 ? 153  ILE A CB  1 
ATOM   42   C CG1 . ILE A 1 11  ? -5.897  -5.374  -8.821  1.00 66.38 ? 153  ILE A CG1 1 
ATOM   43   C CG2 . ILE A 1 11  ? -7.631  -3.563  -9.053  1.00 65.79 ? 153  ILE A CG2 1 
ATOM   44   C CD1 . ILE A 1 11  ? -5.788  -5.601  -10.348 1.00 66.76 ? 153  ILE A CD1 1 
ATOM   45   N N   . ARG A 1 12  ? -9.359  -4.644  -5.727  1.00 65.33 ? 154  ARG A N   1 
ATOM   46   C CA  . ARG A 1 12  ? -10.584 -4.111  -5.137  1.00 64.55 ? 154  ARG A CA  1 
ATOM   47   C C   . ARG A 1 12  ? -10.393 -3.586  -3.712  1.00 64.01 ? 154  ARG A C   1 
ATOM   48   O O   . ARG A 1 12  ? -10.873 -2.491  -3.386  1.00 64.42 ? 154  ARG A O   1 
ATOM   49   C CB  . ARG A 1 12  ? -11.681 -5.170  -5.142  1.00 64.43 ? 154  ARG A CB  1 
ATOM   50   C CG  . ARG A 1 12  ? -13.017 -4.633  -4.669  1.00 65.28 ? 154  ARG A CG  1 
ATOM   51   C CD  . ARG A 1 12  ? -14.130 -5.625  -4.863  1.00 64.59 ? 154  ARG A CD  1 
ATOM   52   N NE  . ARG A 1 12  ? -15.339 -5.168  -4.190  1.00 65.49 ? 154  ARG A NE  1 
ATOM   53   C CZ  . ARG A 1 12  ? -16.316 -5.968  -3.767  1.00 65.31 ? 154  ARG A CZ  1 
ATOM   54   N NH1 . ARG A 1 12  ? -16.236 -7.286  -3.939  1.00 64.79 ? 154  ARG A NH1 1 
ATOM   55   N NH2 . ARG A 1 12  ? -17.377 -5.444  -3.164  1.00 65.56 ? 154  ARG A NH2 1 
ATOM   56   N N   . ALA A 1 13  ? -9.732  -4.380  -2.867  1.00 62.27 ? 155  ALA A N   1 
ATOM   57   C CA  . ALA A 1 13  ? -9.374  -3.964  -1.515  1.00 61.11 ? 155  ALA A CA  1 
ATOM   58   C C   . ALA A 1 13  ? -8.683  -2.596  -1.514  1.00 59.86 ? 155  ALA A C   1 
ATOM   59   O O   . ALA A 1 13  ? -9.026  -1.713  -0.723  1.00 59.71 ? 155  ALA A O   1 
ATOM   60   C CB  . ALA A 1 13  ? -8.461  -5.012  -0.863  1.00 61.57 ? 155  ALA A CB  1 
ATOM   61   N N   . TYR A 1 14  ? -7.721  -2.432  -2.416  1.00 58.11 ? 156  TYR A N   1 
ATOM   62   C CA  . TYR A 1 14  ? -6.956  -1.203  -2.525  1.00 56.87 ? 156  TYR A CA  1 
ATOM   63   C C   . TYR A 1 14  ? -7.772  -0.101  -3.198  1.00 56.94 ? 156  TYR A C   1 
ATOM   64   O O   . TYR A 1 14  ? -7.689  1.055   -2.805  1.00 55.93 ? 156  TYR A O   1 
ATOM   65   C CB  . TYR A 1 14  ? -5.647  -1.447  -3.282  1.00 56.19 ? 156  TYR A CB  1 
ATOM   66   C CG  . TYR A 1 14  ? -4.774  -0.219  -3.317  1.00 55.98 ? 156  TYR A CG  1 
ATOM   67   C CD1 . TYR A 1 14  ? -3.870  0.042   -2.285  1.00 54.95 ? 156  TYR A CD1 1 
ATOM   68   C CD2 . TYR A 1 14  ? -4.884  0.708   -4.353  1.00 55.45 ? 156  TYR A CD2 1 
ATOM   69   C CE1 . TYR A 1 14  ? -3.099  1.177   -2.289  1.00 55.20 ? 156  TYR A CE1 1 
ATOM   70   C CE2 . TYR A 1 14  ? -4.100  1.850   -4.365  1.00 55.63 ? 156  TYR A CE2 1 
ATOM   71   C CZ  . TYR A 1 14  ? -3.225  2.070   -3.338  1.00 55.81 ? 156  TYR A CZ  1 
ATOM   72   O OH  . TYR A 1 14  ? -2.461  3.191   -3.351  1.00 58.98 ? 156  TYR A OH  1 
ATOM   73   N N   . SER A 1 15  ? -8.555  -0.464  -4.214  1.00 57.60 ? 157  SER A N   1 
ATOM   74   C CA  . SER A 1 15  ? -9.447  0.498   -4.884  1.00 58.67 ? 157  SER A CA  1 
ATOM   75   C C   . SER A 1 15  ? -10.500 1.065   -3.929  1.00 58.41 ? 157  SER A C   1 
ATOM   76   O O   . SER A 1 15  ? -10.801 2.255   -3.962  1.00 58.02 ? 157  SER A O   1 
ATOM   77   C CB  . SER A 1 15  ? -10.137 -0.129  -6.099  1.00 58.66 ? 157  SER A CB  1 
ATOM   78   O OG  . SER A 1 15  ? -10.858 0.853   -6.821  1.00 60.14 ? 157  SER A OG  1 
ATOM   79   N N   . MET A 1 16  ? -11.048 0.201   -3.083  1.00 58.93 ? 158  MET A N   1 
ATOM   80   C CA  . MET A 1 16  ? -11.996 0.609   -2.040  1.00 60.31 ? 158  MET A CA  1 
ATOM   81   C C   . MET A 1 16  ? -11.380 1.630   -1.071  1.00 59.49 ? 158  MET A C   1 
ATOM   82   O O   . MET A 1 16  ? -11.973 2.678   -0.789  1.00 60.08 ? 158  MET A O   1 
ATOM   83   C CB  . MET A 1 16  ? -12.445 -0.623  -1.267  1.00 60.38 ? 158  MET A CB  1 
ATOM   84   C CG  . MET A 1 16  ? -13.059 -0.325  0.076   1.00 62.12 ? 158  MET A CG  1 
ATOM   85   S SD  . MET A 1 16  ? -13.138 -1.804  1.054   1.00 64.47 ? 158  MET A SD  1 
ATOM   86   C CE  . MET A 1 16  ? -11.469 -1.833  1.748   1.00 64.30 ? 158  MET A CE  1 
ATOM   87   N N   . LEU A 1 17  ? -10.195 1.306   -0.562  1.00 58.47 ? 159  LEU A N   1 
ATOM   88   C CA  . LEU A 1 17  ? -9.413  2.205   0.260   1.00 57.77 ? 159  LEU A CA  1 
ATOM   89   C C   . LEU A 1 17  ? -9.159  3.526   -0.448  1.00 57.61 ? 159  LEU A C   1 
ATOM   90   O O   . LEU A 1 17  ? -9.477  4.596   0.076   1.00 57.83 ? 159  LEU A O   1 
ATOM   91   C CB  . LEU A 1 17  ? -8.071  1.545   0.574   1.00 57.95 ? 159  LEU A CB  1 
ATOM   92   C CG  . LEU A 1 17  ? -7.064  2.291   1.445   1.00 57.28 ? 159  LEU A CG  1 
ATOM   93   C CD1 . LEU A 1 17  ? -7.712  2.725   2.758   1.00 57.35 ? 159  LEU A CD1 1 
ATOM   94   C CD2 . LEU A 1 17  ? -5.874  1.392   1.685   1.00 56.44 ? 159  LEU A CD2 1 
ATOM   95   N N   . LYS A 1 18  ? -8.591  3.434   -1.647  1.00 56.98 ? 160  LYS A N   1 
ATOM   96   C CA  . LYS A 1 18  ? -8.291  4.587   -2.480  1.00 56.41 ? 160  LYS A CA  1 
ATOM   97   C C   . LYS A 1 18  ? -9.497  5.511   -2.673  1.00 55.63 ? 160  LYS A C   1 
ATOM   98   O O   . LYS A 1 18  ? -9.400  6.714   -2.461  1.00 55.61 ? 160  LYS A O   1 
ATOM   99   C CB  . LYS A 1 18  ? -7.732  4.122   -3.837  1.00 56.52 ? 160  LYS A CB  1 
ATOM   100  C CG  . LYS A 1 18  ? -7.383  5.259   -4.793  1.00 57.54 ? 160  LYS A CG  1 
ATOM   101  C CD  . LYS A 1 18  ? -7.255  4.787   -6.235  1.00 57.72 ? 160  LYS A CD  1 
ATOM   102  C CE  . LYS A 1 18  ? -7.084  5.991   -7.157  1.00 59.61 ? 160  LYS A CE  1 
ATOM   103  N NZ  . LYS A 1 18  ? -5.935  6.824   -6.686  1.00 58.94 ? 160  LYS A NZ  1 
ATOM   104  N N   . ASN A 1 19  ? -10.626 4.954   -3.083  1.00 55.73 ? 161  ASN A N   1 
ATOM   105  C CA  . ASN A 1 19  ? -11.844 5.742   -3.256  1.00 56.32 ? 161  ASN A CA  1 
ATOM   106  C C   . ASN A 1 19  ? -12.329 6.437   -1.973  1.00 55.65 ? 161  ASN A C   1 
ATOM   107  O O   . ASN A 1 19  ? -12.813 7.562   -2.017  1.00 55.80 ? 161  ASN A O   1 
ATOM   108  C CB  . ASN A 1 19  ? -12.952 4.880   -3.862  1.00 57.23 ? 161  ASN A CB  1 
ATOM   109  C CG  . ASN A 1 19  ? -12.708 4.562   -5.339  1.00 59.14 ? 161  ASN A CG  1 
ATOM   110  O OD1 . ASN A 1 19  ? -11.826 5.149   -5.989  1.00 60.61 ? 161  ASN A OD1 1 
ATOM   111  N ND2 . ASN A 1 19  ? -13.497 3.633   -5.876  1.00 60.33 ? 161  ASN A ND2 1 
ATOM   112  N N   . TRP A 1 20  ? -12.186 5.758   -0.841  1.00 55.32 ? 162  TRP A N   1 
ATOM   113  C CA  . TRP A 1 20  ? -12.545 6.312   0.469   1.00 54.50 ? 162  TRP A CA  1 
ATOM   114  C C   . TRP A 1 20  ? -11.621 7.485   0.836   1.00 54.36 ? 162  TRP A C   1 
ATOM   115  O O   . TRP A 1 20  ? -12.072 8.523   1.339   1.00 53.55 ? 162  TRP A O   1 
ATOM   116  C CB  . TRP A 1 20  ? -12.456 5.210   1.523   1.00 53.71 ? 162  TRP A CB  1 
ATOM   117  C CG  . TRP A 1 20  ? -12.674 5.688   2.914   1.00 53.95 ? 162  TRP A CG  1 
ATOM   118  C CD1 . TRP A 1 20  ? -13.866 6.026   3.485   1.00 52.39 ? 162  TRP A CD1 1 
ATOM   119  C CD2 . TRP A 1 20  ? -11.675 5.902   3.912   1.00 53.15 ? 162  TRP A CD2 1 
ATOM   120  N NE1 . TRP A 1 20  ? -13.674 6.420   4.776   1.00 52.16 ? 162  TRP A NE1 1 
ATOM   121  C CE2 . TRP A 1 20  ? -12.340 6.357   5.072   1.00 52.91 ? 162  TRP A CE2 1 
ATOM   122  C CE3 . TRP A 1 20  ? -10.284 5.756   3.940   1.00 52.51 ? 162  TRP A CE3 1 
ATOM   123  C CZ2 . TRP A 1 20  ? -11.658 6.675   6.256   1.00 51.90 ? 162  TRP A CZ2 1 
ATOM   124  C CZ3 . TRP A 1 20  ? -9.611  6.052   5.121   1.00 52.73 ? 162  TRP A CZ3 1 
ATOM   125  C CH2 . TRP A 1 20  ? -10.297 6.507   6.258   1.00 52.51 ? 162  TRP A CH2 1 
ATOM   126  N N   . VAL A 1 21  ? -10.329 7.310   0.568   1.00 54.45 ? 163  VAL A N   1 
ATOM   127  C CA  . VAL A 1 21  ? -9.342  8.346   0.824   1.00 54.38 ? 163  VAL A CA  1 
ATOM   128  C C   . VAL A 1 21  ? -9.640  9.560   -0.076  1.00 54.97 ? 163  VAL A C   1 
ATOM   129  O O   . VAL A 1 21  ? -9.699  10.696  0.405   1.00 54.86 ? 163  VAL A O   1 
ATOM   130  C CB  . VAL A 1 21  ? -7.886  7.796   0.641   1.00 55.00 ? 163  VAL A CB  1 
ATOM   131  C CG1 . VAL A 1 21  ? -6.829  8.914   0.699   1.00 53.09 ? 163  VAL A CG1 1 
ATOM   132  C CG2 . VAL A 1 21  ? -7.580  6.711   1.686   1.00 53.95 ? 163  VAL A CG2 1 
ATOM   133  N N   . ASP A 1 22  ? -9.879  9.298   -1.363  1.00 55.14 ? 164  ASP A N   1 
ATOM   134  C CA  . ASP A 1 22  ? -10.100 10.346  -2.357  1.00 55.63 ? 164  ASP A CA  1 
ATOM   135  C C   . ASP A 1 22  ? -11.289 11.265  -2.048  1.00 55.45 ? 164  ASP A C   1 
ATOM   136  O O   . ASP A 1 22  ? -11.241 12.460  -2.338  1.00 55.51 ? 164  ASP A O   1 
ATOM   137  C CB  . ASP A 1 22  ? -10.207 9.740   -3.767  1.00 56.16 ? 164  ASP A CB  1 
ATOM   138  C CG  . ASP A 1 22  ? -8.829  9.287   -4.344  1.00 59.18 ? 164  ASP A CG  1 
ATOM   139  O OD1 . ASP A 1 22  ? -7.750  9.519   -3.719  1.00 59.73 ? 164  ASP A OD1 1 
ATOM   140  O OD2 . ASP A 1 22  ? -8.835  8.692   -5.447  1.00 61.64 ? 164  ASP A OD2 1 
ATOM   141  N N   . SER A 1 23  ? -12.346 10.716  -1.449  1.00 54.74 ? 165  SER A N   1 
ATOM   142  C CA  . SER A 1 23  ? -13.499 11.530  -1.055  1.00 54.15 ? 165  SER A CA  1 
ATOM   143  C C   . SER A 1 23  ? -13.547 11.868  0.446   1.00 53.55 ? 165  SER A C   1 
ATOM   144  O O   . SER A 1 23  ? -14.570 12.316  0.939   1.00 53.85 ? 165  SER A O   1 
ATOM   145  C CB  . SER A 1 23  ? -14.812 10.887  -1.524  1.00 54.18 ? 165  SER A CB  1 
ATOM   146  O OG  . SER A 1 23  ? -14.788 9.481   -1.374  1.00 54.79 ? 165  SER A OG  1 
ATOM   147  N N   . SER A 1 24  ? -12.448 11.667  1.167   1.00 52.98 ? 166  SER A N   1 
ATOM   148  C CA  . SER A 1 24  ? -12.401 12.009  2.591   1.00 52.04 ? 166  SER A CA  1 
ATOM   149  C C   . SER A 1 24  ? -12.349 13.525  2.780   1.00 51.99 ? 166  SER A C   1 
ATOM   150  O O   . SER A 1 24  ? -12.127 14.258  1.820   1.00 51.84 ? 166  SER A O   1 
ATOM   151  C CB  . SER A 1 24  ? -11.216 11.329  3.289   1.00 51.90 ? 166  SER A CB  1 
ATOM   152  O OG  . SER A 1 24  ? -11.459 9.950   3.519   1.00 50.29 ? 166  SER A OG  1 
ATOM   153  N N   . LEU A 1 25  ? -12.584 13.988  4.010   1.00 51.94 ? 167  LEU A N   1 
ATOM   154  C CA  . LEU A 1 25  ? -12.468 15.410  4.341   1.00 52.00 ? 167  LEU A CA  1 
ATOM   155  C C   . LEU A 1 25  ? -11.041 15.915  4.058   1.00 52.62 ? 167  LEU A C   1 
ATOM   156  O O   . LEU A 1 25  ? -10.060 15.202  4.298   1.00 52.22 ? 167  LEU A O   1 
ATOM   157  C CB  . LEU A 1 25  ? -12.827 15.665  5.806   1.00 51.44 ? 167  LEU A CB  1 
ATOM   158  C CG  . LEU A 1 25  ? -14.276 15.501  6.290   1.00 50.68 ? 167  LEU A CG  1 
ATOM   159  C CD1 . LEU A 1 25  ? -14.315 15.497  7.807   1.00 49.03 ? 167  LEU A CD1 1 
ATOM   160  C CD2 . LEU A 1 25  ? -15.181 16.589  5.748   1.00 49.28 ? 167  LEU A CD2 1 
ATOM   161  N N   . GLU A 1 26  ? -10.945 17.143  3.554   1.00 53.33 ? 168  GLU A N   1 
ATOM   162  C CA  . GLU A 1 26  ? -9.664  17.766  3.219   1.00 54.17 ? 168  GLU A CA  1 
ATOM   163  C C   . GLU A 1 26  ? -8.722  17.848  4.417   1.00 54.20 ? 168  GLU A C   1 
ATOM   164  O O   . GLU A 1 26  ? -7.513  17.868  4.252   1.00 54.34 ? 168  GLU A O   1 
ATOM   165  C CB  . GLU A 1 26  ? -9.875  19.162  2.618   1.00 54.45 ? 168  GLU A CB  1 
ATOM   166  C CG  . GLU A 1 26  ? -10.808 19.218  1.401   1.00 56.25 ? 168  GLU A CG  1 
ATOM   167  C CD  . GLU A 1 26  ? -10.201 18.641  0.124   1.00 58.99 ? 168  GLU A CD  1 
ATOM   168  O OE1 . GLU A 1 26  ? -8.980  18.361  0.080   1.00 60.49 ? 168  GLU A OE1 1 
ATOM   169  O OE2 . GLU A 1 26  ? -10.960 18.476  -0.855  1.00 60.54 ? 168  GLU A OE2 1 
ATOM   170  N N   . ILE A 1 27  ? -9.282  17.885  5.621   1.00 54.60 ? 169  ILE A N   1 
ATOM   171  C CA  . ILE A 1 27  ? -8.478  17.909  6.844   1.00 54.93 ? 169  ILE A CA  1 
ATOM   172  C C   . ILE A 1 27  ? -7.770  16.569  7.124   1.00 55.08 ? 169  ILE A C   1 
ATOM   173  O O   . ILE A 1 27  ? -6.739  16.546  7.798   1.00 55.29 ? 169  ILE A O   1 
ATOM   174  C CB  . ILE A 1 27  ? -9.304  18.407  8.072   1.00 54.88 ? 169  ILE A CB  1 
ATOM   175  C CG1 . ILE A 1 27  ? -8.391  18.695  9.271   1.00 55.06 ? 169  ILE A CG1 1 
ATOM   176  C CG2 . ILE A 1 27  ? -10.436 17.426  8.422   1.00 55.48 ? 169  ILE A CG2 1 
ATOM   177  C CD1 . ILE A 1 27  ? -9.018  19.566  10.355  1.00 54.95 ? 169  ILE A CD1 1 
ATOM   178  N N   . TYR A 1 28  ? -8.312  15.469  6.594   1.00 55.07 ? 170  TYR A N   1 
ATOM   179  C CA  . TYR A 1 28  ? -7.746  14.135  6.813   1.00 55.05 ? 170  TYR A CA  1 
ATOM   180  C C   . TYR A 1 28  ? -6.969  13.608  5.604   1.00 55.11 ? 170  TYR A C   1 
ATOM   181  O O   . TYR A 1 28  ? -6.093  12.759  5.752   1.00 54.81 ? 170  TYR A O   1 
ATOM   182  C CB  . TYR A 1 28  ? -8.844  13.134  7.221   1.00 54.79 ? 170  TYR A CB  1 
ATOM   183  C CG  . TYR A 1 28  ? -9.535  13.507  8.517   1.00 55.32 ? 170  TYR A CG  1 
ATOM   184  C CD1 . TYR A 1 28  ? -8.824  13.548  9.717   1.00 55.61 ? 170  TYR A CD1 1 
ATOM   185  C CD2 . TYR A 1 28  ? -10.887 13.848  8.540   1.00 55.05 ? 170  TYR A CD2 1 
ATOM   186  C CE1 . TYR A 1 28  ? -9.436  13.910  10.905  1.00 55.89 ? 170  TYR A CE1 1 
ATOM   187  C CE2 . TYR A 1 28  ? -11.516 14.209  9.734   1.00 55.54 ? 170  TYR A CE2 1 
ATOM   188  C CZ  . TYR A 1 28  ? -10.782 14.237  10.912  1.00 55.52 ? 170  TYR A CZ  1 
ATOM   189  O OH  . TYR A 1 28  ? -11.379 14.598  12.097  1.00 54.48 ? 170  TYR A OH  1 
ATOM   190  N N   . LYS A 1 29  ? -7.293  14.121  4.419   1.00 55.70 ? 171  LYS A N   1 
ATOM   191  C CA  . LYS A 1 29  ? -6.731  13.625  3.154   1.00 56.79 ? 171  LYS A CA  1 
ATOM   192  C C   . LYS A 1 29  ? -5.206  13.646  2.999   1.00 57.18 ? 171  LYS A C   1 
ATOM   193  O O   . LYS A 1 29  ? -4.668  12.756  2.338   1.00 57.42 ? 171  LYS A O   1 
ATOM   194  C CB  . LYS A 1 29  ? -7.378  14.313  1.949   1.00 56.87 ? 171  LYS A CB  1 
ATOM   195  C CG  . LYS A 1 29  ? -8.748  13.766  1.594   1.00 57.30 ? 171  LYS A CG  1 
ATOM   196  C CD  . LYS A 1 29  ? -9.284  14.388  0.313   1.00 58.44 ? 171  LYS A CD  1 
ATOM   197  C CE  . LYS A 1 29  ? -8.749  13.666  -0.914  1.00 59.44 ? 171  LYS A CE  1 
ATOM   198  N NZ  . LYS A 1 29  ? -9.276  14.268  -2.173  1.00 60.22 ? 171  LYS A NZ  1 
ATOM   199  N N   . PRO A 1 30  ? -4.504  14.649  3.585   1.00 57.61 ? 172  PRO A N   1 
ATOM   200  C CA  . PRO A 1 30  ? -3.037  14.613  3.461   1.00 58.10 ? 172  PRO A CA  1 
ATOM   201  C C   . PRO A 1 30  ? -2.413  13.391  4.143   1.00 58.37 ? 172  PRO A C   1 
ATOM   202  O O   . PRO A 1 30  ? -1.614  12.688  3.524   1.00 58.67 ? 172  PRO A O   1 
ATOM   203  C CB  . PRO A 1 30  ? -2.585  15.912  4.153   1.00 58.28 ? 172  PRO A CB  1 
ATOM   204  C CG  . PRO A 1 30  ? -3.797  16.789  4.176   1.00 57.95 ? 172  PRO A CG  1 
ATOM   205  C CD  . PRO A 1 30  ? -4.940  15.833  4.348   1.00 57.58 ? 172  PRO A CD  1 
ATOM   206  N N   . GLU A 1 31  ? -2.803  13.128  5.389   1.00 58.73 ? 173  GLU A N   1 
ATOM   207  C CA  . GLU A 1 31  ? -2.264  11.997  6.157   1.00 58.77 ? 173  GLU A CA  1 
ATOM   208  C C   . GLU A 1 31  ? -2.675  10.638  5.607   1.00 58.81 ? 173  GLU A C   1 
ATOM   209  O O   . GLU A 1 31  ? -1.900  9.683   5.662   1.00 59.61 ? 173  GLU A O   1 
ATOM   210  C CB  . GLU A 1 31  ? -2.652  12.103  7.628   1.00 58.49 ? 173  GLU A CB  1 
ATOM   211  C CG  . GLU A 1 31  ? -1.791  13.052  8.425   1.00 58.96 ? 173  GLU A CG  1 
ATOM   212  C CD  . GLU A 1 31  ? -2.345  13.332  9.810   1.00 59.87 ? 173  GLU A CD  1 
ATOM   213  O OE1 . GLU A 1 31  ? -3.228  12.584  10.274  1.00 59.81 ? 173  GLU A OE1 1 
ATOM   214  O OE2 . GLU A 1 31  ? -1.900  14.314  10.439  1.00 61.70 ? 173  GLU A OE2 1 
ATOM   215  N N   . LEU A 1 32  ? -3.892  10.551  5.078   1.00 58.46 ? 174  LEU A N   1 
ATOM   216  C CA  . LEU A 1 32  ? -4.379  9.321   4.471   1.00 57.92 ? 174  LEU A CA  1 
ATOM   217  C C   . LEU A 1 32  ? -3.664  8.991   3.161   1.00 58.23 ? 174  LEU A C   1 
ATOM   218  O O   . LEU A 1 32  ? -3.435  7.812   2.847   1.00 57.48 ? 174  LEU A O   1 
ATOM   219  C CB  . LEU A 1 32  ? -5.888  9.410   4.245   1.00 57.84 ? 174  LEU A CB  1 
ATOM   220  C CG  . LEU A 1 32  ? -6.793  9.360   5.484   1.00 57.86 ? 174  LEU A CG  1 
ATOM   221  C CD1 . LEU A 1 32  ? -8.242  9.639   5.097   1.00 56.51 ? 174  LEU A CD1 1 
ATOM   222  C CD2 . LEU A 1 32  ? -6.660  8.010   6.204   1.00 56.80 ? 174  LEU A CD2 1 
ATOM   223  N N   . SER A 1 33  ? -3.326  10.033  2.398   1.00 58.31 ? 175  SER A N   1 
ATOM   224  C CA  . SER A 1 33  ? -2.572  9.867   1.156   1.00 58.87 ? 175  SER A CA  1 
ATOM   225  C C   . SER A 1 33  ? -1.144  9.381   1.419   1.00 58.57 ? 175  SER A C   1 
ATOM   226  O O   . SER A 1 33  ? -0.641  8.559   0.668   1.00 58.77 ? 175  SER A O   1 
ATOM   227  C CB  . SER A 1 33  ? -2.578  11.152  0.306   1.00 59.03 ? 175  SER A CB  1 
ATOM   228  O OG  . SER A 1 33  ? -3.851  11.344  -0.310  1.00 59.81 ? 175  SER A OG  1 
ATOM   229  N N   . TYR A 1 34  ? -0.518  9.874   2.494   1.00 58.43 ? 176  TYR A N   1 
ATOM   230  C CA  . TYR A 1 34  ? 0.802   9.401   2.923   1.00 58.07 ? 176  TYR A CA  1 
ATOM   231  C C   . TYR A 1 34  ? 0.849   7.891   3.146   1.00 57.43 ? 176  TYR A C   1 
ATOM   232  O O   . TYR A 1 34  ? 1.798   7.230   2.746   1.00 56.66 ? 176  TYR A O   1 
ATOM   233  C CB  . TYR A 1 34  ? 1.277   10.129  4.196   1.00 59.12 ? 176  TYR A CB  1 
ATOM   234  C CG  . TYR A 1 34  ? 1.614   11.599  4.005   1.00 60.28 ? 176  TYR A CG  1 
ATOM   235  C CD1 . TYR A 1 34  ? 1.897   12.112  2.734   1.00 61.47 ? 176  TYR A CD1 1 
ATOM   236  C CD2 . TYR A 1 34  ? 1.672   12.470  5.098   1.00 60.60 ? 176  TYR A CD2 1 
ATOM   237  C CE1 . TYR A 1 34  ? 2.203   13.455  2.551   1.00 62.92 ? 176  TYR A CE1 1 
ATOM   238  C CE2 . TYR A 1 34  ? 1.982   13.827  4.925   1.00 61.34 ? 176  TYR A CE2 1 
ATOM   239  C CZ  . TYR A 1 34  ? 2.248   14.309  3.648   1.00 62.16 ? 176  TYR A CZ  1 
ATOM   240  O OH  . TYR A 1 34  ? 2.571   15.639  3.441   1.00 62.33 ? 176  TYR A OH  1 
ATOM   241  N N   . ILE A 1 35  ? -0.191  7.348   3.772   1.00 57.19 ? 177  ILE A N   1 
ATOM   242  C CA  . ILE A 1 35  ? -0.228  5.927   4.095   1.00 57.44 ? 177  ILE A CA  1 
ATOM   243  C C   . ILE A 1 35  ? -0.459  5.059   2.849   1.00 57.30 ? 177  ILE A C   1 
ATOM   244  O O   . ILE A 1 35  ? -0.067  3.898   2.817   1.00 57.67 ? 177  ILE A O   1 
ATOM   245  C CB  . ILE A 1 35  ? -1.211  5.621   5.297   1.00 57.76 ? 177  ILE A CB  1 
ATOM   246  C CG1 . ILE A 1 35  ? -0.711  4.419   6.096   1.00 58.68 ? 177  ILE A CG1 1 
ATOM   247  C CG2 . ILE A 1 35  ? -2.668  5.438   4.839   1.00 58.53 ? 177  ILE A CG2 1 
ATOM   248  C CD1 . ILE A 1 35  ? -1.374  4.217   7.449   1.00 57.41 ? 177  ILE A CD1 1 
ATOM   249  N N   . MET A 1 36  ? -1.028  5.651   1.801   1.00 57.11 ? 178  MET A N   1 
ATOM   250  C CA  . MET A 1 36  ? -1.343  4.939   0.564   1.00 56.65 ? 178  MET A CA  1 
ATOM   251  C C   . MET A 1 36  ? -0.120  4.325   -0.104  1.00 56.27 ? 178  MET A C   1 
ATOM   252  O O   . MET A 1 36  ? -0.178  3.192   -0.594  1.00 56.25 ? 178  MET A O   1 
ATOM   253  C CB  . MET A 1 36  ? -1.996  5.890   -0.447  1.00 57.78 ? 178  MET A CB  1 
ATOM   254  C CG  . MET A 1 36  ? -3.351  6.409   -0.031  1.00 57.90 ? 178  MET A CG  1 
ATOM   255  S SD  . MET A 1 36  ? -4.326  5.039   0.454   1.00 62.00 ? 178  MET A SD  1 
ATOM   256  C CE  . MET A 1 36  ? -4.872  4.476   -1.159  1.00 62.05 ? 178  MET A CE  1 
ATOM   257  N N   . TYR A 1 37  ? 0.972   5.083   -0.148  1.00 54.35 ? 179  TYR A N   1 
ATOM   258  C CA  . TYR A 1 37  ? 2.144   4.646   -0.871  1.00 53.82 ? 179  TYR A CA  1 
ATOM   259  C C   . TYR A 1 37  ? 2.736   3.357   -0.331  1.00 53.00 ? 179  TYR A C   1 
ATOM   260  O O   . TYR A 1 37  ? 2.872   2.405   -1.093  1.00 53.15 ? 179  TYR A O   1 
ATOM   261  C CB  . TYR A 1 37  ? 3.206   5.750   -0.980  1.00 54.12 ? 179  TYR A CB  1 
ATOM   262  C CG  . TYR A 1 37  ? 4.490   5.291   -1.635  1.00 54.68 ? 179  TYR A CG  1 
ATOM   263  C CD1 . TYR A 1 37  ? 4.525   4.975   -2.999  1.00 54.46 ? 179  TYR A CD1 1 
ATOM   264  C CD2 . TYR A 1 37  ? 5.677   5.176   -0.897  1.00 54.84 ? 179  TYR A CD2 1 
ATOM   265  C CE1 . TYR A 1 37  ? 5.703   4.553   -3.612  1.00 53.66 ? 179  TYR A CE1 1 
ATOM   266  C CE2 . TYR A 1 37  ? 6.859   4.759   -1.502  1.00 54.97 ? 179  TYR A CE2 1 
ATOM   267  C CZ  . TYR A 1 37  ? 6.858   4.447   -2.861  1.00 54.78 ? 179  TYR A CZ  1 
ATOM   268  O OH  . TYR A 1 37  ? 8.018   4.031   -3.469  1.00 56.03 ? 179  TYR A OH  1 
ATOM   269  N N   . PRO A 1 38  ? 3.131   3.331   0.969   1.00 52.57 ? 180  PRO A N   1 
ATOM   270  C CA  . PRO A 1 38  ? 3.641   2.074   1.520   1.00 51.91 ? 180  PRO A CA  1 
ATOM   271  C C   . PRO A 1 38  ? 2.644   0.936   1.412   1.00 51.82 ? 180  PRO A C   1 
ATOM   272  O O   . PRO A 1 38  ? 3.048   -0.195  1.152   1.00 51.71 ? 180  PRO A O   1 
ATOM   273  C CB  . PRO A 1 38  ? 3.911   2.414   2.997   1.00 51.86 ? 180  PRO A CB  1 
ATOM   274  C CG  . PRO A 1 38  ? 3.193   3.684   3.248   1.00 51.45 ? 180  PRO A CG  1 
ATOM   275  C CD  . PRO A 1 38  ? 3.187   4.416   1.970   1.00 51.62 ? 180  PRO A CD  1 
ATOM   276  N N   . ILE A 1 39  ? 1.358   1.222   1.615   1.00 51.98 ? 181  ILE A N   1 
ATOM   277  C CA  . ILE A 1 39  ? 0.340   0.184   1.506   1.00 52.58 ? 181  ILE A CA  1 
ATOM   278  C C   . ILE A 1 39  ? 0.331   -0.426  0.094   1.00 52.93 ? 181  ILE A C   1 
ATOM   279  O O   . ILE A 1 39  ? 0.346   -1.647  -0.056  1.00 53.45 ? 181  ILE A O   1 
ATOM   280  C CB  . ILE A 1 39  ? -1.077  0.671   1.913   1.00 53.03 ? 181  ILE A CB  1 
ATOM   281  C CG1 . ILE A 1 39  ? -1.149  0.958   3.422   1.00 52.56 ? 181  ILE A CG1 1 
ATOM   282  C CG2 . ILE A 1 39  ? -2.144  -0.401  1.545   1.00 52.28 ? 181  ILE A CG2 1 
ATOM   283  C CD1 . ILE A 1 39  ? -2.482  1.569   3.889   1.00 52.39 ? 181  ILE A CD1 1 
ATOM   284  N N   . PHE A 1 40  ? 0.322   0.425   -0.927  1.00 53.03 ? 182  PHE A N   1 
ATOM   285  C CA  . PHE A 1 40  ? 0.460   -0.015  -2.321  1.00 52.85 ? 182  PHE A CA  1 
ATOM   286  C C   . PHE A 1 40  ? 1.675   -0.924  -2.527  1.00 52.50 ? 182  PHE A C   1 
ATOM   287  O O   . PHE A 1 40  ? 1.546   -2.006  -3.077  1.00 52.65 ? 182  PHE A O   1 
ATOM   288  C CB  . PHE A 1 40  ? 0.565   1.198   -3.254  1.00 53.02 ? 182  PHE A CB  1 
ATOM   289  C CG  . PHE A 1 40  ? 1.058   0.852   -4.636  1.00 54.39 ? 182  PHE A CG  1 
ATOM   290  C CD1 . PHE A 1 40  ? 0.191   0.327   -5.586  1.00 53.49 ? 182  PHE A CD1 1 
ATOM   291  C CD2 . PHE A 1 40  ? 2.392   1.024   -4.976  1.00 53.79 ? 182  PHE A CD2 1 
ATOM   292  C CE1 . PHE A 1 40  ? 0.656   -0.011  -6.843  1.00 54.00 ? 182  PHE A CE1 1 
ATOM   293  C CE2 . PHE A 1 40  ? 2.863   0.678   -6.232  1.00 53.10 ? 182  PHE A CE2 1 
ATOM   294  C CZ  . PHE A 1 40  ? 1.998   0.165   -7.165  1.00 53.14 ? 182  PHE A CZ  1 
ATOM   295  N N   . ILE A 1 41  ? 2.848   -0.481  -2.070  1.00 52.40 ? 183  ILE A N   1 
ATOM   296  C CA  . ILE A 1 41  ? 4.101   -1.215  -2.269  1.00 52.08 ? 183  ILE A CA  1 
ATOM   297  C C   . ILE A 1 41  ? 4.090   -2.598  -1.614  1.00 52.31 ? 183  ILE A C   1 
ATOM   298  O O   . ILE A 1 41  ? 4.489   -3.582  -2.235  1.00 52.45 ? 183  ILE A O   1 
ATOM   299  C CB  . ILE A 1 41  ? 5.319   -0.399  -1.756  1.00 52.36 ? 183  ILE A CB  1 
ATOM   300  C CG1 . ILE A 1 41  ? 5.417   0.947   -2.492  1.00 53.33 ? 183  ILE A CG1 1 
ATOM   301  C CG2 . ILE A 1 41  ? 6.627   -1.207  -1.863  1.00 50.65 ? 183  ILE A CG2 1 
ATOM   302  C CD1 . ILE A 1 41  ? 5.908   0.863   -3.938  1.00 54.20 ? 183  ILE A CD1 1 
ATOM   303  N N   . TYR A 1 42  ? 3.652   -2.670  -0.359  1.00 51.89 ? 184  TYR A N   1 
ATOM   304  C CA  . TYR A 1 42  ? 3.595   -3.950  0.354   1.00 51.92 ? 184  TYR A CA  1 
ATOM   305  C C   . TYR A 1 42  ? 2.539   -4.916  -0.213  1.00 51.95 ? 184  TYR A C   1 
ATOM   306  O O   . TYR A 1 42  ? 2.762   -6.125  -0.267  1.00 52.06 ? 184  TYR A O   1 
ATOM   307  C CB  . TYR A 1 42  ? 3.446   -3.735  1.878   1.00 51.10 ? 184  TYR A CB  1 
ATOM   308  C CG  . TYR A 1 42  ? 4.675   -3.118  2.514   1.00 50.26 ? 184  TYR A CG  1 
ATOM   309  C CD1 . TYR A 1 42  ? 5.832   -3.871  2.712   1.00 49.99 ? 184  TYR A CD1 1 
ATOM   310  C CD2 . TYR A 1 42  ? 4.687   -1.782  2.916   1.00 49.06 ? 184  TYR A CD2 1 
ATOM   311  C CE1 . TYR A 1 42  ? 6.981   -3.314  3.290   1.00 50.08 ? 184  TYR A CE1 1 
ATOM   312  C CE2 . TYR A 1 42  ? 5.839   -1.207  3.490   1.00 49.96 ? 184  TYR A CE2 1 
ATOM   313  C CZ  . TYR A 1 42  ? 6.979   -1.982  3.668   1.00 50.37 ? 184  TYR A CZ  1 
ATOM   314  O OH  . TYR A 1 42  ? 8.111   -1.436  4.240   1.00 51.17 ? 184  TYR A OH  1 
ATOM   315  N N   . LEU A 1 43  ? 1.395   -4.385  -0.634  1.00 51.80 ? 185  LEU A N   1 
ATOM   316  C CA  . LEU A 1 43  ? 0.405   -5.197  -1.339  1.00 52.21 ? 185  LEU A CA  1 
ATOM   317  C C   . LEU A 1 43  ? 1.024   -5.799  -2.618  1.00 52.10 ? 185  LEU A C   1 
ATOM   318  O O   . LEU A 1 43  ? 0.900   -7.001  -2.872  1.00 51.99 ? 185  LEU A O   1 
ATOM   319  C CB  . LEU A 1 43  ? -0.875  -4.385  -1.640  1.00 52.03 ? 185  LEU A CB  1 
ATOM   320  C CG  . LEU A 1 43  ? -1.817  -4.136  -0.444  1.00 53.76 ? 185  LEU A CG  1 
ATOM   321  C CD1 . LEU A 1 43  ? -3.057  -3.319  -0.832  1.00 53.99 ? 185  LEU A CD1 1 
ATOM   322  C CD2 . LEU A 1 43  ? -2.222  -5.454  0.221   1.00 52.41 ? 185  LEU A CD2 1 
ATOM   323  N N   . PHE A 1 44  ? 1.715   -4.954  -3.386  1.00 52.25 ? 186  PHE A N   1 
ATOM   324  C CA  . PHE A 1 44  ? 2.409   -5.355  -4.614  1.00 52.21 ? 186  PHE A CA  1 
ATOM   325  C C   . PHE A 1 44  ? 3.509   -6.424  -4.422  1.00 52.58 ? 186  PHE A C   1 
ATOM   326  O O   . PHE A 1 44  ? 3.599   -7.385  -5.197  1.00 52.76 ? 186  PHE A O   1 
ATOM   327  C CB  . PHE A 1 44  ? 3.007   -4.119  -5.296  1.00 52.14 ? 186  PHE A CB  1 
ATOM   328  C CG  . PHE A 1 44  ? 4.020   -4.442  -6.367  1.00 50.44 ? 186  PHE A CG  1 
ATOM   329  C CD1 . PHE A 1 44  ? 3.624   -4.993  -7.583  1.00 50.00 ? 186  PHE A CD1 1 
ATOM   330  C CD2 . PHE A 1 44  ? 5.368   -4.201  -6.154  1.00 49.52 ? 186  PHE A CD2 1 
ATOM   331  C CE1 . PHE A 1 44  ? 4.576   -5.286  -8.585  1.00 49.55 ? 186  PHE A CE1 1 
ATOM   332  C CE2 . PHE A 1 44  ? 6.325   -4.496  -7.148  1.00 50.48 ? 186  PHE A CE2 1 
ATOM   333  C CZ  . PHE A 1 44  ? 5.922   -5.033  -8.355  1.00 49.82 ? 186  PHE A CZ  1 
ATOM   334  N N   . LEU A 1 45  ? 4.360   -6.232  -3.428  1.00 52.63 ? 187  LEU A N   1 
ATOM   335  C CA  . LEU A 1 45  ? 5.405   -7.204  -3.116  1.00 53.33 ? 187  LEU A CA  1 
ATOM   336  C C   . LEU A 1 45  ? 4.842   -8.578  -2.752  1.00 53.66 ? 187  LEU A C   1 
ATOM   337  O O   . LEU A 1 45  ? 5.299   -9.592  -3.272  1.00 53.32 ? 187  LEU A O   1 
ATOM   338  C CB  . LEU A 1 45  ? 6.323   -6.679  -2.012  1.00 53.05 ? 187  LEU A CB  1 
ATOM   339  C CG  . LEU A 1 45  ? 7.176   -5.465  -2.390  1.00 53.82 ? 187  LEU A CG  1 
ATOM   340  C CD1 . LEU A 1 45  ? 8.067   -5.074  -1.210  1.00 53.28 ? 187  LEU A CD1 1 
ATOM   341  C CD2 . LEU A 1 45  ? 8.017   -5.743  -3.637  1.00 52.74 ? 187  LEU A CD2 1 
ATOM   342  N N   . ASN A 1 46  ? 3.852   -8.594  -1.860  1.00 54.85 ? 188  ASN A N   1 
ATOM   343  C CA  . ASN A 1 46  ? 3.042   -9.792  -1.583  1.00 55.91 ? 188  ASN A CA  1 
ATOM   344  C C   . ASN A 1 46  ? 2.467   -10.468 -2.825  1.00 55.63 ? 188  ASN A C   1 
ATOM   345  O O   . ASN A 1 46  ? 2.515   -11.695 -2.942  1.00 56.18 ? 188  ASN A O   1 
ATOM   346  C CB  . ASN A 1 46  ? 1.882   -9.458  -0.642  1.00 56.35 ? 188  ASN A CB  1 
ATOM   347  C CG  . ASN A 1 46  ? 2.328   -9.176  0.764   1.00 58.75 ? 188  ASN A CG  1 
ATOM   348  O OD1 . ASN A 1 46  ? 1.585   -8.552  1.540   1.00 64.37 ? 188  ASN A OD1 1 
ATOM   349  N ND2 . ASN A 1 46  ? 3.531   -9.638  1.128   1.00 58.38 ? 188  ASN A ND2 1 
ATOM   350  N N   . LEU A 1 47  ? 1.918   -9.671  -3.741  1.00 55.40 ? 189  LEU A N   1 
ATOM   351  C CA  . LEU A 1 47  ? 1.335   -10.197 -4.987  1.00 54.96 ? 189  LEU A CA  1 
ATOM   352  C C   . LEU A 1 47  ? 2.336   -10.770 -5.974  1.00 54.74 ? 189  LEU A C   1 
ATOM   353  O O   . LEU A 1 47  ? 2.020   -11.716 -6.706  1.00 54.61 ? 189  LEU A O   1 
ATOM   354  C CB  . LEU A 1 47  ? 0.535   -9.119  -5.712  1.00 54.93 ? 189  LEU A CB  1 
ATOM   355  C CG  . LEU A 1 47  ? -0.962  -8.997  -5.467  1.00 55.49 ? 189  LEU A CG  1 
ATOM   356  C CD1 . LEU A 1 47  ? -1.471  -7.872  -6.364  1.00 55.15 ? 189  LEU A CD1 1 
ATOM   357  C CD2 . LEU A 1 47  ? -1.736  -10.309 -5.724  1.00 53.52 ? 189  LEU A CD2 1 
ATOM   358  N N   . VAL A 1 48  ? 3.514   -10.160 -6.038  1.00 54.51 ? 190  VAL A N   1 
ATOM   359  C CA  . VAL A 1 48  ? 4.601   -10.656 -6.881  1.00 54.85 ? 190  VAL A CA  1 
ATOM   360  C C   . VAL A 1 48  ? 4.934   -12.114 -6.541  1.00 55.06 ? 190  VAL A C   1 
ATOM   361  O O   . VAL A 1 48  ? 5.120   -12.943 -7.436  1.00 55.41 ? 190  VAL A O   1 
ATOM   362  C CB  . VAL A 1 48  ? 5.855   -9.755  -6.774  1.00 54.99 ? 190  VAL A CB  1 
ATOM   363  C CG1 . VAL A 1 48  ? 7.087   -10.448 -7.351  1.00 54.86 ? 190  VAL A CG1 1 
ATOM   364  C CG2 . VAL A 1 48  ? 5.611   -8.450  -7.499  1.00 54.48 ? 190  VAL A CG2 1 
ATOM   365  N N   . ALA A 1 49  ? 4.981   -12.413 -5.245  1.00 54.98 ? 191  ALA A N   1 
ATOM   366  C CA  . ALA A 1 49  ? 5.243   -13.757 -4.752  1.00 54.86 ? 191  ALA A CA  1 
ATOM   367  C C   . ALA A 1 49  ? 4.098   -14.720 -5.058  1.00 54.77 ? 191  ALA A C   1 
ATOM   368  O O   . ALA A 1 49  ? 4.336   -15.898 -5.326  1.00 54.96 ? 191  ALA A O   1 
ATOM   369  C CB  . ALA A 1 49  ? 5.531   -13.719 -3.240  1.00 54.76 ? 191  ALA A CB  1 
ATOM   370  N N   . LYS A 1 50  ? 2.862   -14.219 -5.018  1.00 54.56 ? 192  LYS A N   1 
ATOM   371  C CA  . LYS A 1 50  ? 1.674   -15.061 -5.187  1.00 54.51 ? 192  LYS A CA  1 
ATOM   372  C C   . LYS A 1 50  ? 1.300   -15.289 -6.653  1.00 54.24 ? 192  LYS A C   1 
ATOM   373  O O   . LYS A 1 50  ? 1.177   -16.435 -7.100  1.00 53.97 ? 192  LYS A O   1 
ATOM   374  C CB  . LYS A 1 50  ? 0.478   -14.470 -4.442  1.00 54.83 ? 192  LYS A CB  1 
ATOM   375  C CG  . LYS A 1 50  ? 0.545   -14.635 -2.937  1.00 56.09 ? 192  LYS A CG  1 
ATOM   376  C CD  . LYS A 1 50  ? -0.735  -14.140 -2.287  1.00 59.32 ? 192  LYS A CD  1 
ATOM   377  C CE  . LYS A 1 50  ? -0.877  -14.703 -0.869  1.00 60.94 ? 192  LYS A CE  1 
ATOM   378  N NZ  . LYS A 1 50  ? 0.293   -14.338 -0.012  1.00 62.10 ? 192  LYS A NZ  1 
ATOM   379  N N   . ASN A 1 51  ? 1.115   -14.188 -7.384  1.00 53.83 ? 193  ASN A N   1 
ATOM   380  C CA  . ASN A 1 51  ? 0.646   -14.214 -8.766  1.00 53.31 ? 193  ASN A CA  1 
ATOM   381  C C   . ASN A 1 51  ? 1.210   -13.003 -9.515  1.00 52.82 ? 193  ASN A C   1 
ATOM   382  O O   . ASN A 1 51  ? 0.678   -11.896 -9.399  1.00 52.55 ? 193  ASN A O   1 
ATOM   383  C CB  . ASN A 1 51  ? -0.904  -14.231 -8.796  1.00 53.39 ? 193  ASN A CB  1 
ATOM   384  C CG  . ASN A 1 51  ? -1.479  -14.547 -10.181 1.00 52.72 ? 193  ASN A CG  1 
ATOM   385  O OD1 . ASN A 1 51  ? -1.074  -13.969 -11.185 1.00 52.18 ? 193  ASN A OD1 1 
ATOM   386  N ND2 . ASN A 1 51  ? -2.441  -15.461 -10.225 1.00 53.05 ? 193  ASN A ND2 1 
ATOM   387  N N   . PRO A 1 52  ? 2.313   -13.203 -10.262 1.00 52.75 ? 194  PRO A N   1 
ATOM   388  C CA  . PRO A 1 52  ? 2.959   -12.141 -11.030 1.00 52.49 ? 194  PRO A CA  1 
ATOM   389  C C   . PRO A 1 52  ? 2.073   -11.460 -12.094 1.00 52.31 ? 194  PRO A C   1 
ATOM   390  O O   . PRO A 1 52  ? 2.268   -10.268 -12.374 1.00 52.20 ? 194  PRO A O   1 
ATOM   391  C CB  . PRO A 1 52  ? 4.127   -12.870 -11.699 1.00 53.05 ? 194  PRO A CB  1 
ATOM   392  C CG  . PRO A 1 52  ? 4.405   -14.030 -10.797 1.00 52.96 ? 194  PRO A CG  1 
ATOM   393  C CD  . PRO A 1 52  ? 3.043   -14.476 -10.397 1.00 52.81 ? 194  PRO A CD  1 
ATOM   394  N N   . VAL A 1 53  ? 1.134   -12.199 -12.692 1.00 51.85 ? 195  VAL A N   1 
ATOM   395  C CA  . VAL A 1 53  ? 0.207   -11.602 -13.648 1.00 51.42 ? 195  VAL A CA  1 
ATOM   396  C C   . VAL A 1 53  ? -0.660  -10.549 -12.947 1.00 51.57 ? 195  VAL A C   1 
ATOM   397  O O   . VAL A 1 53  ? -0.811  -9.442  -13.453 1.00 51.25 ? 195  VAL A O   1 
ATOM   398  C CB  . VAL A 1 53  ? -0.658  -12.658 -14.390 1.00 51.62 ? 195  VAL A CB  1 
ATOM   399  C CG1 . VAL A 1 53  ? -1.849  -11.999 -15.066 1.00 51.88 ? 195  VAL A CG1 1 
ATOM   400  C CG2 . VAL A 1 53  ? 0.175   -13.418 -15.434 1.00 50.82 ? 195  VAL A CG2 1 
ATOM   401  N N   . TYR A 1 54  ? -1.195  -10.890 -11.772 1.00 51.57 ? 196  TYR A N   1 
ATOM   402  C CA  . TYR A 1 54  ? -1.991  -9.950  -10.993 1.00 52.03 ? 196  TYR A CA  1 
ATOM   403  C C   . TYR A 1 54  ? -1.172  -8.803  -10.438 1.00 51.60 ? 196  TYR A C   1 
ATOM   404  O O   . TYR A 1 54  ? -1.622  -7.660  -10.454 1.00 51.86 ? 196  TYR A O   1 
ATOM   405  C CB  . TYR A 1 54  ? -2.774  -10.658 -9.869  1.00 53.43 ? 196  TYR A CB  1 
ATOM   406  C CG  . TYR A 1 54  ? -4.111  -11.171 -10.349 1.00 55.16 ? 196  TYR A CG  1 
ATOM   407  C CD1 . TYR A 1 54  ? -5.162  -10.284 -10.603 1.00 57.24 ? 196  TYR A CD1 1 
ATOM   408  C CD2 . TYR A 1 54  ? -4.317  -12.533 -10.600 1.00 56.68 ? 196  TYR A CD2 1 
ATOM   409  C CE1 . TYR A 1 54  ? -6.401  -10.740 -11.072 1.00 58.16 ? 196  TYR A CE1 1 
ATOM   410  C CE2 . TYR A 1 54  ? -5.555  -13.008 -11.076 1.00 57.02 ? 196  TYR A CE2 1 
ATOM   411  C CZ  . TYR A 1 54  ? -6.594  -12.102 -11.301 1.00 57.42 ? 196  TYR A CZ  1 
ATOM   412  O OH  . TYR A 1 54  ? -7.822  -12.535 -11.771 1.00 57.89 ? 196  TYR A OH  1 
ATOM   413  N N   . ALA A 1 55  ? 0.028   -9.115  -9.951  1.00 50.65 ? 197  ALA A N   1 
ATOM   414  C CA  . ALA A 1 55  ? 0.949   -8.116  -9.418  1.00 50.43 ? 197  ALA A CA  1 
ATOM   415  C C   . ALA A 1 55  ? 1.221   -7.032  -10.448 1.00 50.21 ? 197  ALA A C   1 
ATOM   416  O O   . ALA A 1 55  ? 1.175   -5.847  -10.109 1.00 50.43 ? 197  ALA A O   1 
ATOM   417  C CB  . ALA A 1 55  ? 2.261   -8.767  -8.980  1.00 49.85 ? 197  ALA A CB  1 
ATOM   418  N N   . ARG A 1 56  ? 1.494   -7.451  -11.691 1.00 49.18 ? 198  ARG A N   1 
ATOM   419  C CA  . ARG A 1 56  ? 1.676   -6.543  -12.822 1.00 49.33 ? 198  ARG A CA  1 
ATOM   420  C C   . ARG A 1 56  ? 0.509   -5.577  -13.045 1.00 48.79 ? 198  ARG A C   1 
ATOM   421  O O   . ARG A 1 56  ? 0.725   -4.373  -13.158 1.00 48.79 ? 198  ARG A O   1 
ATOM   422  C CB  . ARG A 1 56  ? 1.917   -7.335  -14.120 1.00 49.30 ? 198  ARG A CB  1 
ATOM   423  C CG  . ARG A 1 56  ? 3.354   -7.719  -14.362 1.00 49.80 ? 198  ARG A CG  1 
ATOM   424  C CD  . ARG A 1 56  ? 3.526   -8.328  -15.772 1.00 50.11 ? 198  ARG A CD  1 
ATOM   425  N NE  . ARG A 1 56  ? 3.808   -9.760  -15.714 1.00 51.19 ? 198  ARG A NE  1 
ATOM   426  C CZ  . ARG A 1 56  ? 3.109   -10.713 -16.329 1.00 51.51 ? 198  ARG A CZ  1 
ATOM   427  N NH1 . ARG A 1 56  ? 2.063   -10.423 -17.107 1.00 50.22 ? 198  ARG A NH1 1 
ATOM   428  N NH2 . ARG A 1 56  ? 3.483   -11.977 -16.174 1.00 52.11 ? 198  ARG A NH2 1 
ATOM   429  N N   . ARG A 1 57  ? -0.708  -6.111  -13.142 1.00 48.05 ? 199  ARG A N   1 
ATOM   430  C CA  . ARG A 1 57  ? -1.899  -5.301  -13.398 1.00 48.84 ? 199  ARG A CA  1 
ATOM   431  C C   . ARG A 1 57  ? -2.145  -4.344  -12.232 1.00 48.14 ? 199  ARG A C   1 
ATOM   432  O O   . ARG A 1 57  ? -2.525  -3.186  -12.424 1.00 48.07 ? 199  ARG A O   1 
ATOM   433  C CB  . ARG A 1 57  ? -3.150  -6.176  -13.570 1.00 48.01 ? 199  ARG A CB  1 
ATOM   434  C CG  . ARG A 1 57  ? -3.170  -7.061  -14.780 1.00 50.88 ? 199  ARG A CG  1 
ATOM   435  C CD  . ARG A 1 57  ? -4.476  -7.863  -14.824 1.00 50.88 ? 199  ARG A CD  1 
ATOM   436  N NE  . ARG A 1 57  ? -5.648  -7.068  -15.208 1.00 53.80 ? 199  ARG A NE  1 
ATOM   437  C CZ  . ARG A 1 57  ? -6.905  -7.522  -15.202 1.00 54.22 ? 199  ARG A CZ  1 
ATOM   438  N NH1 . ARG A 1 57  ? -7.170  -8.774  -14.833 1.00 54.01 ? 199  ARG A NH1 1 
ATOM   439  N NH2 . ARG A 1 57  ? -7.904  -6.725  -15.571 1.00 53.27 ? 199  ARG A NH2 1 
ATOM   440  N N   . PHE A 1 58  ? -1.968  -4.867  -11.022 1.00 47.78 ? 200  PHE A N   1 
ATOM   441  C CA  . PHE A 1 58  ? -2.076  -4.074  -9.811  1.00 47.67 ? 200  PHE A CA  1 
ATOM   442  C C   . PHE A 1 58  ? -1.055  -2.934  -9.848  1.00 47.07 ? 200  PHE A C   1 
ATOM   443  O O   . PHE A 1 58  ? -1.415  -1.780  -9.665  1.00 46.67 ? 200  PHE A O   1 
ATOM   444  C CB  . PHE A 1 58  ? -1.916  -4.972  -8.574  1.00 47.39 ? 200  PHE A CB  1 
ATOM   445  C CG  . PHE A 1 58  ? -1.995  -4.232  -7.259  1.00 49.07 ? 200  PHE A CG  1 
ATOM   446  C CD1 . PHE A 1 58  ? -3.229  -4.022  -6.635  1.00 49.02 ? 200  PHE A CD1 1 
ATOM   447  C CD2 . PHE A 1 58  ? -0.830  -3.747  -6.644  1.00 48.24 ? 200  PHE A CD2 1 
ATOM   448  C CE1 . PHE A 1 58  ? -3.301  -3.341  -5.413  1.00 50.84 ? 200  PHE A CE1 1 
ATOM   449  C CE2 . PHE A 1 58  ? -0.899  -3.061  -5.428  1.00 50.14 ? 200  PHE A CE2 1 
ATOM   450  C CZ  . PHE A 1 58  ? -2.134  -2.862  -4.804  1.00 48.49 ? 200  PHE A CZ  1 
ATOM   451  N N   . PHE A 1 59  ? 0.203   -3.259  -10.123 1.00 47.62 ? 201  PHE A N   1 
ATOM   452  C CA  . PHE A 1 59  ? 1.268   -2.243  -10.216 1.00 48.01 ? 201  PHE A CA  1 
ATOM   453  C C   . PHE A 1 59  ? 0.963   -1.157  -11.247 1.00 48.55 ? 201  PHE A C   1 
ATOM   454  O O   . PHE A 1 59  ? 1.077   0.027   -10.941 1.00 48.55 ? 201  PHE A O   1 
ATOM   455  C CB  . PHE A 1 59  ? 2.618   -2.871  -10.531 1.00 47.53 ? 201  PHE A CB  1 
ATOM   456  C CG  . PHE A 1 59  ? 3.782   -1.928  -10.332 1.00 48.06 ? 201  PHE A CG  1 
ATOM   457  C CD1 . PHE A 1 59  ? 4.365   -1.778  -9.074  1.00 48.31 ? 201  PHE A CD1 1 
ATOM   458  C CD2 . PHE A 1 59  ? 4.275   -1.170  -11.387 1.00 46.68 ? 201  PHE A CD2 1 
ATOM   459  C CE1 . PHE A 1 59  ? 5.436   -0.899  -8.874  1.00 48.38 ? 201  PHE A CE1 1 
ATOM   460  C CE2 . PHE A 1 59  ? 5.342   -0.299  -11.194 1.00 47.92 ? 201  PHE A CE2 1 
ATOM   461  C CZ  . PHE A 1 59  ? 5.922   -0.169  -9.928  1.00 47.77 ? 201  PHE A CZ  1 
ATOM   462  N N   . ASP A 1 60  ? 0.555   -1.568  -12.451 1.00 49.00 ? 202  ASP A N   1 
ATOM   463  C CA  . ASP A 1 60  ? 0.358   -0.648  -13.575 1.00 49.39 ? 202  ASP A CA  1 
ATOM   464  C C   . ASP A 1 60  ? -0.892  0.226   -13.412 1.00 49.65 ? 202  ASP A C   1 
ATOM   465  O O   . ASP A 1 60  ? -0.948  1.325   -13.963 1.00 48.75 ? 202  ASP A O   1 
ATOM   466  C CB  . ASP A 1 60  ? 0.318   -1.410  -14.912 1.00 49.25 ? 202  ASP A CB  1 
ATOM   467  C CG  . ASP A 1 60  ? 1.642   -2.088  -15.248 1.00 50.07 ? 202  ASP A CG  1 
ATOM   468  O OD1 . ASP A 1 60  ? 2.654   -1.806  -14.576 1.00 51.52 ? 202  ASP A OD1 1 
ATOM   469  O OD2 . ASP A 1 60  ? 1.673   -2.904  -16.196 1.00 50.18 ? 202  ASP A OD2 1 
ATOM   470  N N   . ARG A 1 61  ? -1.876  -0.261  -12.644 1.00 50.50 ? 203  ARG A N   1 
ATOM   471  C CA  . ARG A 1 61  ? -3.096  0.520   -12.375 1.00 51.94 ? 203  ARG A CA  1 
ATOM   472  C C   . ARG A 1 61  ? -2.867  1.635   -11.350 1.00 51.11 ? 203  ARG A C   1 
ATOM   473  O O   . ARG A 1 61  ? -3.252  2.787   -11.584 1.00 50.78 ? 203  ARG A O   1 
ATOM   474  C CB  . ARG A 1 61  ? -4.303  -0.367  -11.949 1.00 51.85 ? 203  ARG A CB  1 
ATOM   475  C CG  . ARG A 1 61  ? -5.675  0.328   -12.216 1.00 53.92 ? 203  ARG A CG  1 
ATOM   476  C CD  . ARG A 1 61  ? -6.858  -0.305  -11.483 1.00 55.34 ? 203  ARG A CD  1 
ATOM   477  N NE  . ARG A 1 61  ? -7.843  0.682   -11.000 1.00 61.39 ? 203  ARG A NE  1 
ATOM   478  C CZ  . ARG A 1 61  ? -8.976  0.379   -10.347 1.00 63.96 ? 203  ARG A CZ  1 
ATOM   479  N NH1 . ARG A 1 61  ? -9.306  -0.882  -10.107 1.00 65.19 ? 203  ARG A NH1 1 
ATOM   480  N NH2 . ARG A 1 61  ? -9.807  1.335   -9.937  1.00 64.00 ? 203  ARG A NH2 1 
ATOM   481  N N   . PHE A 1 62  ? -2.238  1.296   -10.227 1.00 51.26 ? 204  PHE A N   1 
ATOM   482  C CA  . PHE A 1 62  ? -2.125  2.237   -9.099  1.00 51.73 ? 204  PHE A CA  1 
ATOM   483  C C   . PHE A 1 62  ? -0.795  2.977   -8.936  1.00 52.84 ? 204  PHE A C   1 
ATOM   484  O O   . PHE A 1 62  ? -0.742  3.979   -8.227  1.00 53.44 ? 204  PHE A O   1 
ATOM   485  C CB  . PHE A 1 62  ? -2.507  1.558   -7.777  1.00 51.40 ? 204  PHE A CB  1 
ATOM   486  C CG  . PHE A 1 62  ? -3.887  0.985   -7.777  1.00 48.51 ? 204  PHE A CG  1 
ATOM   487  C CD1 . PHE A 1 62  ? -4.994  1.815   -7.891  1.00 48.31 ? 204  PHE A CD1 1 
ATOM   488  C CD2 . PHE A 1 62  ? -4.075  -0.386  -7.694  1.00 47.22 ? 204  PHE A CD2 1 
ATOM   489  C CE1 . PHE A 1 62  ? -6.298  1.280   -7.905  1.00 48.97 ? 204  PHE A CE1 1 
ATOM   490  C CE2 . PHE A 1 62  ? -5.345  -0.938  -7.696  1.00 45.59 ? 204  PHE A CE2 1 
ATOM   491  C CZ  . PHE A 1 62  ? -6.462  -0.105  -7.815  1.00 49.29 ? 204  PHE A CZ  1 
ATOM   492  N N   . SER A 1 63  ? 0.271   2.497   -9.573  1.00 53.64 ? 205  SER A N   1 
ATOM   493  C CA  . SER A 1 63  ? 1.576   3.149   -9.448  1.00 54.43 ? 205  SER A CA  1 
ATOM   494  C C   . SER A 1 63  ? 1.645   4.557   -10.068 1.00 55.32 ? 205  SER A C   1 
ATOM   495  O O   . SER A 1 63  ? 2.490   5.349   -9.647  1.00 55.70 ? 205  SER A O   1 
ATOM   496  C CB  . SER A 1 63  ? 2.703   2.287   -10.035 1.00 54.53 ? 205  SER A CB  1 
ATOM   497  O OG  . SER A 1 63  ? 2.581   2.161   -11.438 1.00 52.73 ? 205  SER A OG  1 
ATOM   498  N N   . PRO A 1 64  ? 0.818   4.861   -11.099 1.00 55.64 ? 206  PRO A N   1 
ATOM   499  C CA  . PRO A 1 64  ? 0.806   6.251   -11.582 1.00 56.22 ? 206  PRO A CA  1 
ATOM   500  C C   . PRO A 1 64  ? 0.385   7.293   -10.533 1.00 56.60 ? 206  PRO A C   1 
ATOM   501  O O   . PRO A 1 64  ? 0.654   8.482   -10.709 1.00 56.40 ? 206  PRO A O   1 
ATOM   502  C CB  . PRO A 1 64  ? -0.187  6.215   -12.766 1.00 56.02 ? 206  PRO A CB  1 
ATOM   503  C CG  . PRO A 1 64  ? -0.189  4.797   -13.217 1.00 55.37 ? 206  PRO A CG  1 
ATOM   504  C CD  . PRO A 1 64  ? -0.057  4.006   -11.929 1.00 55.85 ? 206  PRO A CD  1 
ATOM   505  N N   . ASP A 1 65  ? -0.245  6.849   -9.450  1.00 57.42 ? 207  ASP A N   1 
ATOM   506  C CA  . ASP A 1 65  ? -0.654  7.747   -8.368  1.00 58.30 ? 207  ASP A CA  1 
ATOM   507  C C   . ASP A 1 65  ? 0.515   8.294   -7.537  1.00 58.93 ? 207  ASP A C   1 
ATOM   508  O O   . ASP A 1 65  ? 0.338   9.234   -6.766  1.00 59.18 ? 207  ASP A O   1 
ATOM   509  C CB  . ASP A 1 65  ? -1.629  7.031   -7.438  1.00 58.82 ? 207  ASP A CB  1 
ATOM   510  C CG  . ASP A 1 65  ? -2.869  6.560   -8.154  1.00 59.31 ? 207  ASP A CG  1 
ATOM   511  O OD1 . ASP A 1 65  ? -3.099  6.992   -9.293  1.00 59.73 ? 207  ASP A OD1 1 
ATOM   512  O OD2 . ASP A 1 65  ? -3.618  5.756   -7.573  1.00 62.44 ? 207  ASP A OD2 1 
ATOM   513  N N   . PHE A 1 66  ? 1.700   7.714   -7.702  1.00 59.34 ? 208  PHE A N   1 
ATOM   514  C CA  . PHE A 1 66  ? 2.839   8.024   -6.846  1.00 60.10 ? 208  PHE A CA  1 
ATOM   515  C C   . PHE A 1 66  ? 4.029   8.517   -7.644  1.00 61.19 ? 208  PHE A C   1 
ATOM   516  O O   . PHE A 1 66  ? 5.157   8.465   -7.162  1.00 61.72 ? 208  PHE A O   1 
ATOM   517  C CB  . PHE A 1 66  ? 3.236   6.787   -6.019  1.00 59.89 ? 208  PHE A CB  1 
ATOM   518  C CG  . PHE A 1 66  ? 2.087   6.153   -5.295  1.00 58.17 ? 208  PHE A CG  1 
ATOM   519  C CD1 . PHE A 1 66  ? 1.533   6.768   -4.179  1.00 57.14 ? 208  PHE A CD1 1 
ATOM   520  C CD2 . PHE A 1 66  ? 1.536   4.959   -5.749  1.00 57.47 ? 208  PHE A CD2 1 
ATOM   521  C CE1 . PHE A 1 66  ? 0.464   6.210   -3.523  1.00 56.38 ? 208  PHE A CE1 1 
ATOM   522  C CE2 . PHE A 1 66  ? 0.446   4.385   -5.100  1.00 57.34 ? 208  PHE A CE2 1 
ATOM   523  C CZ  . PHE A 1 66  ? -0.084  5.002   -3.980  1.00 58.48 ? 208  PHE A CZ  1 
ATOM   524  N N   . LYS A 1 67  ? 3.777   9.000   -8.862  1.00 62.29 ? 209  LYS A N   1 
ATOM   525  C CA  . LYS A 1 67  ? 4.849   9.392   -9.766  1.00 63.12 ? 209  LYS A CA  1 
ATOM   526  C C   . LYS A 1 67  ? 5.457   10.758  -9.435  1.00 63.22 ? 209  LYS A C   1 
ATOM   527  O O   . LYS A 1 67  ? 6.629   10.995  -9.740  1.00 63.16 ? 209  LYS A O   1 
ATOM   528  C CB  . LYS A 1 67  ? 4.389   9.348   -11.230 1.00 63.24 ? 209  LYS A CB  1 
ATOM   529  C CG  . LYS A 1 67  ? 4.157   7.934   -11.768 1.00 64.14 ? 209  LYS A CG  1 
ATOM   530  C CD  . LYS A 1 67  ? 4.159   7.891   -13.310 1.00 64.07 ? 209  LYS A CD  1 
ATOM   531  C CE  . LYS A 1 67  ? 3.763   6.509   -13.864 1.00 64.62 ? 209  LYS A CE  1 
ATOM   532  N NZ  . LYS A 1 67  ? 4.250   5.335   -13.050 1.00 64.27 ? 209  LYS A NZ  1 
ATOM   533  N N   . ASP A 1 68  ? 4.667   11.641  -8.820  1.00 63.48 ? 210  ASP A N   1 
ATOM   534  C CA  . ASP A 1 68  ? 5.143   12.985  -8.455  1.00 63.49 ? 210  ASP A CA  1 
ATOM   535  C C   . ASP A 1 68  ? 6.206   12.900  -7.373  1.00 63.28 ? 210  ASP A C   1 
ATOM   536  O O   . ASP A 1 68  ? 7.266   13.524  -7.470  1.00 63.61 ? 210  ASP A O   1 
ATOM   537  C CB  . ASP A 1 68  ? 3.992   13.869  -7.948  1.00 63.90 ? 210  ASP A CB  1 
ATOM   538  C CG  . ASP A 1 68  ? 3.079   14.361  -9.060  1.00 64.03 ? 210  ASP A CG  1 
ATOM   539  O OD1 . ASP A 1 68  ? 3.557   14.607  -10.183 1.00 64.41 ? 210  ASP A OD1 1 
ATOM   540  O OD2 . ASP A 1 68  ? 1.866   14.506  -8.798  1.00 65.56 ? 210  ASP A OD2 1 
ATOM   541  N N   . PHE A 1 69  ? 5.916   12.108  -6.346  1.00 63.15 ? 211  PHE A N   1 
ATOM   542  C CA  . PHE A 1 69  ? 6.770   12.024  -5.168  1.00 62.89 ? 211  PHE A CA  1 
ATOM   543  C C   . PHE A 1 69  ? 7.664   10.785  -5.102  1.00 62.08 ? 211  PHE A C   1 
ATOM   544  O O   . PHE A 1 69  ? 8.721   10.820  -4.460  1.00 61.87 ? 211  PHE A O   1 
ATOM   545  C CB  . PHE A 1 69  ? 5.934   12.197  -3.896  1.00 63.38 ? 211  PHE A CB  1 
ATOM   546  C CG  . PHE A 1 69  ? 5.439   13.603  -3.703  1.00 64.77 ? 211  PHE A CG  1 
ATOM   547  C CD1 . PHE A 1 69  ? 6.316   14.615  -3.296  1.00 65.58 ? 211  PHE A CD1 1 
ATOM   548  C CD2 . PHE A 1 69  ? 4.112   13.932  -3.964  1.00 66.69 ? 211  PHE A CD2 1 
ATOM   549  C CE1 . PHE A 1 69  ? 5.870   15.931  -3.131  1.00 66.03 ? 211  PHE A CE1 1 
ATOM   550  C CE2 . PHE A 1 69  ? 3.656   15.252  -3.802  1.00 67.00 ? 211  PHE A CE2 1 
ATOM   551  C CZ  . PHE A 1 69  ? 4.538   16.249  -3.386  1.00 65.49 ? 211  PHE A CZ  1 
ATOM   552  N N   . HIS A 1 70  ? 7.263   9.707   -5.782  1.00 60.92 ? 212  HIS A N   1 
ATOM   553  C CA  . HIS A 1 70  ? 8.037   8.465   -5.712  1.00 59.88 ? 212  HIS A CA  1 
ATOM   554  C C   . HIS A 1 70  ? 8.392   7.843   -7.065  1.00 59.62 ? 212  HIS A C   1 
ATOM   555  O O   . HIS A 1 70  ? 8.661   6.641   -7.144  1.00 59.38 ? 212  HIS A O   1 
ATOM   556  C CB  . HIS A 1 70  ? 7.324   7.451   -4.811  1.00 59.50 ? 212  HIS A CB  1 
ATOM   557  C CG  . HIS A 1 70  ? 7.056   7.956   -3.426  1.00 58.16 ? 212  HIS A CG  1 
ATOM   558  N ND1 . HIS A 1 70  ? 8.052   8.115   -2.486  1.00 56.69 ? 212  HIS A ND1 1 
ATOM   559  C CD2 . HIS A 1 70  ? 5.903   8.332   -2.821  1.00 57.43 ? 212  HIS A CD2 1 
ATOM   560  C CE1 . HIS A 1 70  ? 7.523   8.570   -1.362  1.00 56.88 ? 212  HIS A CE1 1 
ATOM   561  N NE2 . HIS A 1 70  ? 6.222   8.706   -1.539  1.00 56.77 ? 212  HIS A NE2 1 
ATOM   562  N N   . GLY A 1 71  ? 8.436   8.669   -8.110  1.00 59.69 ? 213  GLY A N   1 
ATOM   563  C CA  . GLY A 1 71  ? 8.636   8.205   -9.485  1.00 59.39 ? 213  GLY A CA  1 
ATOM   564  C C   . GLY A 1 71  ? 9.874   7.345   -9.640  1.00 59.89 ? 213  GLY A C   1 
ATOM   565  O O   . GLY A 1 71  ? 9.850   6.310   -10.314 1.00 59.90 ? 213  GLY A O   1 
ATOM   566  N N   . SER A 1 72  ? 10.959  7.785   -9.008  1.00 59.99 ? 214  SER A N   1 
ATOM   567  C CA  . SER A 1 72  ? 12.218  7.059   -9.009  1.00 60.30 ? 214  SER A CA  1 
ATOM   568  C C   . SER A 1 72  ? 12.040  5.607   -8.554  1.00 60.47 ? 214  SER A C   1 
ATOM   569  O O   . SER A 1 72  ? 12.452  4.680   -9.258  1.00 60.88 ? 214  SER A O   1 
ATOM   570  C CB  . SER A 1 72  ? 13.245  7.783   -8.124  1.00 60.23 ? 214  SER A CB  1 
ATOM   571  O OG  . SER A 1 72  ? 14.377  6.964   -7.873  1.00 60.34 ? 214  SER A OG  1 
ATOM   572  N N   . GLU A 1 73  ? 11.433  5.421   -7.383  1.00 60.36 ? 215  GLU A N   1 
ATOM   573  C CA  . GLU A 1 73  ? 11.268  4.095   -6.794  1.00 60.78 ? 215  GLU A CA  1 
ATOM   574  C C   . GLU A 1 73  ? 10.298  3.237   -7.600  1.00 60.73 ? 215  GLU A C   1 
ATOM   575  O O   . GLU A 1 73  ? 10.507  2.031   -7.747  1.00 61.16 ? 215  GLU A O   1 
ATOM   576  C CB  . GLU A 1 73  ? 10.785  4.206   -5.350  1.00 60.93 ? 215  GLU A CB  1 
ATOM   577  C CG  . GLU A 1 73  ? 11.758  4.919   -4.410  1.00 62.92 ? 215  GLU A CG  1 
ATOM   578  C CD  . GLU A 1 73  ? 11.036  5.644   -3.291  1.00 65.44 ? 215  GLU A CD  1 
ATOM   579  O OE1 . GLU A 1 73  ? 10.374  4.974   -2.462  1.00 65.60 ? 215  GLU A OE1 1 
ATOM   580  O OE2 . GLU A 1 73  ? 11.119  6.892   -3.257  1.00 66.33 ? 215  GLU A OE2 1 
ATOM   581  N N   . ILE A 1 74  ? 9.242   3.865   -8.114  1.00 60.16 ? 216  ILE A N   1 
ATOM   582  C CA  . ILE A 1 74  ? 8.311   3.206   -9.028  1.00 59.94 ? 216  ILE A CA  1 
ATOM   583  C C   . ILE A 1 74  ? 9.013   2.559   -10.230 1.00 59.90 ? 216  ILE A C   1 
ATOM   584  O O   . ILE A 1 74  ? 8.840   1.364   -10.485 1.00 59.50 ? 216  ILE A O   1 
ATOM   585  C CB  . ILE A 1 74  ? 7.177   4.175   -9.472  1.00 59.73 ? 216  ILE A CB  1 
ATOM   586  C CG1 . ILE A 1 74  ? 6.340   4.597   -8.249  1.00 58.63 ? 216  ILE A CG1 1 
ATOM   587  C CG2 . ILE A 1 74  ? 6.294   3.555   -10.576 1.00 59.74 ? 216  ILE A CG2 1 
ATOM   588  C CD1 . ILE A 1 74  ? 5.734   3.448   -7.463  1.00 54.91 ? 216  ILE A CD1 1 
ATOM   589  N N   . ASN A 1 75  ? 9.840   3.338   -10.928 1.00 60.29 ? 217  ASN A N   1 
ATOM   590  C CA  . ASN A 1 75  ? 10.502  2.867   -12.147 1.00 60.74 ? 217  ASN A CA  1 
ATOM   591  C C   . ASN A 1 75  ? 11.517  1.750   -11.914 1.00 60.97 ? 217  ASN A C   1 
ATOM   592  O O   . ASN A 1 75  ? 11.808  0.961   -12.817 1.00 61.15 ? 217  ASN A O   1 
ATOM   593  C CB  . ASN A 1 75  ? 11.151  4.038   -12.888 1.00 60.93 ? 217  ASN A CB  1 
ATOM   594  C CG  . ASN A 1 75  ? 10.129  4.959   -13.531 1.00 61.39 ? 217  ASN A CG  1 
ATOM   595  O OD1 . ASN A 1 75  ? 9.038   4.522   -13.922 1.00 61.73 ? 217  ASN A OD1 1 
ATOM   596  N ND2 . ASN A 1 75  ? 10.481  6.244   -13.650 1.00 62.35 ? 217  ASN A ND2 1 
ATOM   597  N N   . ARG A 1 76  ? 12.049  1.692   -10.700 1.00 61.22 ? 218  ARG A N   1 
ATOM   598  C CA  . ARG A 1 76  ? 12.983  0.651   -10.309 1.00 61.67 ? 218  ARG A CA  1 
ATOM   599  C C   . ARG A 1 76  ? 12.286  -0.644  -9.895  1.00 61.84 ? 218  ARG A C   1 
ATOM   600  O O   . ARG A 1 76  ? 12.951  -1.646  -9.614  1.00 61.73 ? 218  ARG A O   1 
ATOM   601  C CB  . ARG A 1 76  ? 13.879  1.160   -9.178  1.00 61.90 ? 218  ARG A CB  1 
ATOM   602  C CG  . ARG A 1 76  ? 14.817  2.296   -9.612  1.00 63.17 ? 218  ARG A CG  1 
ATOM   603  C CD  . ARG A 1 76  ? 15.866  2.587   -8.560  1.00 65.68 ? 218  ARG A CD  1 
ATOM   604  N NE  . ARG A 1 76  ? 16.735  1.430   -8.346  1.00 67.84 ? 218  ARG A NE  1 
ATOM   605  C CZ  . ARG A 1 76  ? 17.476  1.233   -7.258  1.00 69.27 ? 218  ARG A CZ  1 
ATOM   606  N NH1 . ARG A 1 76  ? 17.461  2.115   -6.264  1.00 69.88 ? 218  ARG A NH1 1 
ATOM   607  N NH2 . ARG A 1 76  ? 18.232  0.145   -7.163  1.00 69.94 ? 218  ARG A NH2 1 
ATOM   608  N N   . LEU A 1 77  ? 10.950  -0.609  -9.860  1.00 62.19 ? 219  LEU A N   1 
ATOM   609  C CA  . LEU A 1 77  ? 10.122  -1.742  -9.426  1.00 62.61 ? 219  LEU A CA  1 
ATOM   610  C C   . LEU A 1 77  ? 9.371   -2.443  -10.572 1.00 63.13 ? 219  LEU A C   1 
ATOM   611  O O   . LEU A 1 77  ? 8.793   -3.510  -10.375 1.00 63.02 ? 219  LEU A O   1 
ATOM   612  C CB  . LEU A 1 77  ? 9.140   -1.311  -8.328  1.00 62.43 ? 219  LEU A CB  1 
ATOM   613  C CG  . LEU A 1 77  ? 9.672   -1.003  -6.919  1.00 62.09 ? 219  LEU A CG  1 
ATOM   614  C CD1 . LEU A 1 77  ? 8.597   -0.333  -6.098  1.00 60.06 ? 219  LEU A CD1 1 
ATOM   615  C CD2 . LEU A 1 77  ? 10.222  -2.231  -6.190  1.00 61.57 ? 219  LEU A CD2 1 
ATOM   616  N N   . PHE A 1 78  ? 9.386   -1.844  -11.762 1.00 63.84 ? 220  PHE A N   1 
ATOM   617  C CA  . PHE A 1 78  ? 8.912   -2.515  -12.977 1.00 64.76 ? 220  PHE A CA  1 
ATOM   618  C C   . PHE A 1 78  ? 9.570   -3.883  -13.215 1.00 65.26 ? 220  PHE A C   1 
ATOM   619  O O   . PHE A 1 78  ? 8.884   -4.848  -13.559 1.00 65.96 ? 220  PHE A O   1 
ATOM   620  C CB  . PHE A 1 78  ? 9.038   -1.605  -14.212 1.00 64.42 ? 220  PHE A CB  1 
ATOM   621  C CG  . PHE A 1 78  ? 7.891   -0.636  -14.357 1.00 65.02 ? 220  PHE A CG  1 
ATOM   622  C CD1 . PHE A 1 78  ? 6.662   -1.058  -14.885 1.00 65.65 ? 220  PHE A CD1 1 
ATOM   623  C CD2 . PHE A 1 78  ? 8.018   0.686   -13.933 1.00 64.58 ? 220  PHE A CD2 1 
ATOM   624  C CE1 . PHE A 1 78  ? 5.576   -0.172  -15.000 1.00 65.27 ? 220  PHE A CE1 1 
ATOM   625  C CE2 . PHE A 1 78  ? 6.947   1.579   -14.043 1.00 64.95 ? 220  PHE A CE2 1 
ATOM   626  C CZ  . PHE A 1 78  ? 5.717   1.148   -14.578 1.00 65.09 ? 220  PHE A CZ  1 
ATOM   627  N N   . SER A 1 79  ? 10.880  -3.968  -12.994 1.00 65.53 ? 221  SER A N   1 
ATOM   628  C CA  . SER A 1 79  ? 11.636  -5.211  -13.190 1.00 65.89 ? 221  SER A CA  1 
ATOM   629  C C   . SER A 1 79  ? 11.345  -6.328  -12.169 1.00 66.19 ? 221  SER A C   1 
ATOM   630  O O   . SER A 1 79  ? 11.781  -7.464  -12.353 1.00 66.17 ? 221  SER A O   1 
ATOM   631  C CB  . SER A 1 79  ? 13.135  -4.905  -13.207 1.00 65.83 ? 221  SER A CB  1 
ATOM   632  O OG  . SER A 1 79  ? 13.528  -4.223  -12.027 1.00 65.77 ? 221  SER A OG  1 
ATOM   633  N N   . VAL A 1 80  ? 10.596  -6.008  -11.117 1.00 66.70 ? 222  VAL A N   1 
ATOM   634  C CA  . VAL A 1 80  ? 10.311  -6.953  -10.022 1.00 67.33 ? 222  VAL A CA  1 
ATOM   635  C C   . VAL A 1 80  ? 9.131   -7.886  -10.353 1.00 67.74 ? 222  VAL A C   1 
ATOM   636  O O   . VAL A 1 80  ? 7.988   -7.620  -9.975  1.00 67.74 ? 222  VAL A O   1 
ATOM   637  C CB  . VAL A 1 80  ? 10.064  -6.197  -8.687  1.00 67.03 ? 222  VAL A CB  1 
ATOM   638  C CG1 . VAL A 1 80  ? 9.970   -7.164  -7.512  1.00 67.48 ? 222  VAL A CG1 1 
ATOM   639  C CG2 . VAL A 1 80  ? 11.171  -5.189  -8.443  1.00 67.06 ? 222  VAL A CG2 1 
ATOM   640  N N   . ASN A 1 81  ? 9.431   -8.985  -11.048 1.00 68.35 ? 223  ASN A N   1 
ATOM   641  C CA  . ASN A 1 81  ? 8.408   -9.903  -11.576 1.00 68.78 ? 223  ASN A CA  1 
ATOM   642  C C   . ASN A 1 81  ? 8.297   -11.258 -10.864 1.00 69.24 ? 223  ASN A C   1 
ATOM   643  O O   . ASN A 1 81  ? 7.395   -12.042 -11.168 1.00 69.51 ? 223  ASN A O   1 
ATOM   644  C CB  . ASN A 1 81  ? 8.574   -10.107 -13.102 1.00 68.68 ? 223  ASN A CB  1 
ATOM   645  C CG  . ASN A 1 81  ? 9.994   -10.563 -13.517 1.00 68.65 ? 223  ASN A CG  1 
ATOM   646  O OD1 . ASN A 1 81  ? 10.806  -10.975 -12.689 1.00 68.81 ? 223  ASN A OD1 1 
ATOM   647  N ND2 . ASN A 1 81  ? 10.279  -10.489 -14.814 1.00 68.51 ? 223  ASN A ND2 1 
ATOM   648  N N   . SER A 1 82  ? 9.201   -11.530 -9.922  1.00 69.68 ? 224  SER A N   1 
ATOM   649  C CA  . SER A 1 82  ? 9.247   -12.832 -9.243  1.00 70.11 ? 224  SER A CA  1 
ATOM   650  C C   . SER A 1 82  ? 9.901   -12.754 -7.871  1.00 70.46 ? 224  SER A C   1 
ATOM   651  O O   . SER A 1 82  ? 10.541  -11.758 -7.541  1.00 70.44 ? 224  SER A O   1 
ATOM   652  C CB  . SER A 1 82  ? 9.993   -13.861 -10.105 1.00 70.21 ? 224  SER A CB  1 
ATOM   653  O OG  . SER A 1 82  ? 11.384  -13.585 -10.149 1.00 69.90 ? 224  SER A OG  1 
ATOM   654  N N   . ILE A 1 83  ? 9.748   -13.827 -7.091  1.00 71.07 ? 225  ILE A N   1 
ATOM   655  C CA  . ILE A 1 83  ? 10.319  -13.941 -5.739  1.00 71.63 ? 225  ILE A CA  1 
ATOM   656  C C   . ILE A 1 83  ? 11.841  -13.748 -5.748  1.00 72.01 ? 225  ILE A C   1 
ATOM   657  O O   . ILE A 1 83  ? 12.407  -13.165 -4.814  1.00 72.21 ? 225  ILE A O   1 
ATOM   658  C CB  . ILE A 1 83  ? 9.961   -15.309 -5.075  1.00 71.70 ? 225  ILE A CB  1 
ATOM   659  C CG1 . ILE A 1 83  ? 8.450   -15.574 -5.154  1.00 71.83 ? 225  ILE A CG1 1 
ATOM   660  C CG2 . ILE A 1 83  ? 10.460  -15.367 -3.624  1.00 71.73 ? 225  ILE A CG2 1 
ATOM   661  C CD1 . ILE A 1 83  ? 8.031   -17.022 -4.861  1.00 71.83 ? 225  ILE A CD1 1 
ATOM   662  N N   . ASP A 1 84  ? 12.490  -14.242 -6.804  1.00 72.22 ? 226  ASP A N   1 
ATOM   663  C CA  . ASP A 1 84  ? 13.917  -14.021 -7.015  1.00 72.36 ? 226  ASP A CA  1 
ATOM   664  C C   . ASP A 1 84  ? 14.228  -12.530 -7.208  1.00 72.38 ? 226  ASP A C   1 
ATOM   665  O O   . ASP A 1 84  ? 15.088  -11.979 -6.515  1.00 72.43 ? 226  ASP A O   1 
ATOM   666  C CB  . ASP A 1 84  ? 14.425  -14.854 -8.203  1.00 72.48 ? 226  ASP A CB  1 
ATOM   667  C CG  . ASP A 1 84  ? 14.611  -16.335 -7.857  1.00 72.76 ? 226  ASP A CG  1 
ATOM   668  O OD1 . ASP A 1 84  ? 13.986  -16.818 -6.884  1.00 72.92 ? 226  ASP A OD1 1 
ATOM   669  O OD2 . ASP A 1 84  ? 15.385  -17.019 -8.567  1.00 72.21 ? 226  ASP A OD2 1 
ATOM   670  N N   . HIS A 1 85  ? 13.508  -11.884 -8.127  1.00 72.38 ? 227  HIS A N   1 
ATOM   671  C CA  . HIS A 1 85  ? 13.695  -10.456 -8.431  1.00 72.43 ? 227  HIS A CA  1 
ATOM   672  C C   . HIS A 1 85  ? 13.462  -9.515  -7.232  1.00 72.27 ? 227  HIS A C   1 
ATOM   673  O O   . HIS A 1 85  ? 13.879  -8.352  -7.265  1.00 72.23 ? 227  HIS A O   1 
ATOM   674  C CB  . HIS A 1 85  ? 12.813  -10.038 -9.614  1.00 72.47 ? 227  HIS A CB  1 
ATOM   675  C CG  . HIS A 1 85  ? 13.375  -10.403 -10.957 1.00 73.27 ? 227  HIS A CG  1 
ATOM   676  N ND1 . HIS A 1 85  ? 13.676  -9.461  -11.919 1.00 73.17 ? 227  HIS A ND1 1 
ATOM   677  C CD2 . HIS A 1 85  ? 13.686  -11.606 -11.500 1.00 73.99 ? 227  HIS A CD2 1 
ATOM   678  C CE1 . HIS A 1 85  ? 14.145  -10.067 -12.995 1.00 73.75 ? 227  HIS A CE1 1 
ATOM   679  N NE2 . HIS A 1 85  ? 14.163  -11.369 -12.766 1.00 74.02 ? 227  HIS A NE2 1 
ATOM   680  N N   . ILE A 1 86  ? 12.799  -10.021 -6.189  1.00 71.99 ? 228  ILE A N   1 
ATOM   681  C CA  . ILE A 1 86  ? 12.534  -9.253  -4.964  1.00 71.86 ? 228  ILE A CA  1 
ATOM   682  C C   . ILE A 1 86  ? 13.838  -8.897  -4.231  1.00 71.68 ? 228  ILE A C   1 
ATOM   683  O O   . ILE A 1 86  ? 14.125  -7.714  -4.018  1.00 71.71 ? 228  ILE A O   1 
ATOM   684  C CB  . ILE A 1 86  ? 11.562  -10.004 -4.000  1.00 71.82 ? 228  ILE A CB  1 
ATOM   685  C CG1 . ILE A 1 86  ? 10.212  -10.305 -4.676  1.00 72.00 ? 228  ILE A CG1 1 
ATOM   686  C CG2 . ILE A 1 86  ? 11.363  -9.222  -2.699  1.00 72.26 ? 228  ILE A CG2 1 
ATOM   687  C CD1 . ILE A 1 86  ? 9.154   -9.245  -4.516  1.00 70.88 ? 228  ILE A CD1 1 
ATOM   688  N N   . LYS A 1 87  ? 14.616  -9.923  -3.862  1.00 71.35 ? 229  LYS A N   1 
ATOM   689  C CA  . LYS A 1 87  ? 15.893  -9.748  -3.148  1.00 70.91 ? 229  LYS A CA  1 
ATOM   690  C C   . LYS A 1 87  ? 16.955  -9.089  -4.016  1.00 70.44 ? 229  LYS A C   1 
ATOM   691  O O   . LYS A 1 87  ? 17.863  -8.425  -3.509  1.00 70.24 ? 229  LYS A O   1 
ATOM   692  C CB  . LYS A 1 87  ? 16.421  -11.087 -2.622  1.00 71.00 ? 229  LYS A CB  1 
ATOM   693  C CG  . LYS A 1 87  ? 15.760  -11.548 -1.332  1.00 71.56 ? 229  LYS A CG  1 
ATOM   694  C CD  . LYS A 1 87  ? 16.581  -12.628 -0.641  1.00 72.20 ? 229  LYS A CD  1 
ATOM   695  C CE  . LYS A 1 87  ? 15.972  -13.002 0.701   1.00 72.46 ? 229  LYS A CE  1 
ATOM   696  N NZ  . LYS A 1 87  ? 16.777  -14.048 1.382   1.00 72.56 ? 229  LYS A NZ  1 
ATOM   697  N N   . GLU A 1 88  ? 16.827  -9.290  -5.324  1.00 69.90 ? 230  GLU A N   1 
ATOM   698  C CA  . GLU A 1 88  ? 17.703  -8.681  -6.314  1.00 69.47 ? 230  GLU A CA  1 
ATOM   699  C C   . GLU A 1 88  ? 17.543  -7.163  -6.312  1.00 68.43 ? 230  GLU A C   1 
ATOM   700  O O   . GLU A 1 88  ? 18.526  -6.427  -6.400  1.00 68.63 ? 230  GLU A O   1 
ATOM   701  C CB  . GLU A 1 88  ? 17.366  -9.239  -7.698  1.00 69.55 ? 230  GLU A CB  1 
ATOM   702  C CG  . GLU A 1 88  ? 18.502  -9.196  -8.704  1.00 70.19 ? 230  GLU A CG  1 
ATOM   703  C CD  . GLU A 1 88  ? 18.094  -9.769  -10.051 1.00 70.36 ? 230  GLU A CD  1 
ATOM   704  O OE1 . GLU A 1 88  ? 17.839  -10.998 -10.131 1.00 71.32 ? 230  GLU A OE1 1 
ATOM   705  O OE2 . GLU A 1 88  ? 18.028  -8.987  -11.032 1.00 71.74 ? 230  GLU A OE2 1 
ATOM   706  N N   . ASN A 1 89  ? 16.298  -6.709  -6.194  1.00 67.30 ? 231  ASN A N   1 
ATOM   707  C CA  . ASN A 1 89  ? 15.971  -5.288  -6.271  1.00 65.96 ? 231  ASN A CA  1 
ATOM   708  C C   . ASN A 1 89  ? 16.323  -4.527  -4.993  1.00 65.20 ? 231  ASN A C   1 
ATOM   709  O O   . ASN A 1 89  ? 15.988  -4.964  -3.884  1.00 65.21 ? 231  ASN A O   1 
ATOM   710  C CB  . ASN A 1 89  ? 14.494  -5.108  -6.624  1.00 65.62 ? 231  ASN A CB  1 
ATOM   711  C CG  . ASN A 1 89  ? 14.159  -3.689  -7.027  1.00 65.19 ? 231  ASN A CG  1 
ATOM   712  O OD1 . ASN A 1 89  ? 13.997  -2.818  -6.177  1.00 64.68 ? 231  ASN A OD1 1 
ATOM   713  N ND2 . ASN A 1 89  ? 14.034  -3.452  -8.329  1.00 63.45 ? 231  ASN A ND2 1 
ATOM   714  N N   . GLU A 1 90  ? 16.989  -3.386  -5.159  1.00 64.04 ? 232  GLU A N   1 
ATOM   715  C CA  . GLU A 1 90  ? 17.440  -2.585  -4.020  1.00 63.06 ? 232  GLU A CA  1 
ATOM   716  C C   . GLU A 1 90  ? 16.325  -1.780  -3.351  1.00 61.93 ? 232  GLU A C   1 
ATOM   717  O O   . GLU A 1 90  ? 16.348  -1.590  -2.136  1.00 61.60 ? 232  GLU A O   1 
ATOM   718  C CB  . GLU A 1 90  ? 18.589  -1.662  -4.419  1.00 63.14 ? 232  GLU A CB  1 
ATOM   719  C CG  . GLU A 1 90  ? 19.916  -2.374  -4.570  1.00 63.98 ? 232  GLU A CG  1 
ATOM   720  C CD  . GLU A 1 90  ? 21.090  -1.420  -4.639  1.00 64.88 ? 232  GLU A CD  1 
ATOM   721  O OE1 . GLU A 1 90  ? 20.874  -0.186  -4.636  1.00 65.34 ? 232  GLU A OE1 1 
ATOM   722  O OE2 . GLU A 1 90  ? 22.237  -1.909  -4.695  1.00 65.38 ? 232  GLU A OE2 1 
ATOM   723  N N   . VAL A 1 91  ? 15.372  -1.297  -4.147  1.00 60.68 ? 233  VAL A N   1 
ATOM   724  C CA  . VAL A 1 91  ? 14.204  -0.575  -3.624  1.00 59.75 ? 233  VAL A CA  1 
ATOM   725  C C   . VAL A 1 91  ? 13.261  -1.518  -2.845  1.00 59.07 ? 233  VAL A C   1 
ATOM   726  O O   . VAL A 1 91  ? 12.807  -1.178  -1.742  1.00 58.98 ? 233  VAL A O   1 
ATOM   727  C CB  . VAL A 1 91  ? 13.434  0.175   -4.750  1.00 59.73 ? 233  VAL A CB  1 
ATOM   728  C CG1 . VAL A 1 91  ? 12.117  0.756   -4.232  1.00 58.96 ? 233  VAL A CG1 1 
ATOM   729  C CG2 . VAL A 1 91  ? 14.298  1.275   -5.345  1.00 59.05 ? 233  VAL A CG2 1 
ATOM   730  N N   . ALA A 1 92  ? 12.993  -2.694  -3.425  1.00 58.23 ? 234  ALA A N   1 
ATOM   731  C CA  . ALA A 1 92  ? 12.182  -3.736  -2.788  1.00 57.71 ? 234  ALA A CA  1 
ATOM   732  C C   . ALA A 1 92  ? 12.802  -4.303  -1.514  1.00 57.80 ? 234  ALA A C   1 
ATOM   733  O O   . ALA A 1 92  ? 12.068  -4.616  -0.567  1.00 57.50 ? 234  ALA A O   1 
ATOM   734  C CB  . ALA A 1 92  ? 11.896  -4.863  -3.776  1.00 57.46 ? 234  ALA A CB  1 
ATOM   735  N N   . SER A 1 93  ? 14.140  -4.453  -1.512  1.00 57.81 ? 235  SER A N   1 
ATOM   736  C CA  . SER A 1 93  ? 14.886  -4.919  -0.332  1.00 58.04 ? 235  SER A CA  1 
ATOM   737  C C   . SER A 1 93  ? 14.798  -3.900  0.803   1.00 58.10 ? 235  SER A C   1 
ATOM   738  O O   . SER A 1 93  ? 14.778  -4.265  1.984   1.00 58.55 ? 235  SER A O   1 
ATOM   739  C CB  . SER A 1 93  ? 16.384  -5.131  -0.651  1.00 57.95 ? 235  SER A CB  1 
ATOM   740  O OG  . SER A 1 93  ? 16.591  -6.215  -1.544  1.00 58.52 ? 235  SER A OG  1 
ATOM   741  N N   . ALA A 1 94  ? 14.803  -2.615  0.440   1.00 57.98 ? 236  ALA A N   1 
ATOM   742  C CA  . ALA A 1 94  ? 14.702  -1.537  1.415   1.00 57.85 ? 236  ALA A CA  1 
ATOM   743  C C   . ALA A 1 94  ? 13.295  -1.534  2.041   1.00 57.36 ? 236  ALA A C   1 
ATOM   744  O O   . ALA A 1 94  ? 13.129  -1.152  3.201   1.00 57.61 ? 236  ALA A O   1 
ATOM   745  C CB  . ALA A 1 94  ? 14.928  -0.212  0.744   1.00 58.09 ? 236  ALA A CB  1 
ATOM   746  N N   . PHE A 1 95  ? 12.291  -1.969  1.276   1.00 57.09 ? 237  PHE A N   1 
ATOM   747  C CA  . PHE A 1 95  ? 10.924  -2.061  1.810   1.00 56.51 ? 237  PHE A CA  1 
ATOM   748  C C   . PHE A 1 95  ? 10.721  -3.232  2.784   1.00 56.97 ? 237  PHE A C   1 
ATOM   749  O O   . PHE A 1 95  ? 10.093  -3.061  3.846   1.00 56.49 ? 237  PHE A O   1 
ATOM   750  C CB  . PHE A 1 95  ? 9.872   -2.071  0.693   1.00 55.72 ? 237  PHE A CB  1 
ATOM   751  C CG  . PHE A 1 95  ? 9.416   -0.686  0.297   1.00 54.12 ? 237  PHE A CG  1 
ATOM   752  C CD1 . PHE A 1 95  ? 8.506   0.023   1.091   1.00 52.37 ? 237  PHE A CD1 1 
ATOM   753  C CD2 . PHE A 1 95  ? 9.900   -0.089  -0.868  1.00 52.85 ? 237  PHE A CD2 1 
ATOM   754  C CE1 . PHE A 1 95  ? 8.084   1.303   0.729   1.00 51.07 ? 237  PHE A CE1 1 
ATOM   755  C CE2 . PHE A 1 95  ? 9.489   1.190   -1.232  1.00 51.50 ? 237  PHE A CE2 1 
ATOM   756  C CZ  . PHE A 1 95  ? 8.582   1.888   -0.428  1.00 52.66 ? 237  PHE A CZ  1 
ATOM   757  N N   . GLN A 1 96  ? 11.263  -4.403  2.427   1.00 57.83 ? 238  GLN A N   1 
ATOM   758  C CA  . GLN A 1 96  ? 11.042  -5.630  3.207   1.00 58.79 ? 238  GLN A CA  1 
ATOM   759  C C   . GLN A 1 96  ? 11.887  -5.747  4.470   1.00 59.27 ? 238  GLN A C   1 
ATOM   760  O O   . GLN A 1 96  ? 11.471  -6.400  5.438   1.00 59.66 ? 238  GLN A O   1 
ATOM   761  C CB  . GLN A 1 96  ? 11.288  -6.872  2.348   1.00 58.88 ? 238  GLN A CB  1 
ATOM   762  C CG  . GLN A 1 96  ? 10.426  -6.953  1.110   1.00 59.57 ? 238  GLN A CG  1 
ATOM   763  C CD  . GLN A 1 96  ? 10.203  -8.381  0.640   1.00 61.04 ? 238  GLN A CD  1 
ATOM   764  O OE1 . GLN A 1 96  ? 9.087   -8.746  0.248   1.00 62.08 ? 238  GLN A OE1 1 
ATOM   765  N NE2 . GLN A 1 96  ? 11.256  -9.202  0.682   1.00 60.75 ? 238  GLN A NE2 1 
ATOM   766  N N   . SER A 1 97  ? 13.074  -5.138  4.467   1.00 59.86 ? 239  SER A N   1 
ATOM   767  C CA  . SER A 1 97  ? 14.018  -5.295  5.583   1.00 60.30 ? 239  SER A CA  1 
ATOM   768  C C   . SER A 1 97  ? 13.574  -4.611  6.883   1.00 60.56 ? 239  SER A C   1 
ATOM   769  O O   . SER A 1 97  ? 14.010  -5.005  7.978   1.00 60.55 ? 239  SER A O   1 
ATOM   770  C CB  . SER A 1 97  ? 15.413  -4.792  5.183   1.00 60.53 ? 239  SER A CB  1 
ATOM   771  O OG  . SER A 1 97  ? 15.374  -3.382  4.838   1.00 61.60 ? 239  SER A OG  1 
ATOM   772  N N   . HIS A 1 98  ? 12.736  -3.579  6.763   1.00 60.51 ? 240  HIS A N   1 
ATOM   773  C CA  . HIS A 1 98  ? 12.269  -2.822  7.937   1.00 60.90 ? 240  HIS A CA  1 
ATOM   774  C C   . HIS A 1 98  ? 10.883  -2.219  7.709   1.00 60.31 ? 240  HIS A C   1 
ATOM   775  O O   . HIS A 1 98  ? 10.503  -1.920  6.578   1.00 60.26 ? 240  HIS A O   1 
ATOM   776  C CB  . HIS A 1 98  ? 13.275  -1.723  8.339   1.00 61.40 ? 240  HIS A CB  1 
ATOM   777  C CG  . HIS A 1 98  ? 13.714  -0.857  7.194   1.00 63.58 ? 240  HIS A CG  1 
ATOM   778  N ND1 . HIS A 1 98  ? 12.935  0.178   6.696   1.00 65.02 ? 240  HIS A ND1 1 
ATOM   779  C CD2 . HIS A 1 98  ? 14.848  -0.882  6.440   1.00 65.31 ? 240  HIS A CD2 1 
ATOM   780  C CE1 . HIS A 1 98  ? 13.573  0.753   5.689   1.00 65.52 ? 240  HIS A CE1 1 
ATOM   781  N NE2 . HIS A 1 98  ? 14.731  0.123   5.506   1.00 65.78 ? 240  HIS A NE2 1 
ATOM   782  N N   . LYS A 1 99  ? 10.135  -2.052  8.794   1.00 59.62 ? 241  LYS A N   1 
ATOM   783  C CA  . LYS A 1 99  ? 8.832   -1.407  8.737   1.00 59.13 ? 241  LYS A CA  1 
ATOM   784  C C   . LYS A 1 99  ? 8.975   0.034   8.246   1.00 58.68 ? 241  LYS A C   1 
ATOM   785  O O   . LYS A 1 99  ? 9.957   0.717   8.570   1.00 58.57 ? 241  LYS A O   1 
ATOM   786  C CB  . LYS A 1 99  ? 8.153   -1.442  10.110  1.00 59.37 ? 241  LYS A CB  1 
ATOM   787  C CG  . LYS A 1 99  ? 8.141   -2.830  10.769  1.00 59.55 ? 241  LYS A CG  1 
ATOM   788  C CD  . LYS A 1 99  ? 7.442   -2.812  12.130  1.00 59.19 ? 241  LYS A CD  1 
ATOM   789  C CE  . LYS A 1 99  ? 5.922   -2.820  11.980  1.00 60.09 ? 241  LYS A CE  1 
ATOM   790  N NZ  . LYS A 1 99  ? 5.215   -2.564  13.273  1.00 61.01 ? 241  LYS A NZ  1 
ATOM   791  N N   . TYR A 1 100 ? 8.002   0.472   7.447   1.00 57.96 ? 242  TYR A N   1 
ATOM   792  C CA  . TYR A 1 100 ? 7.975   1.817   6.872   1.00 57.39 ? 242  TYR A CA  1 
ATOM   793  C C   . TYR A 1 100 ? 7.394   2.793   7.882   1.00 57.38 ? 242  TYR A C   1 
ATOM   794  O O   . TYR A 1 100 ? 6.250   2.623   8.355   1.00 56.44 ? 242  TYR A O   1 
ATOM   795  C CB  . TYR A 1 100 ? 7.116   1.813   5.605   1.00 57.28 ? 242  TYR A CB  1 
ATOM   796  C CG  . TYR A 1 100 ? 7.142   3.070   4.750   1.00 56.71 ? 242  TYR A CG  1 
ATOM   797  C CD1 . TYR A 1 100 ? 6.293   4.138   5.023   1.00 56.71 ? 242  TYR A CD1 1 
ATOM   798  C CD2 . TYR A 1 100 ? 7.979   3.165   3.638   1.00 55.89 ? 242  TYR A CD2 1 
ATOM   799  C CE1 . TYR A 1 100 ? 6.281   5.273   4.226   1.00 57.41 ? 242  TYR A CE1 1 
ATOM   800  C CE2 . TYR A 1 100 ? 7.984   4.301   2.829   1.00 55.90 ? 242  TYR A CE2 1 
ATOM   801  C CZ  . TYR A 1 100 ? 7.128   5.354   3.130   1.00 57.56 ? 242  TYR A CZ  1 
ATOM   802  O OH  . TYR A 1 100 ? 7.107   6.493   2.350   1.00 56.93 ? 242  TYR A OH  1 
ATOM   803  N N   . ARG A 1 101 ? 8.193   3.817   8.200   1.00 57.52 ? 243  ARG A N   1 
ATOM   804  C CA  . ARG A 1 101 ? 7.823   4.826   9.192   1.00 58.10 ? 243  ARG A CA  1 
ATOM   805  C C   . ARG A 1 101 ? 6.865   5.852   8.588   1.00 58.11 ? 243  ARG A C   1 
ATOM   806  O O   . ARG A 1 101 ? 7.134   6.413   7.525   1.00 58.19 ? 243  ARG A O   1 
ATOM   807  C CB  . ARG A 1 101 ? 9.068   5.528   9.763   1.00 57.93 ? 243  ARG A CB  1 
ATOM   808  C CG  . ARG A 1 101 ? 9.925   4.653   10.694  1.00 58.95 ? 243  ARG A CG  1 
ATOM   809  C CD  . ARG A 1 101 ? 10.749  5.488   11.689  1.00 59.93 ? 243  ARG A CD  1 
ATOM   810  N NE  . ARG A 1 101 ? 12.194  5.463   11.412  1.00 61.31 ? 243  ARG A NE  1 
ATOM   811  C CZ  . ARG A 1 101 ? 13.140  5.845   12.280  1.00 61.85 ? 243  ARG A CZ  1 
ATOM   812  N NH1 . ARG A 1 101 ? 12.811  6.290   13.497  1.00 61.04 ? 243  ARG A NH1 1 
ATOM   813  N NH2 . ARG A 1 101 ? 14.428  5.784   11.934  1.00 61.53 ? 243  ARG A NH2 1 
ATOM   814  N N   . ILE A 1 102 ? 5.745   6.071   9.273   1.00 58.18 ? 244  ILE A N   1 
ATOM   815  C CA  . ILE A 1 102 ? 4.765   7.092   8.906   1.00 58.60 ? 244  ILE A CA  1 
ATOM   816  C C   . ILE A 1 102 ? 4.324   7.796   10.177  1.00 58.71 ? 244  ILE A C   1 
ATOM   817  O O   . ILE A 1 102 ? 4.244   7.166   11.222  1.00 58.65 ? 244  ILE A O   1 
ATOM   818  C CB  . ILE A 1 102 ? 3.494   6.493   8.209   1.00 58.62 ? 244  ILE A CB  1 
ATOM   819  C CG1 . ILE A 1 102 ? 3.036   5.202   8.891   1.00 58.88 ? 244  ILE A CG1 1 
ATOM   820  C CG2 . ILE A 1 102 ? 3.732   6.220   6.746   1.00 59.00 ? 244  ILE A CG2 1 
ATOM   821  C CD1 . ILE A 1 102 ? 1.536   5.170   9.151   1.00 61.47 ? 244  ILE A CD1 1 
ATOM   822  N N   . THR A 1 103 ? 4.056   9.095   10.102  1.00 59.32 ? 245  THR A N   1 
ATOM   823  C CA  . THR A 1 103 ? 3.481   9.805   11.242  1.00 60.35 ? 245  THR A CA  1 
ATOM   824  C C   . THR A 1 103 ? 2.046   10.167  10.927  1.00 60.85 ? 245  THR A C   1 
ATOM   825  O O   . THR A 1 103 ? 1.758   10.676  9.845   1.00 61.00 ? 245  THR A O   1 
ATOM   826  C CB  . THR A 1 103 ? 4.233   11.106  11.595  1.00 60.40 ? 245  THR A CB  1 
ATOM   827  O OG1 . THR A 1 103 ? 4.142   12.016  10.492  1.00 61.71 ? 245  THR A OG1 1 
ATOM   828  C CG2 . THR A 1 103 ? 5.697   10.832  11.924  1.00 60.25 ? 245  THR A CG2 1 
ATOM   829  N N   . MET A 1 104 ? 1.145   9.912   11.872  1.00 61.50 ? 246  MET A N   1 
ATOM   830  C CA  . MET A 1 104 ? -0.261  10.225  11.661  1.00 62.31 ? 246  MET A CA  1 
ATOM   831  C C   . MET A 1 104 ? -1.016  10.514  12.949  1.00 62.05 ? 246  MET A C   1 
ATOM   832  O O   . MET A 1 104 ? -0.626  10.073  14.033  1.00 61.97 ? 246  MET A O   1 
ATOM   833  C CB  . MET A 1 104 ? -0.948  9.114   10.855  1.00 62.15 ? 246  MET A CB  1 
ATOM   834  C CG  . MET A 1 104 ? -1.150  7.819   11.600  1.00 62.46 ? 246  MET A CG  1 
ATOM   835  S SD  . MET A 1 104 ? -1.775  6.459   10.587  1.00 64.72 ? 246  MET A SD  1 
ATOM   836  C CE  . MET A 1 104 ? -3.043  7.236   9.573   1.00 64.01 ? 246  MET A CE  1 
ATOM   837  N N   . SER A 1 105 ? -2.098  11.269  12.811  1.00 62.19 ? 247  SER A N   1 
ATOM   838  C CA  . SER A 1 105 ? -3.000  11.548  13.916  1.00 62.51 ? 247  SER A CA  1 
ATOM   839  C C   . SER A 1 105 ? -3.702  10.274  14.401  1.00 62.55 ? 247  SER A C   1 
ATOM   840  O O   . SER A 1 105 ? -3.953  9.348   13.628  1.00 62.82 ? 247  SER A O   1 
ATOM   841  C CB  . SER A 1 105 ? -4.037  12.586  13.482  1.00 62.57 ? 247  SER A CB  1 
ATOM   842  O OG  . SER A 1 105 ? -4.876  12.968  14.560  1.00 63.36 ? 247  SER A OG  1 
ATOM   843  N N   . LYS A 1 106 ? -4.003  10.239  15.691  1.00 62.65 ? 248  LYS A N   1 
ATOM   844  C CA  . LYS A 1 106 ? -4.827  9.197   16.289  1.00 62.78 ? 248  LYS A CA  1 
ATOM   845  C C   . LYS A 1 106 ? -6.158  9.085   15.534  1.00 62.39 ? 248  LYS A C   1 
ATOM   846  O O   . LYS A 1 106 ? -6.572  7.996   15.143  1.00 62.14 ? 248  LYS A O   1 
ATOM   847  C CB  . LYS A 1 106 ? -5.050  9.519   17.775  1.00 62.76 ? 248  LYS A CB  1 
ATOM   848  C CG  . LYS A 1 106 ? -6.054  8.639   18.529  1.00 64.68 ? 248  LYS A CG  1 
ATOM   849  C CD  . LYS A 1 106 ? -5.561  7.200   18.723  1.00 66.73 ? 248  LYS A CD  1 
ATOM   850  C CE  . LYS A 1 106 ? -6.100  6.598   20.019  1.00 67.04 ? 248  LYS A CE  1 
ATOM   851  N NZ  . LYS A 1 106 ? -7.588  6.474   20.032  1.00 68.70 ? 248  LYS A NZ  1 
ATOM   852  N N   . THR A 1 107 ? -6.794  10.234  15.309  1.00 62.16 ? 249  THR A N   1 
ATOM   853  C CA  . THR A 1 107 ? -8.095  10.310  14.645  1.00 61.71 ? 249  THR A CA  1 
ATOM   854  C C   . THR A 1 107 ? -8.041  9.721   13.244  1.00 61.06 ? 249  THR A C   1 
ATOM   855  O O   . THR A 1 107 ? -8.986  9.068   12.798  1.00 61.44 ? 249  THR A O   1 
ATOM   856  C CB  . THR A 1 107 ? -8.621  11.775  14.618  1.00 61.88 ? 249  THR A CB  1 
ATOM   857  O OG1 . THR A 1 107 ? -8.915  12.189  15.958  1.00 61.90 ? 249  THR A OG1 1 
ATOM   858  C CG2 . THR A 1 107 ? -9.895  11.906  13.768  1.00 61.95 ? 249  THR A CG2 1 
ATOM   859  N N   . THR A 1 108 ? -6.922  9.942   12.567  1.00 60.15 ? 250  THR A N   1 
ATOM   860  C CA  . THR A 1 108 ? -6.712  9.425   11.224  1.00 59.31 ? 250  THR A CA  1 
ATOM   861  C C   . THR A 1 108 ? -6.503  7.905   11.223  1.00 58.85 ? 250  THR A C   1 
ATOM   862  O O   . THR A 1 108 ? -7.130  7.194   10.425  1.00 58.66 ? 250  THR A O   1 
ATOM   863  C CB  . THR A 1 108 ? -5.551  10.148  10.530  1.00 59.13 ? 250  THR A CB  1 
ATOM   864  O OG1 . THR A 1 108 ? -5.675  11.553  10.772  1.00 59.31 ? 250  THR A OG1 1 
ATOM   865  C CG2 . THR A 1 108 ? -5.595  9.914   9.057   1.00 58.95 ? 250  THR A CG2 1 
ATOM   866  N N   . LEU A 1 109 ? -5.649  7.401   12.117  1.00 57.75 ? 251  LEU A N   1 
ATOM   867  C CA  . LEU A 1 109 ? -5.457  5.957   12.198  1.00 57.06 ? 251  LEU A CA  1 
ATOM   868  C C   . LEU A 1 109 ? -6.774  5.261   12.528  1.00 56.76 ? 251  LEU A C   1 
ATOM   869  O O   . LEU A 1 109 ? -7.110  4.235   11.929  1.00 56.45 ? 251  LEU A O   1 
ATOM   870  C CB  . LEU A 1 109 ? -4.372  5.578   13.207  1.00 56.89 ? 251  LEU A CB  1 
ATOM   871  C CG  . LEU A 1 109 ? -4.160  4.066   13.393  1.00 56.94 ? 251  LEU A CG  1 
ATOM   872  C CD1 . LEU A 1 109 ? -3.430  3.417   12.215  1.00 56.01 ? 251  LEU A CD1 1 
ATOM   873  C CD2 . LEU A 1 109 ? -3.449  3.764   14.712  1.00 57.42 ? 251  LEU A CD2 1 
ATOM   874  N N   . ASN A 1 110 ? -7.522  5.844   13.466  1.00 56.36 ? 252  ASN A N   1 
ATOM   875  C CA  . ASN A 1 110 ? -8.818  5.321   13.871  1.00 55.96 ? 252  ASN A CA  1 
ATOM   876  C C   . ASN A 1 110 ? -9.885  5.439   12.792  1.00 55.38 ? 252  ASN A C   1 
ATOM   877  O O   . ASN A 1 110 ? -10.683 4.529   12.619  1.00 55.78 ? 252  ASN A O   1 
ATOM   878  C CB  . ASN A 1 110 ? -9.284  5.969   15.182  1.00 56.33 ? 252  ASN A CB  1 
ATOM   879  C CG  . ASN A 1 110 ? -8.574  5.401   16.397  1.00 56.99 ? 252  ASN A CG  1 
ATOM   880  O OD1 . ASN A 1 110 ? -8.887  5.758   17.529  1.00 58.93 ? 252  ASN A OD1 1 
ATOM   881  N ND2 . ASN A 1 110 ? -7.614  4.503   16.168  1.00 58.48 ? 252  ASN A ND2 1 
ATOM   882  N N   . LEU A 1 111 ? -9.896  6.558   12.080  1.00 54.80 ? 253  LEU A N   1 
ATOM   883  C CA  . LEU A 1 111 ? -10.740 6.738   10.907  1.00 54.35 ? 253  LEU A CA  1 
ATOM   884  C C   . LEU A 1 111 ? -10.485 5.611   9.893   1.00 53.95 ? 253  LEU A C   1 
ATOM   885  O O   . LEU A 1 111 ? -11.421 4.975   9.382   1.00 53.07 ? 253  LEU A O   1 
ATOM   886  C CB  . LEU A 1 111 ? -10.404 8.085   10.263  1.00 54.65 ? 253  LEU A CB  1 
ATOM   887  C CG  . LEU A 1 111 ? -11.482 8.896   9.548   1.00 54.99 ? 253  LEU A CG  1 
ATOM   888  C CD1 . LEU A 1 111 ? -12.621 9.195   10.494  1.00 53.97 ? 253  LEU A CD1 1 
ATOM   889  C CD2 . LEU A 1 111 ? -10.888 10.185  8.980   1.00 54.42 ? 253  LEU A CD2 1 
ATOM   890  N N   . LEU A 1 112 ? -9.197  5.387   9.634   1.00 53.14 ? 254  LEU A N   1 
ATOM   891  C CA  . LEU A 1 112 ? -8.702  4.357   8.733   1.00 52.99 ? 254  LEU A CA  1 
ATOM   892  C C   . LEU A 1 112 ? -9.062  2.937   9.166   1.00 52.59 ? 254  LEU A C   1 
ATOM   893  O O   . LEU A 1 112 ? -9.583  2.172   8.372   1.00 52.21 ? 254  LEU A O   1 
ATOM   894  C CB  . LEU A 1 112 ? -7.180  4.494   8.602   1.00 52.78 ? 254  LEU A CB  1 
ATOM   895  C CG  . LEU A 1 112 ? -6.294  3.462   7.908   1.00 53.27 ? 254  LEU A CG  1 
ATOM   896  C CD1 . LEU A 1 112 ? -6.635  3.326   6.419   1.00 52.76 ? 254  LEU A CD1 1 
ATOM   897  C CD2 . LEU A 1 112 ? -4.837  3.895   8.093   1.00 52.93 ? 254  LEU A CD2 1 
ATOM   898  N N   . LEU A 1 113 ? -8.745  2.586   10.409  1.00 52.78 ? 255  LEU A N   1 
ATOM   899  C CA  . LEU A 1 113 ? -8.973  1.232   10.919  1.00 53.15 ? 255  LEU A CA  1 
ATOM   900  C C   . LEU A 1 113 ? -10.454 0.915   11.068  1.00 53.45 ? 255  LEU A C   1 
ATOM   901  O O   . LEU A 1 113 ? -10.874 -0.223  10.856  1.00 52.98 ? 255  LEU A O   1 
ATOM   902  C CB  . LEU A 1 113 ? -8.246  1.010   12.253  1.00 53.30 ? 255  LEU A CB  1 
ATOM   903  C CG  . LEU A 1 113 ? -6.709  0.982   12.221  1.00 53.22 ? 255  LEU A CG  1 
ATOM   904  C CD1 . LEU A 1 113 ? -6.174  0.595   13.584  1.00 52.70 ? 255  LEU A CD1 1 
ATOM   905  C CD2 . LEU A 1 113 ? -6.135  0.057   11.123  1.00 53.67 ? 255  LEU A CD2 1 
ATOM   906  N N   . TYR A 1 114 ? -11.242 1.927   11.425  1.00 53.95 ? 256  TYR A N   1 
ATOM   907  C CA  . TYR A 1 114 ? -12.688 1.766   11.467  1.00 54.62 ? 256  TYR A CA  1 
ATOM   908  C C   . TYR A 1 114 ? -13.235 1.429   10.081  1.00 54.72 ? 256  TYR A C   1 
ATOM   909  O O   . TYR A 1 114 ? -14.047 0.528   9.957   1.00 54.56 ? 256  TYR A O   1 
ATOM   910  C CB  . TYR A 1 114 ? -13.375 3.005   12.050  1.00 55.27 ? 256  TYR A CB  1 
ATOM   911  C CG  . TYR A 1 114 ? -14.861 2.827   12.235  1.00 56.28 ? 256  TYR A CG  1 
ATOM   912  C CD1 . TYR A 1 114 ? -15.378 2.229   13.382  1.00 56.88 ? 256  TYR A CD1 1 
ATOM   913  C CD2 . TYR A 1 114 ? -15.756 3.235   11.242  1.00 58.12 ? 256  TYR A CD2 1 
ATOM   914  C CE1 . TYR A 1 114 ? -16.757 2.055   13.540  1.00 57.39 ? 256  TYR A CE1 1 
ATOM   915  C CE2 . TYR A 1 114 ? -17.125 3.077   11.393  1.00 57.11 ? 256  TYR A CE2 1 
ATOM   916  C CZ  . TYR A 1 114 ? -17.616 2.486   12.536  1.00 56.91 ? 256  TYR A CZ  1 
ATOM   917  O OH  . TYR A 1 114 ? -18.969 2.328   12.662  1.00 56.38 ? 256  TYR A OH  1 
ATOM   918  N N   . PHE A 1 115 ? -12.755 2.119   9.047   1.00 54.59 ? 257  PHE A N   1 
ATOM   919  C CA  . PHE A 1 115 ? -13.252 1.899   7.693   1.00 54.97 ? 257  PHE A CA  1 
ATOM   920  C C   . PHE A 1 115 ? -12.866 0.541   7.116   1.00 55.71 ? 257  PHE A C   1 
ATOM   921  O O   . PHE A 1 115 ? -13.668 -0.103  6.443   1.00 55.52 ? 257  PHE A O   1 
ATOM   922  C CB  . PHE A 1 115 ? -12.812 3.005   6.745   1.00 54.10 ? 257  PHE A CB  1 
ATOM   923  C CG  . PHE A 1 115 ? -13.055 2.681   5.285   1.00 54.52 ? 257  PHE A CG  1 
ATOM   924  C CD1 . PHE A 1 115 ? -14.307 2.896   4.710   1.00 52.51 ? 257  PHE A CD1 1 
ATOM   925  C CD2 . PHE A 1 115 ? -12.026 2.164   4.487   1.00 51.80 ? 257  PHE A CD2 1 
ATOM   926  C CE1 . PHE A 1 115 ? -14.532 2.604   3.378   1.00 52.08 ? 257  PHE A CE1 1 
ATOM   927  C CE2 . PHE A 1 115 ? -12.250 1.861   3.167   1.00 51.34 ? 257  PHE A CE2 1 
ATOM   928  C CZ  . PHE A 1 115 ? -13.502 2.087   2.603   1.00 52.83 ? 257  PHE A CZ  1 
ATOM   929  N N   . LEU A 1 116 ? -11.628 0.123   7.351   1.00 56.85 ? 258  LEU A N   1 
ATOM   930  C CA  . LEU A 1 116 ? -11.184 -1.199  6.909   1.00 57.57 ? 258  LEU A CA  1 
ATOM   931  C C   . LEU A 1 116 ? -11.896 -2.318  7.681   1.00 58.34 ? 258  LEU A C   1 
ATOM   932  O O   . LEU A 1 116 ? -12.161 -3.381  7.136   1.00 58.42 ? 258  LEU A O   1 
ATOM   933  C CB  . LEU A 1 116 ? -9.675  -1.319  7.049   1.00 56.90 ? 258  LEU A CB  1 
ATOM   934  C CG  . LEU A 1 116 ? -8.837  -0.297  6.280   1.00 56.20 ? 258  LEU A CG  1 
ATOM   935  C CD1 . LEU A 1 116 ? -7.404  -0.360  6.757   1.00 54.41 ? 258  LEU A CD1 1 
ATOM   936  C CD2 . LEU A 1 116 ? -8.933  -0.499  4.762   1.00 52.35 ? 258  LEU A CD2 1 
ATOM   937  N N   . ASN A 1 117 ? -12.210 -2.058  8.942   1.00 59.72 ? 259  ASN A N   1 
ATOM   938  C CA  . ASN A 1 117 ? -12.958 -3.002  9.770   1.00 61.44 ? 259  ASN A CA  1 
ATOM   939  C C   . ASN A 1 117 ? -14.360 -3.234  9.221   1.00 61.94 ? 259  ASN A C   1 
ATOM   940  O O   . ASN A 1 117 ? -14.799 -4.375  9.071   1.00 61.83 ? 259  ASN A O   1 
ATOM   941  C CB  . ASN A 1 117 ? -13.038 -2.506  11.208  1.00 61.58 ? 259  ASN A CB  1 
ATOM   942  C CG  . ASN A 1 117 ? -11.997 -3.151  12.111  1.00 64.01 ? 259  ASN A CG  1 
ATOM   943  O OD1 . ASN A 1 117 ? -12.086 -4.346  12.434  1.00 66.48 ? 259  ASN A OD1 1 
ATOM   944  N ND2 . ASN A 1 117 ? -11.028 -2.356  12.557  1.00 65.01 ? 259  ASN A ND2 1 
ATOM   945  N N   . GLU A 1 118 ? -15.044 -2.139  8.901   1.00 62.86 ? 260  GLU A N   1 
ATOM   946  C CA  . GLU A 1 118 ? -16.392 -2.206  8.368   1.00 63.99 ? 260  GLU A CA  1 
ATOM   947  C C   . GLU A 1 118 ? -16.406 -2.823  6.965   1.00 64.39 ? 260  GLU A C   1 
ATOM   948  O O   . GLU A 1 118 ? -17.466 -3.180  6.453   1.00 64.77 ? 260  GLU A O   1 
ATOM   949  C CB  . GLU A 1 118 ? -17.062 -0.819  8.363   1.00 63.98 ? 260  GLU A CB  1 
ATOM   950  C CG  . GLU A 1 118 ? -16.912 0.026   9.645   1.00 65.40 ? 260  GLU A CG  1 
ATOM   951  C CD  . GLU A 1 118 ? -17.154 -0.726  10.961  1.00 68.10 ? 260  GLU A CD  1 
ATOM   952  O OE1 . GLU A 1 118 ? -18.265 -1.275  11.179  1.00 66.79 ? 260  GLU A OE1 1 
ATOM   953  O OE2 . GLU A 1 118 ? -16.224 -0.730  11.805  1.00 69.64 ? 260  GLU A OE2 1 
ATOM   954  N N   . ASN A 1 119 ? -15.229 -2.957  6.357   1.00 64.92 ? 261  ASN A N   1 
ATOM   955  C CA  . ASN A 1 119 ? -15.106 -3.537  5.026   1.00 65.14 ? 261  ASN A CA  1 
ATOM   956  C C   . ASN A 1 119 ? -14.193 -4.766  4.961   1.00 65.38 ? 261  ASN A C   1 
ATOM   957  O O   . ASN A 1 119 ? -13.606 -5.068  3.907   1.00 64.63 ? 261  ASN A O   1 
ATOM   958  C CB  . ASN A 1 119 ? -14.653 -2.465  4.027   1.00 65.49 ? 261  ASN A CB  1 
ATOM   959  C CG  . ASN A 1 119 ? -15.709 -1.397  3.799   1.00 65.85 ? 261  ASN A CG  1 
ATOM   960  O OD1 . ASN A 1 119 ? -16.764 -1.657  3.215   1.00 66.03 ? 261  ASN A OD1 1 
ATOM   961  N ND2 . ASN A 1 119 ? -15.431 -0.187  4.266   1.00 65.62 ? 261  ASN A ND2 1 
ATOM   962  N N   . GLU A 1 120 ? -14.107 -5.488  6.078   1.00 65.96 ? 262  GLU A N   1 
ATOM   963  C CA  . GLU A 1 120 ? -13.220 -6.652  6.203   1.00 67.46 ? 262  GLU A CA  1 
ATOM   964  C C   . GLU A 1 120 ? -13.372 -7.708  5.090   1.00 67.52 ? 262  GLU A C   1 
ATOM   965  O O   . GLU A 1 120 ? -12.373 -8.235  4.567   1.00 67.71 ? 262  GLU A O   1 
ATOM   966  C CB  . GLU A 1 120 ? -13.346 -7.285  7.595   1.00 67.35 ? 262  GLU A CB  1 
ATOM   967  C CG  . GLU A 1 120 ? -14.630 -8.076  7.855   1.00 68.84 ? 262  GLU A CG  1 
ATOM   968  C CD  . GLU A 1 120 ? -14.642 -8.735  9.228   1.00 69.40 ? 262  GLU A CD  1 
ATOM   969  O OE1 . GLU A 1 120 ? -13.777 -8.388  10.069  1.00 73.23 ? 262  GLU A OE1 1 
ATOM   970  O OE2 . GLU A 1 120 ? -15.518 -9.594  9.474   1.00 71.23 ? 262  GLU A OE2 1 
ATOM   971  N N   . SER A 1 121 ? -14.622 -7.969  4.708   1.00 67.61 ? 263  SER A N   1 
ATOM   972  C CA  . SER A 1 121 ? -14.971 -9.005  3.737   1.00 67.90 ? 263  SER A CA  1 
ATOM   973  C C   . SER A 1 121 ? -14.704 -8.574  2.293   1.00 67.91 ? 263  SER A C   1 
ATOM   974  O O   . SER A 1 121 ? -14.726 -9.399  1.372   1.00 68.08 ? 263  SER A O   1 
ATOM   975  C CB  . SER A 1 121 ? -16.444 -9.360  3.893   1.00 68.04 ? 263  SER A CB  1 
ATOM   976  O OG  . SER A 1 121 ? -17.237 -8.207  3.672   1.00 68.80 ? 263  SER A OG  1 
ATOM   977  N N   . ILE A 1 122 ? -14.469 -7.278  2.107   1.00 67.36 ? 264  ILE A N   1 
ATOM   978  C CA  . ILE A 1 122 ? -14.236 -6.699  0.795   1.00 66.93 ? 264  ILE A CA  1 
ATOM   979  C C   . ILE A 1 122 ? -12.726 -6.481  0.617   1.00 66.07 ? 264  ILE A C   1 
ATOM   980  O O   . ILE A 1 122 ? -12.265 -6.085  -0.461  1.00 66.13 ? 264  ILE A O   1 
ATOM   981  C CB  . ILE A 1 122 ? -15.044 -5.373  0.637   1.00 67.18 ? 264  ILE A CB  1 
ATOM   982  C CG1 . ILE A 1 122 ? -16.535 -5.638  0.838   1.00 68.39 ? 264  ILE A CG1 1 
ATOM   983  C CG2 . ILE A 1 122 ? -14.832 -4.737  -0.733  1.00 67.52 ? 264  ILE A CG2 1 
ATOM   984  C CD1 . ILE A 1 122 ? -17.247 -4.607  1.706   1.00 69.91 ? 264  ILE A CD1 1 
ATOM   985  N N   . GLY A 1 123 ? -11.964 -6.763  1.674   1.00 64.93 ? 265  GLY A N   1 
ATOM   986  C CA  . GLY A 1 123 ? -10.509 -6.591  1.651   1.00 63.60 ? 265  GLY A CA  1 
ATOM   987  C C   . GLY A 1 123 ? -9.932  -5.752  2.780   1.00 62.42 ? 265  GLY A C   1 
ATOM   988  O O   . GLY A 1 123 ? -8.726  -5.560  2.856   1.00 62.24 ? 265  GLY A O   1 
ATOM   989  N N   . GLY A 1 124 ? -10.798 -5.248  3.650   1.00 61.66 ? 266  GLY A N   1 
ATOM   990  C CA  . GLY A 1 124 ? -10.376 -4.544  4.855   1.00 60.76 ? 266  GLY A CA  1 
ATOM   991  C C   . GLY A 1 124 ? -9.315  -5.271  5.672   1.00 60.05 ? 266  GLY A C   1 
ATOM   992  O O   . GLY A 1 124 ? -8.311  -4.659  6.048   1.00 59.39 ? 266  GLY A O   1 
ATOM   993  N N   . SER A 1 125 ? -9.544  -6.564  5.935   1.00 59.32 ? 267  SER A N   1 
ATOM   994  C CA  . SER A 1 125 ? -8.628  -7.423  6.715   1.00 58.88 ? 267  SER A CA  1 
ATOM   995  C C   . SER A 1 125 ? -7.200  -7.462  6.146   1.00 58.30 ? 267  SER A C   1 
ATOM   996  O O   . SER A 1 125 ? -6.211  -7.381  6.882   1.00 57.89 ? 267  SER A O   1 
ATOM   997  C CB  . SER A 1 125 ? -9.162  -8.857  6.777   1.00 59.38 ? 267  SER A CB  1 
ATOM   998  O OG  . SER A 1 125 ? -10.565 -8.915  7.001   1.00 60.98 ? 267  SER A OG  1 
ATOM   999  N N   . LEU A 1 126 ? -7.116  -7.600  4.831   1.00 57.29 ? 268  LEU A N   1 
ATOM   1000 C CA  . LEU A 1 126 ? -5.861  -7.633  4.105   1.00 57.01 ? 268  LEU A CA  1 
ATOM   1001 C C   . LEU A 1 126 ? -5.049  -6.350  4.320   1.00 55.99 ? 268  LEU A C   1 
ATOM   1002 O O   . LEU A 1 126 ? -3.839  -6.396  4.521   1.00 56.43 ? 268  LEU A O   1 
ATOM   1003 C CB  . LEU A 1 126 ? -6.158  -7.839  2.608   1.00 57.06 ? 268  LEU A CB  1 
ATOM   1004 C CG  . LEU A 1 126 ? -5.047  -7.662  1.569   1.00 58.22 ? 268  LEU A CG  1 
ATOM   1005 C CD1 . LEU A 1 126 ? -4.046  -8.795  1.656   1.00 60.40 ? 268  LEU A CD1 1 
ATOM   1006 C CD2 . LEU A 1 126 ? -5.640  -7.574  0.165   1.00 58.04 ? 268  LEU A CD2 1 
ATOM   1007 N N   . ILE A 1 127 ? -5.722  -5.208  4.270   1.00 54.65 ? 269  ILE A N   1 
ATOM   1008 C CA  . ILE A 1 127 ? -5.071  -3.924  4.465   1.00 53.85 ? 269  ILE A CA  1 
ATOM   1009 C C   . ILE A 1 127 ? -4.608  -3.745  5.905   1.00 53.28 ? 269  ILE A C   1 
ATOM   1010 O O   . ILE A 1 127 ? -3.473  -3.344  6.135   1.00 53.42 ? 269  ILE A O   1 
ATOM   1011 C CB  . ILE A 1 127 ? -5.967  -2.750  4.042   1.00 53.53 ? 269  ILE A CB  1 
ATOM   1012 C CG1 . ILE A 1 127 ? -6.678  -3.052  2.715   1.00 54.40 ? 269  ILE A CG1 1 
ATOM   1013 C CG2 . ILE A 1 127 ? -5.175  -1.442  4.011   1.00 53.59 ? 269  ILE A CG2 1 
ATOM   1014 C CD1 . ILE A 1 127 ? -5.884  -2.808  1.438   1.00 54.42 ? 269  ILE A CD1 1 
ATOM   1015 N N   . ILE A 1 128 ? -5.476  -4.065  6.865   1.00 53.00 ? 270  ILE A N   1 
ATOM   1016 C CA  . ILE A 1 128 ? -5.127  -3.984  8.275   1.00 52.66 ? 270  ILE A CA  1 
ATOM   1017 C C   . ILE A 1 128 ? -3.885  -4.833  8.580   1.00 52.77 ? 270  ILE A C   1 
ATOM   1018 O O   . ILE A 1 128 ? -3.019  -4.430  9.364   1.00 52.39 ? 270  ILE A O   1 
ATOM   1019 C CB  . ILE A 1 128 ? -6.304  -4.429  9.170   1.00 53.06 ? 270  ILE A CB  1 
ATOM   1020 C CG1 . ILE A 1 128 ? -7.484  -3.448  9.048   1.00 52.87 ? 270  ILE A CG1 1 
ATOM   1021 C CG2 . ILE A 1 128 ? -5.860  -4.564  10.610  1.00 51.89 ? 270  ILE A CG2 1 
ATOM   1022 C CD1 . ILE A 1 128 ? -8.782  -3.991  9.656   1.00 52.98 ? 270  ILE A CD1 1 
ATOM   1023 N N   . SER A 1 129 ? -3.810  -5.999  7.942   1.00 52.81 ? 271  SER A N   1 
ATOM   1024 C CA  . SER A 1 129 ? -2.688  -6.919  8.099   1.00 53.23 ? 271  SER A CA  1 
ATOM   1025 C C   . SER A 1 129 ? -1.362  -6.344  7.571   1.00 52.85 ? 271  SER A C   1 
ATOM   1026 O O   . SER A 1 129 ? -0.312  -6.558  8.174   1.00 53.05 ? 271  SER A O   1 
ATOM   1027 C CB  . SER A 1 129 ? -3.011  -8.256  7.427   1.00 53.54 ? 271  SER A CB  1 
ATOM   1028 O OG  . SER A 1 129 ? -1.847  -9.049  7.334   1.00 55.38 ? 271  SER A OG  1 
ATOM   1029 N N   . VAL A 1 130 ? -1.432  -5.605  6.460   1.00 52.35 ? 272  VAL A N   1 
ATOM   1030 C CA  . VAL A 1 130 ? -0.285  -4.922  5.889   1.00 51.54 ? 272  VAL A CA  1 
ATOM   1031 C C   . VAL A 1 130 ? 0.186   -3.757  6.763   1.00 51.22 ? 272  VAL A C   1 
ATOM   1032 O O   . VAL A 1 130 ? 1.379   -3.575  6.927   1.00 51.14 ? 272  VAL A O   1 
ATOM   1033 C CB  . VAL A 1 130 ? -0.562  -4.444  4.441   1.00 51.71 ? 272  VAL A CB  1 
ATOM   1034 C CG1 . VAL A 1 130 ? 0.591   -3.619  3.901   1.00 51.39 ? 272  VAL A CG1 1 
ATOM   1035 C CG2 . VAL A 1 130 ? -0.803  -5.628  3.530   1.00 52.02 ? 272  VAL A CG2 1 
ATOM   1036 N N   . ILE A 1 131 ? -0.753  -2.989  7.318   1.00 50.87 ? 273  ILE A N   1 
ATOM   1037 C CA  . ILE A 1 131 ? -0.469  -1.889  8.246   1.00 50.28 ? 273  ILE A CA  1 
ATOM   1038 C C   . ILE A 1 131 ? 0.092   -2.395  9.592   1.00 50.38 ? 273  ILE A C   1 
ATOM   1039 O O   . ILE A 1 131 ? 1.021   -1.802  10.165  1.00 50.29 ? 273  ILE A O   1 
ATOM   1040 C CB  . ILE A 1 131 ? -1.774  -1.096  8.558   1.00 50.44 ? 273  ILE A CB  1 
ATOM   1041 C CG1 . ILE A 1 131 ? -2.381  -0.495  7.293   1.00 50.28 ? 273  ILE A CG1 1 
ATOM   1042 C CG2 . ILE A 1 131 ? -1.551  -0.018  9.626   1.00 49.86 ? 273  ILE A CG2 1 
ATOM   1043 C CD1 . ILE A 1 131 ? -3.736  0.129   7.560   1.00 50.23 ? 273  ILE A CD1 1 
ATOM   1044 N N   . ASN A 1 132 ? -0.497  -3.471  10.100  1.00 49.61 ? 274  ASN A N   1 
ATOM   1045 C CA  . ASN A 1 132 ? -0.062  -4.077  11.341  1.00 49.43 ? 274  ASN A CA  1 
ATOM   1046 C C   . ASN A 1 132 ? 1.352   -4.647  11.267  1.00 49.99 ? 274  ASN A C   1 
ATOM   1047 O O   . ASN A 1 132 ? 2.077   -4.621  12.262  1.00 49.56 ? 274  ASN A O   1 
ATOM   1048 C CB  . ASN A 1 132 ? -1.069  -5.145  11.803  1.00 49.30 ? 274  ASN A CB  1 
ATOM   1049 C CG  . ASN A 1 132 ? -0.724  -5.734  13.153  1.00 48.42 ? 274  ASN A CG  1 
ATOM   1050 O OD1 . ASN A 1 132 ? -0.815  -5.064  14.175  1.00 47.73 ? 274  ASN A OD1 1 
ATOM   1051 N ND2 . ASN A 1 132 ? -0.342  -7.001  13.164  1.00 47.68 ? 274  ASN A ND2 1 
ATOM   1052 N N   . GLN A 1 133 ? 1.770   -5.148  10.102  1.00 50.72 ? 275  GLN A N   1 
ATOM   1053 C CA  . GLN A 1 133 ? 3.082   -5.796  10.071  1.00 51.33 ? 275  GLN A CA  1 
ATOM   1054 C C   . GLN A 1 133 ? 4.162   -5.082  9.267   1.00 51.31 ? 275  GLN A C   1 
ATOM   1055 O O   . GLN A 1 133 ? 5.348   -5.350  9.472   1.00 51.32 ? 275  GLN A O   1 
ATOM   1056 C CB  . GLN A 1 133 ? 2.989   -7.294  9.718   1.00 51.54 ? 275  GLN A CB  1 
ATOM   1057 C CG  . GLN A 1 133 ? 3.174   -7.659  8.257   1.00 51.73 ? 275  GLN A CG  1 
ATOM   1058 C CD  . GLN A 1 133 ? 3.419   -9.154  8.069   1.00 51.52 ? 275  GLN A CD  1 
ATOM   1059 O OE1 . GLN A 1 133 ? 4.425   -9.690  8.525   1.00 52.68 ? 275  GLN A OE1 1 
ATOM   1060 N NE2 . GLN A 1 133 ? 2.488   -9.831  7.410   1.00 50.91 ? 275  GLN A NE2 1 
ATOM   1061 N N   . HIS A 1 134 ? 3.763   -4.155  8.396   1.00 51.16 ? 276  HIS A N   1 
ATOM   1062 C CA  . HIS A 1 134 ? 4.731   -3.480  7.512   1.00 51.06 ? 276  HIS A CA  1 
ATOM   1063 C C   . HIS A 1 134 ? 4.923   -1.996  7.767   1.00 51.45 ? 276  HIS A C   1 
ATOM   1064 O O   . HIS A 1 134 ? 5.904   -1.407  7.301   1.00 51.59 ? 276  HIS A O   1 
ATOM   1065 C CB  . HIS A 1 134 ? 4.393   -3.730  6.047   1.00 50.19 ? 276  HIS A CB  1 
ATOM   1066 C CG  . HIS A 1 134 ? 4.588   -5.150  5.635   1.00 49.80 ? 276  HIS A CG  1 
ATOM   1067 N ND1 . HIS A 1 134 ? 5.796   -5.801  5.767   1.00 50.42 ? 276  HIS A ND1 1 
ATOM   1068 C CD2 . HIS A 1 134 ? 3.729   -6.057  5.120   1.00 49.88 ? 276  HIS A CD2 1 
ATOM   1069 C CE1 . HIS A 1 134 ? 5.675   -7.043  5.335   1.00 50.39 ? 276  HIS A CE1 1 
ATOM   1070 N NE2 . HIS A 1 134 ? 4.431   -7.224  4.936   1.00 49.94 ? 276  HIS A NE2 1 
ATOM   1071 N N   . LEU A 1 135 ? 3.991   -1.405  8.507   1.00 52.06 ? 277  LEU A N   1 
ATOM   1072 C CA  . LEU A 1 135 ? 4.033   0.018   8.826   1.00 52.97 ? 277  LEU A CA  1 
ATOM   1073 C C   . LEU A 1 135 ? 4.348   0.268   10.298  1.00 53.58 ? 277  LEU A C   1 
ATOM   1074 O O   . LEU A 1 135 ? 3.878   -0.458  11.185  1.00 53.77 ? 277  LEU A O   1 
ATOM   1075 C CB  . LEU A 1 135 ? 2.718   0.707   8.438   1.00 52.64 ? 277  LEU A CB  1 
ATOM   1076 C CG  . LEU A 1 135 ? 2.612   1.322   7.035   1.00 53.12 ? 277  LEU A CG  1 
ATOM   1077 C CD1 . LEU A 1 135 ? 3.342   0.527   5.968   1.00 53.34 ? 277  LEU A CD1 1 
ATOM   1078 C CD2 . LEU A 1 135 ? 1.158   1.461   6.650   1.00 53.29 ? 277  LEU A CD2 1 
ATOM   1079 N N   . ASP A 1 136 ? 5.147   1.307   10.533  1.00 54.19 ? 278  ASP A N   1 
ATOM   1080 C CA  . ASP A 1 136 ? 5.537   1.725   11.872  1.00 54.76 ? 278  ASP A CA  1 
ATOM   1081 C C   . ASP A 1 136 ? 4.949   3.112   12.089  1.00 55.02 ? 278  ASP A C   1 
ATOM   1082 O O   . ASP A 1 136 ? 5.579   4.119   11.757  1.00 55.11 ? 278  ASP A O   1 
ATOM   1083 C CB  . ASP A 1 136 ? 7.062   1.753   11.991  1.00 54.79 ? 278  ASP A CB  1 
ATOM   1084 C CG  . ASP A 1 136 ? 7.546   1.960   13.418  1.00 55.61 ? 278  ASP A CG  1 
ATOM   1085 O OD1 . ASP A 1 136 ? 6.726   2.239   14.328  1.00 56.06 ? 278  ASP A OD1 1 
ATOM   1086 O OD2 . ASP A 1 136 ? 8.775   1.845   13.627  1.00 56.89 ? 278  ASP A OD2 1 
ATOM   1087 N N   . PRO A 1 137 ? 3.706   3.169   12.596  1.00 55.21 ? 279  PRO A N   1 
ATOM   1088 C CA  . PRO A 1 137 ? 3.038   4.441   12.803  1.00 55.30 ? 279  PRO A CA  1 
ATOM   1089 C C   . PRO A 1 137 ? 3.526   5.183   14.039  1.00 55.17 ? 279  PRO A C   1 
ATOM   1090 O O   . PRO A 1 137 ? 3.500   4.644   15.151  1.00 55.33 ? 279  PRO A O   1 
ATOM   1091 C CB  . PRO A 1 137 ? 1.560   4.038   12.948  1.00 55.28 ? 279  PRO A CB  1 
ATOM   1092 C CG  . PRO A 1 137 ? 1.504   2.589   12.506  1.00 55.43 ? 279  PRO A CG  1 
ATOM   1093 C CD  . PRO A 1 137 ? 2.817   2.053   12.942  1.00 55.13 ? 279  PRO A CD  1 
ATOM   1094 N N   . ASN A 1 138 ? 3.985   6.409   13.827  1.00 55.20 ? 280  ASN A N   1 
ATOM   1095 C CA  . ASN A 1 138 ? 4.250   7.317   14.922  1.00 55.53 ? 280  ASN A CA  1 
ATOM   1096 C C   . ASN A 1 138 ? 2.991   8.135   15.154  1.00 55.82 ? 280  ASN A C   1 
ATOM   1097 O O   . ASN A 1 138 ? 2.699   9.069   14.403  1.00 55.84 ? 280  ASN A O   1 
ATOM   1098 C CB  . ASN A 1 138 ? 5.451   8.221   14.623  1.00 55.39 ? 280  ASN A CB  1 
ATOM   1099 C CG  . ASN A 1 138 ? 5.613   9.330   15.654  1.00 55.26 ? 280  ASN A CG  1 
ATOM   1100 O OD1 . ASN A 1 138 ? 5.595   10.512  15.310  1.00 54.96 ? 280  ASN A OD1 1 
ATOM   1101 N ND2 . ASN A 1 138 ? 5.744   8.951   16.928  1.00 54.69 ? 280  ASN A ND2 1 
ATOM   1102 N N   . ILE A 1 139 ? 2.240   7.754   16.182  1.00 56.15 ? 281  ILE A N   1 
ATOM   1103 C CA  . ILE A 1 139 ? 0.928   8.335   16.453  1.00 56.70 ? 281  ILE A CA  1 
ATOM   1104 C C   . ILE A 1 139 ? 1.025   9.636   17.261  1.00 57.02 ? 281  ILE A C   1 
ATOM   1105 O O   . ILE A 1 139 ? 1.626   9.678   18.341  1.00 56.98 ? 281  ILE A O   1 
ATOM   1106 C CB  . ILE A 1 139 ? -0.003  7.299   17.125  1.00 56.89 ? 281  ILE A CB  1 
ATOM   1107 C CG1 . ILE A 1 139 ? -0.377  6.212   16.109  1.00 57.45 ? 281  ILE A CG1 1 
ATOM   1108 C CG2 . ILE A 1 139 ? -1.262  7.967   17.700  1.00 57.11 ? 281  ILE A CG2 1 
ATOM   1109 C CD1 . ILE A 1 139 ? -0.642  4.854   16.723  1.00 59.11 ? 281  ILE A CD1 1 
ATOM   1110 N N   . VAL A 1 140 ? 0.442   10.695  16.701  1.00 57.34 ? 282  VAL A N   1 
ATOM   1111 C CA  . VAL A 1 140 ? 0.457   12.029  17.288  1.00 57.38 ? 282  VAL A CA  1 
ATOM   1112 C C   . VAL A 1 140 ? -0.981  12.525  17.372  1.00 57.36 ? 282  VAL A C   1 
ATOM   1113 O O   . VAL A 1 140 ? -1.364  13.193  18.335  1.00 57.88 ? 282  VAL A O   1 
ATOM   1114 C CB  . VAL A 1 140 ? 1.299   13.017  16.436  1.00 57.43 ? 282  VAL A CB  1 
ATOM   1115 C CG1 . VAL A 1 140 ? 1.378   14.390  17.103  1.00 57.69 ? 282  VAL A CG1 1 
ATOM   1116 C CG2 . VAL A 1 140 ? 2.705   12.472  16.190  1.00 57.62 ? 282  VAL A CG2 1 
HETATM 1117 O O   . HOH B 2 .   ? -2.891  -12.396 0.372   1.00 50.68 ? 2001 HOH A O   1 
HETATM 1118 O O   . HOH B 2 .   ? -14.709 2.996   -1.032  1.00 55.45 ? 2002 HOH A O   1 
HETATM 1119 O O   . HOH B 2 .   ? -5.343  8.497   -2.569  1.00 49.61 ? 2003 HOH A O   1 
HETATM 1120 O O   . HOH B 2 .   ? -15.247 15.530  2.018   1.00 42.95 ? 2004 HOH A O   1 
HETATM 1121 O O   . HOH B 2 .   ? 4.203   8.288   2.208   1.00 41.54 ? 2005 HOH A O   1 
HETATM 1122 O O   . HOH B 2 .   ? 4.724   -7.160  1.557   1.00 34.53 ? 2006 HOH A O   1 
HETATM 1123 O O   . HOH B 2 .   ? 5.400   -15.951 -7.769  1.00 65.18 ? 2007 HOH A O   1 
HETATM 1124 O O   . HOH B 2 .   ? 1.154   -15.402 -12.539 1.00 56.34 ? 2008 HOH A O   1 
HETATM 1125 O O   . HOH B 2 .   ? -0.520  -8.861  -16.136 1.00 42.71 ? 2009 HOH A O   1 
HETATM 1126 O O   . HOH B 2 .   ? 5.902   -11.152 -14.817 1.00 54.84 ? 2010 HOH A O   1 
HETATM 1127 O O   . HOH B 2 .   ? -5.642  -11.796 -14.348 1.00 62.59 ? 2011 HOH A O   1 
HETATM 1128 O O   . HOH B 2 .   ? -3.544  -2.466  -14.747 1.00 35.23 ? 2012 HOH A O   1 
HETATM 1129 O O   . HOH B 2 .   ? 0.072   -4.777  -16.709 1.00 37.26 ? 2013 HOH A O   1 
HETATM 1130 O O   . HOH B 2 .   ? 0.759   2.363   -15.746 1.00 42.44 ? 2014 HOH A O   1 
HETATM 1131 O O   . HOH B 2 .   ? -3.800  -0.218  -15.756 1.00 42.93 ? 2015 HOH A O   1 
HETATM 1132 O O   . HOH B 2 .   ? -7.527  3.371   -10.795 1.00 44.94 ? 2016 HOH A O   1 
HETATM 1133 O O   . HOH B 2 .   ? -17.059 2.866   0.638   1.00 52.63 ? 2017 HOH A O   1 
HETATM 1134 O O   . HOH B 2 .   ? -4.613  5.352   -10.695 1.00 43.57 ? 2018 HOH A O   1 
HETATM 1135 O O   . HOH B 2 .   ? -3.295  4.561   -5.543  1.00 45.81 ? 2019 HOH A O   1 
HETATM 1136 O O   . HOH B 2 .   ? -2.573  8.469   -3.399  1.00 39.59 ? 2020 HOH A O   1 
HETATM 1137 O O   . HOH B 2 .   ? 3.973   9.492   -0.062  1.00 43.64 ? 2021 HOH A O   1 
HETATM 1138 O O   . HOH B 2 .   ? 10.288  5.274   0.195   1.00 49.09 ? 2022 HOH A O   1 
HETATM 1139 O O   . HOH B 2 .   ? 12.453  -1.588  -13.256 1.00 45.94 ? 2023 HOH A O   1 
HETATM 1140 O O   . HOH B 2 .   ? 7.544   7.216   -12.711 1.00 54.11 ? 2024 HOH A O   1 
HETATM 1141 O O   . HOH B 2 .   ? 6.407   -4.219  -11.710 1.00 37.15 ? 2025 HOH A O   1 
HETATM 1142 O O   . HOH B 2 .   ? 0.509   4.994   -16.724 1.00 50.05 ? 2026 HOH A O   1 
HETATM 1143 O O   . HOH B 2 .   ? 13.188  2.474   0.190   1.00 52.42 ? 2027 HOH A O   1 
HETATM 1144 O O   . HOH B 2 .   ? 12.073  2.961   2.679   1.00 52.43 ? 2028 HOH A O   1 
HETATM 1145 O O   . HOH B 2 .   ? 18.317  -1.381  -0.678  1.00 54.81 ? 2029 HOH A O   1 
HETATM 1146 O O   . HOH B 2 .   ? 10.880  0.390   4.776   1.00 53.78 ? 2030 HOH A O   1 
HETATM 1147 O O   . HOH B 2 .   ? 10.765  4.291   7.094   1.00 52.79 ? 2031 HOH A O   1 
HETATM 1148 O O   . HOH B 2 .   ? -1.414  -10.283 9.696   1.00 44.20 ? 2032 HOH A O   1 
HETATM 1149 O O   . HOH B 2 .   ? -0.166  -8.215  10.306  1.00 32.05 ? 2033 HOH A O   1 
HETATM 1150 O O   . HOH B 2 .   ? 4.042   -6.497  13.434  1.00 41.81 ? 2034 HOH A O   1 
HETATM 1151 O O   . HOH B 2 .   ? 2.082   -1.882  13.054  1.00 47.68 ? 2035 HOH A O   1 
HETATM 1152 O O   . HOH B 2 .   ? 0.808   -8.376  5.334   1.00 44.15 ? 2036 HOH A O   1 
HETATM 1153 O O   . HOH B 2 .   ? 8.290   -4.121  6.483   1.00 45.52 ? 2037 HOH A O   1 
# 
